data_3SUJ
# 
_entry.id   3SUJ 
# 
_audit_conform.dict_name       mmcif_pdbx.dic 
_audit_conform.dict_version    5.398 
_audit_conform.dict_location   http://mmcif.pdb.org/dictionaries/ascii/mmcif_pdbx.dic 
# 
loop_
_database_2.database_id 
_database_2.database_code 
_database_2.pdbx_database_accession 
_database_2.pdbx_DOI 
PDB   3SUJ         pdb_00003suj 10.2210/pdb3suj/pdb 
RCSB  RCSB066668   ?            ?                   
WWPDB D_1000066668 ?            ?                   
# 
loop_
_pdbx_audit_revision_history.ordinal 
_pdbx_audit_revision_history.data_content_type 
_pdbx_audit_revision_history.major_revision 
_pdbx_audit_revision_history.minor_revision 
_pdbx_audit_revision_history.revision_date 
1 'Structure model' 1 0 2012-07-11 
2 'Structure model' 1 1 2017-11-08 
3 'Structure model' 1 2 2019-02-06 
4 'Structure model' 1 3 2024-11-06 
# 
_pdbx_audit_revision_details.ordinal             1 
_pdbx_audit_revision_details.revision_ordinal    1 
_pdbx_audit_revision_details.data_content_type   'Structure model' 
_pdbx_audit_revision_details.provider            repository 
_pdbx_audit_revision_details.type                'Initial release' 
_pdbx_audit_revision_details.description         ? 
_pdbx_audit_revision_details.details             ? 
# 
loop_
_pdbx_audit_revision_group.ordinal 
_pdbx_audit_revision_group.revision_ordinal 
_pdbx_audit_revision_group.data_content_type 
_pdbx_audit_revision_group.group 
1 2 'Structure model' 'Refinement description' 
2 3 'Structure model' 'Data collection'        
3 3 'Structure model' 'Database references'    
4 4 'Structure model' 'Data collection'        
5 4 'Structure model' 'Database references'    
6 4 'Structure model' 'Derived calculations'   
7 4 'Structure model' 'Structure summary'      
# 
loop_
_pdbx_audit_revision_category.ordinal 
_pdbx_audit_revision_category.revision_ordinal 
_pdbx_audit_revision_category.data_content_type 
_pdbx_audit_revision_category.category 
1  2 'Structure model' software                  
2  3 'Structure model' citation                  
3  3 'Structure model' citation_author           
4  4 'Structure model' chem_comp_atom            
5  4 'Structure model' chem_comp_bond            
6  4 'Structure model' database_2                
7  4 'Structure model' pdbx_entry_details        
8  4 'Structure model' pdbx_modification_feature 
9  4 'Structure model' pdbx_struct_conn_angle    
10 4 'Structure model' struct_conn               
11 4 'Structure model' struct_ref_seq_dif        
12 4 'Structure model' struct_site               
# 
loop_
_pdbx_audit_revision_item.ordinal 
_pdbx_audit_revision_item.revision_ordinal 
_pdbx_audit_revision_item.data_content_type 
_pdbx_audit_revision_item.item 
1  2 'Structure model' '_software.name'                              
2  3 'Structure model' '_citation.country'                           
3  3 'Structure model' '_citation.journal_abbrev'                    
4  3 'Structure model' '_citation.journal_id_CSD'                    
5  3 'Structure model' '_citation.journal_id_ISSN'                   
6  3 'Structure model' '_citation.journal_volume'                    
7  3 'Structure model' '_citation.page_first'                        
8  3 'Structure model' '_citation.page_last'                         
9  3 'Structure model' '_citation.pdbx_database_id_DOI'              
10 3 'Structure model' '_citation.pdbx_database_id_PubMed'           
11 3 'Structure model' '_citation.title'                             
12 3 'Structure model' '_citation.year'                              
13 4 'Structure model' '_database_2.pdbx_DOI'                        
14 4 'Structure model' '_database_2.pdbx_database_accession'         
15 4 'Structure model' '_pdbx_struct_conn_angle.ptnr1_auth_comp_id'  
16 4 'Structure model' '_pdbx_struct_conn_angle.ptnr1_auth_seq_id'   
17 4 'Structure model' '_pdbx_struct_conn_angle.ptnr1_label_asym_id' 
18 4 'Structure model' '_pdbx_struct_conn_angle.ptnr1_label_atom_id' 
19 4 'Structure model' '_pdbx_struct_conn_angle.ptnr1_label_comp_id' 
20 4 'Structure model' '_pdbx_struct_conn_angle.ptnr1_label_seq_id'  
21 4 'Structure model' '_pdbx_struct_conn_angle.ptnr2_auth_comp_id'  
22 4 'Structure model' '_pdbx_struct_conn_angle.ptnr2_auth_seq_id'   
23 4 'Structure model' '_pdbx_struct_conn_angle.ptnr2_label_asym_id' 
24 4 'Structure model' '_pdbx_struct_conn_angle.ptnr2_label_atom_id' 
25 4 'Structure model' '_pdbx_struct_conn_angle.ptnr2_label_comp_id' 
26 4 'Structure model' '_pdbx_struct_conn_angle.ptnr3_auth_comp_id'  
27 4 'Structure model' '_pdbx_struct_conn_angle.ptnr3_auth_seq_id'   
28 4 'Structure model' '_pdbx_struct_conn_angle.ptnr3_label_asym_id' 
29 4 'Structure model' '_pdbx_struct_conn_angle.ptnr3_label_atom_id' 
30 4 'Structure model' '_pdbx_struct_conn_angle.ptnr3_label_comp_id' 
31 4 'Structure model' '_pdbx_struct_conn_angle.ptnr3_label_seq_id'  
32 4 'Structure model' '_pdbx_struct_conn_angle.value'               
33 4 'Structure model' '_struct_conn.pdbx_dist_value'                
34 4 'Structure model' '_struct_conn.pdbx_leaving_atom_flag'         
35 4 'Structure model' '_struct_conn.ptnr1_auth_comp_id'             
36 4 'Structure model' '_struct_conn.ptnr1_auth_seq_id'              
37 4 'Structure model' '_struct_conn.ptnr1_label_asym_id'            
38 4 'Structure model' '_struct_conn.ptnr1_label_atom_id'            
39 4 'Structure model' '_struct_conn.ptnr1_label_comp_id'            
40 4 'Structure model' '_struct_conn.ptnr1_label_seq_id'             
41 4 'Structure model' '_struct_conn.ptnr2_auth_comp_id'             
42 4 'Structure model' '_struct_conn.ptnr2_auth_seq_id'              
43 4 'Structure model' '_struct_conn.ptnr2_label_asym_id'            
44 4 'Structure model' '_struct_conn.ptnr2_label_atom_id'            
45 4 'Structure model' '_struct_conn.ptnr2_label_comp_id'            
46 4 'Structure model' '_struct_ref_seq_dif.details'                 
47 4 'Structure model' '_struct_site.pdbx_auth_asym_id'              
48 4 'Structure model' '_struct_site.pdbx_auth_comp_id'              
49 4 'Structure model' '_struct_site.pdbx_auth_seq_id'               
# 
_pdbx_database_status.status_code                     REL 
_pdbx_database_status.entry_id                        3SUJ 
_pdbx_database_status.recvd_initial_deposition_date   2011-07-11 
_pdbx_database_status.deposit_site                    RCSB 
_pdbx_database_status.process_site                    RCSB 
_pdbx_database_status.status_code_sf                  REL 
_pdbx_database_status.status_code_mr                  ? 
_pdbx_database_status.SG_entry                        ? 
_pdbx_database_status.status_code_cs                  ? 
_pdbx_database_status.methods_development_category    ? 
_pdbx_database_status.pdb_format_compatible           Y 
_pdbx_database_status.status_code_nmr_data            ? 
# 
loop_
_pdbx_database_related.db_name 
_pdbx_database_related.db_id 
_pdbx_database_related.details 
_pdbx_database_related.content_type 
PDB 3SUK 'Crystal structure of cerato-platanin 2 from M. perniciosa (MpCP2)' unspecified 
PDB 3SUL 'Crystal structure of cerato-platanin 3 from M. perniciosa (MpCP3)' unspecified 
PDB 3SUM 'Crystal structure of cerato-platanin 5 from M. perniciosa (MpCP5)' unspecified 
# 
loop_
_audit_author.name 
_audit_author.pdbx_ordinal 
'Oliveira, J.F.'     1 
'Barsottini, M.R.O.' 2 
'Zaparoli, G.'       3 
'Machado, L.O.'      4 
'Dias, S.M.G.'       5 
'Pereira, G.A.G.'    6 
'Ambrosio, A.L.B.'   7 
# 
_citation.id                        primary 
_citation.title                     
;Functional diversification of cerato-platanins in Moniliophthora perniciosa as seen by differential expression and protein function specialization.
;
_citation.journal_abbrev            'Mol. Plant Microbe Interact.' 
_citation.journal_volume            26 
_citation.page_first                1281 
_citation.page_last                 1293 
_citation.year                      2013 
_citation.journal_id_ASTM           ? 
_citation.country                   US 
_citation.journal_id_ISSN           0894-0282 
_citation.journal_id_CSD            ? 
_citation.book_publisher            ? 
_citation.pdbx_database_id_PubMed   23902259 
_citation.pdbx_database_id_DOI      10.1094/MPMI-05-13-0148-R 
# 
loop_
_citation_author.citation_id 
_citation_author.name 
_citation_author.ordinal 
_citation_author.identifier_ORCID 
primary 'de O Barsottini, M.R.' 1  ? 
primary 'de Oliveira, J.F.'     2  ? 
primary 'Adamoski, D.'          3  ? 
primary 'Teixeira, P.J.'        4  ? 
primary 'do Prado, P.F.'        5  ? 
primary 'Tiezzi, H.O.'          6  ? 
primary 'Sforca, M.L.'          7  ? 
primary 'Cassago, A.'           8  ? 
primary 'Portugal, R.V.'        9  ? 
primary 'de Oliveira, P.S.'     10 ? 
primary 'de M Zeri, A.C.'       11 ? 
primary 'Dias, S.M.'            12 ? 
primary 'Pereira, G.A.'         13 ? 
primary 'Ambrosio, A.L.'        14 ? 
# 
loop_
_entity.id 
_entity.type 
_entity.src_method 
_entity.pdbx_description 
_entity.formula_weight 
_entity.pdbx_number_of_molecules 
_entity.pdbx_ec 
_entity.pdbx_mutation 
_entity.pdbx_fragment 
_entity.details 
1 polymer     man 'Cerato-platanin 1' 13779.156 1   ? ? 'UNP residues 20-145' ? 
2 non-polymer syn 'ACETATE ION'       59.044    2   ? ? ?                     ? 
3 non-polymer syn 'ZINC ION'          65.409    3   ? ? ?                     ? 
4 non-polymer syn 'CHLORIDE ION'      35.453    1   ? ? ?                     ? 
5 non-polymer syn 'SODIUM ION'        22.990    1   ? ? ?                     ? 
6 water       nat water               18.015    157 ? ? ?                     ? 
# 
_entity_poly.entity_id                      1 
_entity_poly.type                           'polypeptide(L)' 
_entity_poly.nstd_linkage                   no 
_entity_poly.nstd_monomer                   yes 
_entity_poly.pdbx_seq_one_letter_code       
;SAVKLSYDEAYDNPSSSLLSVTCSDGENGLYPKYRTFGDLPGFP(CSO)IGGSSDIAGYNSPNCGSCYQLTYSSAHTTPK
SIYMVAIDRSAEGFTASKQAMDDLTNKRAEELGTVNVDVRKVDFSRCERKS
;
_entity_poly.pdbx_seq_one_letter_code_can   
;SAVKLSYDEAYDNPSSSLLSVTCSDGENGLYPKYRTFGDLPGFPCIGGSSDIAGYNSPNCGSCYQLTYSSAHTTPKSIYM
VAIDRSAEGFTASKQAMDDLTNKRAEELGTVNVDVRKVDFSRCERKS
;
_entity_poly.pdbx_strand_id                 A 
_entity_poly.pdbx_target_identifier         ? 
# 
loop_
_pdbx_entity_nonpoly.entity_id 
_pdbx_entity_nonpoly.name 
_pdbx_entity_nonpoly.comp_id 
2 'ACETATE ION'  ACT 
3 'ZINC ION'     ZN  
4 'CHLORIDE ION' CL  
5 'SODIUM ION'   NA  
6 water          HOH 
# 
loop_
_entity_poly_seq.entity_id 
_entity_poly_seq.num 
_entity_poly_seq.mon_id 
_entity_poly_seq.hetero 
1 1   SER n 
1 2   ALA n 
1 3   VAL n 
1 4   LYS n 
1 5   LEU n 
1 6   SER n 
1 7   TYR n 
1 8   ASP n 
1 9   GLU n 
1 10  ALA n 
1 11  TYR n 
1 12  ASP n 
1 13  ASN n 
1 14  PRO n 
1 15  SER n 
1 16  SER n 
1 17  SER n 
1 18  LEU n 
1 19  LEU n 
1 20  SER n 
1 21  VAL n 
1 22  THR n 
1 23  CYS n 
1 24  SER n 
1 25  ASP n 
1 26  GLY n 
1 27  GLU n 
1 28  ASN n 
1 29  GLY n 
1 30  LEU n 
1 31  TYR n 
1 32  PRO n 
1 33  LYS n 
1 34  TYR n 
1 35  ARG n 
1 36  THR n 
1 37  PHE n 
1 38  GLY n 
1 39  ASP n 
1 40  LEU n 
1 41  PRO n 
1 42  GLY n 
1 43  PHE n 
1 44  PRO n 
1 45  CSO n 
1 46  ILE n 
1 47  GLY n 
1 48  GLY n 
1 49  SER n 
1 50  SER n 
1 51  ASP n 
1 52  ILE n 
1 53  ALA n 
1 54  GLY n 
1 55  TYR n 
1 56  ASN n 
1 57  SER n 
1 58  PRO n 
1 59  ASN n 
1 60  CYS n 
1 61  GLY n 
1 62  SER n 
1 63  CYS n 
1 64  TYR n 
1 65  GLN n 
1 66  LEU n 
1 67  THR n 
1 68  TYR n 
1 69  SER n 
1 70  SER n 
1 71  ALA n 
1 72  HIS n 
1 73  THR n 
1 74  THR n 
1 75  PRO n 
1 76  LYS n 
1 77  SER n 
1 78  ILE n 
1 79  TYR n 
1 80  MET n 
1 81  VAL n 
1 82  ALA n 
1 83  ILE n 
1 84  ASP n 
1 85  ARG n 
1 86  SER n 
1 87  ALA n 
1 88  GLU n 
1 89  GLY n 
1 90  PHE n 
1 91  THR n 
1 92  ALA n 
1 93  SER n 
1 94  LYS n 
1 95  GLN n 
1 96  ALA n 
1 97  MET n 
1 98  ASP n 
1 99  ASP n 
1 100 LEU n 
1 101 THR n 
1 102 ASN n 
1 103 LYS n 
1 104 ARG n 
1 105 ALA n 
1 106 GLU n 
1 107 GLU n 
1 108 LEU n 
1 109 GLY n 
1 110 THR n 
1 111 VAL n 
1 112 ASN n 
1 113 VAL n 
1 114 ASP n 
1 115 VAL n 
1 116 ARG n 
1 117 LYS n 
1 118 VAL n 
1 119 ASP n 
1 120 PHE n 
1 121 SER n 
1 122 ARG n 
1 123 CYS n 
1 124 GLU n 
1 125 ARG n 
1 126 LYS n 
1 127 SER n 
# 
_entity_src_gen.entity_id                          1 
_entity_src_gen.pdbx_src_id                        1 
_entity_src_gen.pdbx_alt_source_flag               sample 
_entity_src_gen.pdbx_seq_type                      ? 
_entity_src_gen.pdbx_beg_seq_num                   ? 
_entity_src_gen.pdbx_end_seq_num                   ? 
_entity_src_gen.gene_src_common_name               
;Witches'-broom disease fungus
;
_entity_src_gen.gene_src_genus                     ? 
_entity_src_gen.pdbx_gene_src_gene                 Cp1 
_entity_src_gen.gene_src_species                   ? 
_entity_src_gen.gene_src_strain                    ? 
_entity_src_gen.gene_src_tissue                    ? 
_entity_src_gen.gene_src_tissue_fraction           ? 
_entity_src_gen.gene_src_details                   ? 
_entity_src_gen.pdbx_gene_src_fragment             ? 
_entity_src_gen.pdbx_gene_src_scientific_name      'Moniliophthora perniciosa' 
_entity_src_gen.pdbx_gene_src_ncbi_taxonomy_id     153609 
_entity_src_gen.pdbx_gene_src_variant              ? 
_entity_src_gen.pdbx_gene_src_cell_line            ? 
_entity_src_gen.pdbx_gene_src_atcc                 ? 
_entity_src_gen.pdbx_gene_src_organ                ? 
_entity_src_gen.pdbx_gene_src_organelle            ? 
_entity_src_gen.pdbx_gene_src_cell                 ? 
_entity_src_gen.pdbx_gene_src_cellular_location    ? 
_entity_src_gen.host_org_common_name               ? 
_entity_src_gen.pdbx_host_org_scientific_name      'Escherichia coli' 
_entity_src_gen.pdbx_host_org_ncbi_taxonomy_id     562 
_entity_src_gen.host_org_genus                     ? 
_entity_src_gen.pdbx_host_org_gene                 ? 
_entity_src_gen.pdbx_host_org_organ                ? 
_entity_src_gen.host_org_species                   ? 
_entity_src_gen.pdbx_host_org_tissue               ? 
_entity_src_gen.pdbx_host_org_tissue_fraction      ? 
_entity_src_gen.pdbx_host_org_strain               'ORIGAMI II' 
_entity_src_gen.pdbx_host_org_variant              ? 
_entity_src_gen.pdbx_host_org_cell_line            ? 
_entity_src_gen.pdbx_host_org_atcc                 ? 
_entity_src_gen.pdbx_host_org_culture_collection   ? 
_entity_src_gen.pdbx_host_org_cell                 ? 
_entity_src_gen.pdbx_host_org_organelle            ? 
_entity_src_gen.pdbx_host_org_cellular_location    ? 
_entity_src_gen.pdbx_host_org_vector_type          pETSUMO 
_entity_src_gen.pdbx_host_org_vector               ? 
_entity_src_gen.host_org_details                   ? 
_entity_src_gen.expression_system_id               ? 
_entity_src_gen.plasmid_name                       ? 
_entity_src_gen.plasmid_details                    ? 
_entity_src_gen.pdbx_description                   ? 
# 
loop_
_chem_comp.id 
_chem_comp.type 
_chem_comp.mon_nstd_flag 
_chem_comp.name 
_chem_comp.pdbx_synonyms 
_chem_comp.formula 
_chem_comp.formula_weight 
ACT non-polymer         . 'ACETATE ION'     ? 'C2 H3 O2 -1'    59.044  
ALA 'L-peptide linking' y ALANINE           ? 'C3 H7 N O2'     89.093  
ARG 'L-peptide linking' y ARGININE          ? 'C6 H15 N4 O2 1' 175.209 
ASN 'L-peptide linking' y ASPARAGINE        ? 'C4 H8 N2 O3'    132.118 
ASP 'L-peptide linking' y 'ASPARTIC ACID'   ? 'C4 H7 N O4'     133.103 
CL  non-polymer         . 'CHLORIDE ION'    ? 'Cl -1'          35.453  
CSO 'L-peptide linking' n S-HYDROXYCYSTEINE ? 'C3 H7 N O3 S'   137.158 
CYS 'L-peptide linking' y CYSTEINE          ? 'C3 H7 N O2 S'   121.158 
GLN 'L-peptide linking' y GLUTAMINE         ? 'C5 H10 N2 O3'   146.144 
GLU 'L-peptide linking' y 'GLUTAMIC ACID'   ? 'C5 H9 N O4'     147.129 
GLY 'peptide linking'   y GLYCINE           ? 'C2 H5 N O2'     75.067  
HIS 'L-peptide linking' y HISTIDINE         ? 'C6 H10 N3 O2 1' 156.162 
HOH non-polymer         . WATER             ? 'H2 O'           18.015  
ILE 'L-peptide linking' y ISOLEUCINE        ? 'C6 H13 N O2'    131.173 
LEU 'L-peptide linking' y LEUCINE           ? 'C6 H13 N O2'    131.173 
LYS 'L-peptide linking' y LYSINE            ? 'C6 H15 N2 O2 1' 147.195 
MET 'L-peptide linking' y METHIONINE        ? 'C5 H11 N O2 S'  149.211 
NA  non-polymer         . 'SODIUM ION'      ? 'Na 1'           22.990  
PHE 'L-peptide linking' y PHENYLALANINE     ? 'C9 H11 N O2'    165.189 
PRO 'L-peptide linking' y PROLINE           ? 'C5 H9 N O2'     115.130 
SER 'L-peptide linking' y SERINE            ? 'C3 H7 N O3'     105.093 
THR 'L-peptide linking' y THREONINE         ? 'C4 H9 N O3'     119.119 
TYR 'L-peptide linking' y TYROSINE          ? 'C9 H11 N O3'    181.189 
VAL 'L-peptide linking' y VALINE            ? 'C5 H11 N O2'    117.146 
ZN  non-polymer         . 'ZINC ION'        ? 'Zn 2'           65.409  
# 
loop_
_pdbx_poly_seq_scheme.asym_id 
_pdbx_poly_seq_scheme.entity_id 
_pdbx_poly_seq_scheme.seq_id 
_pdbx_poly_seq_scheme.mon_id 
_pdbx_poly_seq_scheme.ndb_seq_num 
_pdbx_poly_seq_scheme.pdb_seq_num 
_pdbx_poly_seq_scheme.auth_seq_num 
_pdbx_poly_seq_scheme.pdb_mon_id 
_pdbx_poly_seq_scheme.auth_mon_id 
_pdbx_poly_seq_scheme.pdb_strand_id 
_pdbx_poly_seq_scheme.pdb_ins_code 
_pdbx_poly_seq_scheme.hetero 
A 1 1   SER 1   19  ?   ?   ?   A . n 
A 1 2   ALA 2   20  1   ALA ALA A . n 
A 1 3   VAL 3   21  2   VAL VAL A . n 
A 1 4   LYS 4   22  3   LYS LYS A . n 
A 1 5   LEU 5   23  4   LEU LEU A . n 
A 1 6   SER 6   24  5   SER SER A . n 
A 1 7   TYR 7   25  6   TYR TYR A . n 
A 1 8   ASP 8   26  7   ASP ASP A . n 
A 1 9   GLU 9   27  8   GLU GLU A . n 
A 1 10  ALA 10  28  9   ALA ALA A . n 
A 1 11  TYR 11  29  10  TYR TYR A . n 
A 1 12  ASP 12  30  11  ASP ASP A . n 
A 1 13  ASN 13  31  12  ASN ASN A . n 
A 1 14  PRO 14  32  13  PRO PRO A . n 
A 1 15  SER 15  33  14  SER SER A . n 
A 1 16  SER 16  34  15  SER SER A . n 
A 1 17  SER 17  35  16  SER SER A . n 
A 1 18  LEU 18  36  17  LEU LEU A . n 
A 1 19  LEU 19  37  18  LEU LEU A . n 
A 1 20  SER 20  38  19  SER SER A . n 
A 1 21  VAL 21  39  20  VAL VAL A . n 
A 1 22  THR 22  40  21  THR THR A . n 
A 1 23  CYS 23  41  22  CYS CYS A . n 
A 1 24  SER 24  42  23  SER SER A . n 
A 1 25  ASP 25  43  24  ASP ASP A . n 
A 1 26  GLY 26  44  25  GLY GLY A . n 
A 1 27  GLU 27  45  26  GLU GLU A . n 
A 1 28  ASN 28  46  27  ASN ASN A . n 
A 1 29  GLY 29  47  28  GLY GLY A . n 
A 1 30  LEU 30  48  29  LEU LEU A . n 
A 1 31  TYR 31  49  30  TYR TYR A . n 
A 1 32  PRO 32  50  31  PRO PRO A . n 
A 1 33  LYS 33  51  32  LYS LYS A . n 
A 1 34  TYR 34  52  33  TYR TYR A . n 
A 1 35  ARG 35  53  34  ARG ARG A . n 
A 1 36  THR 36  54  35  THR THR A . n 
A 1 37  PHE 37  55  36  PHE PHE A . n 
A 1 38  GLY 38  56  37  GLY GLY A . n 
A 1 39  ASP 39  57  38  ASP ASP A . n 
A 1 40  LEU 40  58  39  LEU LEU A . n 
A 1 41  PRO 41  59  40  PRO PRO A . n 
A 1 42  GLY 42  60  41  GLY GLY A . n 
A 1 43  PHE 43  61  42  PHE PHE A . n 
A 1 44  PRO 44  62  43  PRO PRO A . n 
A 1 45  CSO 45  63  44  CSO CSO A . n 
A 1 46  ILE 46  64  45  ILE ILE A . n 
A 1 47  GLY 47  65  46  GLY GLY A . n 
A 1 48  GLY 48  66  47  GLY GLY A . n 
A 1 49  SER 49  67  48  SER SER A . n 
A 1 50  SER 50  68  49  SER SER A . n 
A 1 51  ASP 51  69  50  ASP ASP A . n 
A 1 52  ILE 52  70  51  ILE ILE A . n 
A 1 53  ALA 53  71  52  ALA ALA A . n 
A 1 54  GLY 54  72  53  GLY GLY A . n 
A 1 55  TYR 55  73  54  TYR TYR A . n 
A 1 56  ASN 56  74  55  ASN ASN A . n 
A 1 57  SER 57  75  56  SER SER A . n 
A 1 58  PRO 58  76  57  PRO PRO A . n 
A 1 59  ASN 59  77  58  ASN ASN A . n 
A 1 60  CYS 60  78  59  CYS CYS A . n 
A 1 61  GLY 61  79  60  GLY GLY A . n 
A 1 62  SER 62  80  61  SER SER A . n 
A 1 63  CYS 63  81  62  CYS CYS A . n 
A 1 64  TYR 64  82  63  TYR TYR A . n 
A 1 65  GLN 65  83  64  GLN GLN A . n 
A 1 66  LEU 66  84  65  LEU LEU A . n 
A 1 67  THR 67  85  66  THR THR A . n 
A 1 68  TYR 68  86  67  TYR TYR A . n 
A 1 69  SER 69  87  68  SER SER A . n 
A 1 70  SER 70  88  69  SER SER A . n 
A 1 71  ALA 71  89  70  ALA ALA A . n 
A 1 72  HIS 72  90  71  HIS HIS A . n 
A 1 73  THR 73  91  72  THR THR A . n 
A 1 74  THR 74  92  73  THR THR A . n 
A 1 75  PRO 75  93  74  PRO PRO A . n 
A 1 76  LYS 76  94  75  LYS LYS A . n 
A 1 77  SER 77  95  76  SER SER A . n 
A 1 78  ILE 78  96  77  ILE ILE A . n 
A 1 79  TYR 79  97  78  TYR TYR A . n 
A 1 80  MET 80  98  79  MET MET A . n 
A 1 81  VAL 81  99  80  VAL VAL A . n 
A 1 82  ALA 82  100 81  ALA ALA A . n 
A 1 83  ILE 83  101 82  ILE ILE A . n 
A 1 84  ASP 84  102 83  ASP ASP A . n 
A 1 85  ARG 85  103 84  ARG ARG A . n 
A 1 86  SER 86  104 85  SER SER A . n 
A 1 87  ALA 87  105 86  ALA ALA A . n 
A 1 88  GLU 88  106 87  GLU GLU A . n 
A 1 89  GLY 89  107 88  GLY GLY A . n 
A 1 90  PHE 90  108 89  PHE PHE A . n 
A 1 91  THR 91  109 90  THR THR A . n 
A 1 92  ALA 92  110 91  ALA ALA A . n 
A 1 93  SER 93  111 92  SER SER A . n 
A 1 94  LYS 94  112 93  LYS LYS A . n 
A 1 95  GLN 95  113 94  GLN GLN A . n 
A 1 96  ALA 96  114 95  ALA ALA A . n 
A 1 97  MET 97  115 96  MET MET A . n 
A 1 98  ASP 98  116 97  ASP ASP A . n 
A 1 99  ASP 99  117 98  ASP ASP A . n 
A 1 100 LEU 100 118 99  LEU LEU A . n 
A 1 101 THR 101 119 100 THR THR A . n 
A 1 102 ASN 102 120 101 ASN ASN A . n 
A 1 103 LYS 103 121 102 LYS LYS A . n 
A 1 104 ARG 104 122 103 ARG ARG A . n 
A 1 105 ALA 105 123 104 ALA ALA A . n 
A 1 106 GLU 106 124 105 GLU GLU A . n 
A 1 107 GLU 107 125 106 GLU GLU A . n 
A 1 108 LEU 108 126 107 LEU LEU A . n 
A 1 109 GLY 109 127 108 GLY GLY A . n 
A 1 110 THR 110 128 109 THR THR A . n 
A 1 111 VAL 111 129 110 VAL VAL A . n 
A 1 112 ASN 112 130 111 ASN ASN A . n 
A 1 113 VAL 113 131 112 VAL VAL A . n 
A 1 114 ASP 114 132 113 ASP ASP A . n 
A 1 115 VAL 115 133 114 VAL VAL A . n 
A 1 116 ARG 116 134 115 ARG ARG A . n 
A 1 117 LYS 117 135 116 LYS LYS A . n 
A 1 118 VAL 118 136 117 VAL VAL A . n 
A 1 119 ASP 119 137 118 ASP ASP A . n 
A 1 120 PHE 120 138 119 PHE PHE A . n 
A 1 121 SER 121 139 120 SER SER A . n 
A 1 122 ARG 122 140 121 ARG ARG A . n 
A 1 123 CYS 123 141 122 CYS CYS A . n 
A 1 124 GLU 124 142 123 GLU GLU A . n 
A 1 125 ARG 125 143 ?   ?   ?   A . n 
A 1 126 LYS 126 144 ?   ?   ?   A . n 
A 1 127 SER 127 145 ?   ?   ?   A . n 
# 
loop_
_pdbx_nonpoly_scheme.asym_id 
_pdbx_nonpoly_scheme.entity_id 
_pdbx_nonpoly_scheme.mon_id 
_pdbx_nonpoly_scheme.ndb_seq_num 
_pdbx_nonpoly_scheme.pdb_seq_num 
_pdbx_nonpoly_scheme.auth_seq_num 
_pdbx_nonpoly_scheme.pdb_mon_id 
_pdbx_nonpoly_scheme.auth_mon_id 
_pdbx_nonpoly_scheme.pdb_strand_id 
_pdbx_nonpoly_scheme.pdb_ins_code 
B 2 ACT 1   201 1   ACT ACT A . 
C 2 ACT 1   202 2   ACT ACT A . 
D 3 ZN  1   203 3   ZN  ZN  A . 
E 3 ZN  1   204 4   ZN  ZN  A . 
F 3 ZN  1   205 5   ZN  ZN  A . 
G 4 CL  1   206 6   CL  CL  A . 
H 5 NA  1   207 7   NA  NA  A . 
I 6 HOH 1   301 1   HOH HOH A . 
I 6 HOH 2   302 2   HOH HOH A . 
I 6 HOH 3   303 3   HOH HOH A . 
I 6 HOH 4   304 4   HOH HOH A . 
I 6 HOH 5   305 5   HOH HOH A . 
I 6 HOH 6   306 6   HOH HOH A . 
I 6 HOH 7   307 7   HOH HOH A . 
I 6 HOH 8   308 8   HOH HOH A . 
I 6 HOH 9   309 9   HOH HOH A . 
I 6 HOH 10  310 10  HOH HOH A . 
I 6 HOH 11  311 11  HOH HOH A . 
I 6 HOH 12  312 12  HOH HOH A . 
I 6 HOH 13  313 13  HOH HOH A . 
I 6 HOH 14  314 14  HOH HOH A . 
I 6 HOH 15  315 15  HOH HOH A . 
I 6 HOH 16  316 16  HOH HOH A . 
I 6 HOH 17  317 17  HOH HOH A . 
I 6 HOH 18  318 18  HOH HOH A . 
I 6 HOH 19  319 19  HOH HOH A . 
I 6 HOH 20  320 20  HOH HOH A . 
I 6 HOH 21  321 21  HOH HOH A . 
I 6 HOH 22  322 22  HOH HOH A . 
I 6 HOH 23  323 23  HOH HOH A . 
I 6 HOH 24  324 24  HOH HOH A . 
I 6 HOH 25  325 25  HOH HOH A . 
I 6 HOH 26  326 26  HOH HOH A . 
I 6 HOH 27  327 27  HOH HOH A . 
I 6 HOH 28  328 28  HOH HOH A . 
I 6 HOH 29  329 29  HOH HOH A . 
I 6 HOH 30  330 30  HOH HOH A . 
I 6 HOH 31  331 31  HOH HOH A . 
I 6 HOH 32  332 32  HOH HOH A . 
I 6 HOH 33  333 33  HOH HOH A . 
I 6 HOH 34  334 34  HOH HOH A . 
I 6 HOH 35  335 35  HOH HOH A . 
I 6 HOH 36  336 36  HOH HOH A . 
I 6 HOH 37  337 37  HOH HOH A . 
I 6 HOH 38  338 38  HOH HOH A . 
I 6 HOH 39  339 39  HOH HOH A . 
I 6 HOH 40  340 40  HOH HOH A . 
I 6 HOH 41  341 41  HOH HOH A . 
I 6 HOH 42  342 42  HOH HOH A . 
I 6 HOH 43  343 43  HOH HOH A . 
I 6 HOH 44  344 44  HOH HOH A . 
I 6 HOH 45  345 45  HOH HOH A . 
I 6 HOH 46  346 46  HOH HOH A . 
I 6 HOH 47  347 47  HOH HOH A . 
I 6 HOH 48  348 48  HOH HOH A . 
I 6 HOH 49  349 49  HOH HOH A . 
I 6 HOH 50  350 50  HOH HOH A . 
I 6 HOH 51  351 51  HOH HOH A . 
I 6 HOH 52  352 52  HOH HOH A . 
I 6 HOH 53  353 53  HOH HOH A . 
I 6 HOH 54  354 54  HOH HOH A . 
I 6 HOH 55  355 55  HOH HOH A . 
I 6 HOH 56  356 56  HOH HOH A . 
I 6 HOH 57  357 57  HOH HOH A . 
I 6 HOH 58  358 58  HOH HOH A . 
I 6 HOH 59  359 59  HOH HOH A . 
I 6 HOH 60  360 60  HOH HOH A . 
I 6 HOH 61  361 61  HOH HOH A . 
I 6 HOH 62  362 62  HOH HOH A . 
I 6 HOH 63  363 63  HOH HOH A . 
I 6 HOH 64  364 64  HOH HOH A . 
I 6 HOH 65  365 65  HOH HOH A . 
I 6 HOH 66  366 66  HOH HOH A . 
I 6 HOH 67  367 67  HOH HOH A . 
I 6 HOH 68  368 68  HOH HOH A . 
I 6 HOH 69  369 69  HOH HOH A . 
I 6 HOH 70  370 70  HOH HOH A . 
I 6 HOH 71  371 71  HOH HOH A . 
I 6 HOH 72  372 72  HOH HOH A . 
I 6 HOH 73  373 73  HOH HOH A . 
I 6 HOH 74  374 74  HOH HOH A . 
I 6 HOH 75  375 75  HOH HOH A . 
I 6 HOH 76  376 76  HOH HOH A . 
I 6 HOH 77  377 77  HOH HOH A . 
I 6 HOH 78  378 78  HOH HOH A . 
I 6 HOH 79  379 79  HOH HOH A . 
I 6 HOH 80  380 80  HOH HOH A . 
I 6 HOH 81  381 81  HOH HOH A . 
I 6 HOH 82  382 82  HOH HOH A . 
I 6 HOH 83  383 83  HOH HOH A . 
I 6 HOH 84  384 84  HOH HOH A . 
I 6 HOH 85  385 85  HOH HOH A . 
I 6 HOH 86  386 86  HOH HOH A . 
I 6 HOH 87  387 87  HOH HOH A . 
I 6 HOH 88  388 88  HOH HOH A . 
I 6 HOH 89  389 89  HOH HOH A . 
I 6 HOH 90  390 90  HOH HOH A . 
I 6 HOH 91  391 91  HOH HOH A . 
I 6 HOH 92  392 92  HOH HOH A . 
I 6 HOH 93  393 93  HOH HOH A . 
I 6 HOH 94  394 94  HOH HOH A . 
I 6 HOH 95  395 95  HOH HOH A . 
I 6 HOH 96  396 96  HOH HOH A . 
I 6 HOH 97  397 97  HOH HOH A . 
I 6 HOH 98  398 98  HOH HOH A . 
I 6 HOH 99  399 99  HOH HOH A . 
I 6 HOH 100 400 100 HOH HOH A . 
I 6 HOH 101 401 101 HOH HOH A . 
I 6 HOH 102 402 102 HOH HOH A . 
I 6 HOH 103 403 103 HOH HOH A . 
I 6 HOH 104 404 104 HOH HOH A . 
I 6 HOH 105 405 105 HOH HOH A . 
I 6 HOH 106 406 106 HOH HOH A . 
I 6 HOH 107 407 107 HOH HOH A . 
I 6 HOH 108 408 108 HOH HOH A . 
I 6 HOH 109 409 109 HOH HOH A . 
I 6 HOH 110 410 110 HOH HOH A . 
I 6 HOH 111 411 111 HOH HOH A . 
I 6 HOH 112 412 112 HOH HOH A . 
I 6 HOH 113 413 113 HOH HOH A . 
I 6 HOH 114 414 114 HOH HOH A . 
I 6 HOH 115 415 115 HOH HOH A . 
I 6 HOH 116 416 116 HOH HOH A . 
I 6 HOH 117 417 117 HOH HOH A . 
I 6 HOH 118 418 118 HOH HOH A . 
I 6 HOH 119 419 119 HOH HOH A . 
I 6 HOH 120 420 120 HOH HOH A . 
I 6 HOH 121 421 121 HOH HOH A . 
I 6 HOH 122 422 122 HOH HOH A . 
I 6 HOH 123 423 123 HOH HOH A . 
I 6 HOH 124 424 124 HOH HOH A . 
I 6 HOH 125 425 125 HOH HOH A . 
I 6 HOH 126 426 126 HOH HOH A . 
I 6 HOH 127 427 127 HOH HOH A . 
I 6 HOH 128 428 128 HOH HOH A . 
I 6 HOH 129 429 129 HOH HOH A . 
I 6 HOH 130 430 130 HOH HOH A . 
I 6 HOH 131 431 131 HOH HOH A . 
I 6 HOH 132 432 132 HOH HOH A . 
I 6 HOH 133 433 133 HOH HOH A . 
I 6 HOH 134 434 134 HOH HOH A . 
I 6 HOH 135 435 135 HOH HOH A . 
I 6 HOH 136 436 136 HOH HOH A . 
I 6 HOH 137 437 137 HOH HOH A . 
I 6 HOH 138 438 138 HOH HOH A . 
I 6 HOH 139 439 139 HOH HOH A . 
I 6 HOH 140 440 140 HOH HOH A . 
I 6 HOH 141 441 141 HOH HOH A . 
I 6 HOH 142 442 142 HOH HOH A . 
I 6 HOH 143 443 143 HOH HOH A . 
I 6 HOH 144 444 144 HOH HOH A . 
I 6 HOH 145 445 145 HOH HOH A . 
I 6 HOH 146 446 146 HOH HOH A . 
I 6 HOH 147 447 147 HOH HOH A . 
I 6 HOH 148 448 148 HOH HOH A . 
I 6 HOH 149 449 149 HOH HOH A . 
I 6 HOH 150 450 150 HOH HOH A . 
I 6 HOH 151 451 151 HOH HOH A . 
I 6 HOH 152 452 152 HOH HOH A . 
I 6 HOH 153 453 153 HOH HOH A . 
I 6 HOH 154 454 154 HOH HOH A . 
I 6 HOH 155 455 155 HOH HOH A . 
I 6 HOH 156 456 156 HOH HOH A . 
I 6 HOH 157 457 157 HOH HOH A . 
# 
loop_
_software.name 
_software.classification 
_software.version 
_software.citation_id 
_software.pdbx_ordinal 
MAR345 'data collection' .        ? 1 
SHELXS phasing           .        ? 2 
REFMAC refinement        5.5.0109 ? 3 
MOSFLM 'data reduction'  .        ? 4 
SCALA  'data scaling'    .        ? 5 
# 
_cell.entry_id           3SUJ 
_cell.length_a           45.280 
_cell.length_b           45.280 
_cell.length_c           105.470 
_cell.angle_alpha        90.00 
_cell.angle_beta         90.00 
_cell.angle_gamma        90.00 
_cell.Z_PDB              8 
_cell.pdbx_unique_axis   ? 
_cell.length_a_esd       ? 
_cell.length_b_esd       ? 
_cell.length_c_esd       ? 
_cell.angle_alpha_esd    ? 
_cell.angle_beta_esd     ? 
_cell.angle_gamma_esd    ? 
# 
_symmetry.entry_id                         3SUJ 
_symmetry.space_group_name_H-M             'P 43 21 2' 
_symmetry.pdbx_full_space_group_name_H-M   ? 
_symmetry.cell_setting                     ? 
_symmetry.Int_Tables_number                96 
_symmetry.space_group_name_Hall            ? 
# 
_exptl.entry_id          3SUJ 
_exptl.method            'X-RAY DIFFRACTION' 
_exptl.crystals_number   1 
# 
_exptl_crystal.id                    1 
_exptl_crystal.density_meas          ? 
_exptl_crystal.density_Matthews      1.96 
_exptl_crystal.density_percent_sol   37.30 
_exptl_crystal.description           ? 
_exptl_crystal.F_000                 ? 
_exptl_crystal.preparation           ? 
# 
_exptl_crystal_grow.crystal_id      1 
_exptl_crystal_grow.method          'VAPOR DIFFUSION, SITTING DROP' 
_exptl_crystal_grow.temp            291 
_exptl_crystal_grow.temp_details    ? 
_exptl_crystal_grow.pH              4.5 
_exptl_crystal_grow.pdbx_pH_range   ? 
_exptl_crystal_grow.pdbx_details    
'0.1 M sodium acetate pH 4.5, 20% PEG 1000, 0.2 M zinc acetate, VAPOR DIFFUSION, SITTING DROP, temperature 291K' 
# 
_diffrn.id                     1 
_diffrn.ambient_temp           100 
_diffrn.ambient_temp_details   ? 
_diffrn.crystal_id             1 
# 
_diffrn_detector.diffrn_id              1 
_diffrn_detector.detector               CCD 
_diffrn_detector.type                   'MAR CCD 165 mm' 
_diffrn_detector.pdbx_collection_date   2010-05-24 
_diffrn_detector.details                ? 
# 
_diffrn_radiation.diffrn_id                        1 
_diffrn_radiation.wavelength_id                    1 
_diffrn_radiation.pdbx_monochromatic_or_laue_m_l   M 
_diffrn_radiation.monochromator                    
;Si 111 
Double Flat Crystal Monochromator with Fixed-exit
;
_diffrn_radiation.pdbx_diffrn_protocol             'SINGLE WAVELENGTH' 
_diffrn_radiation.pdbx_scattering_type             x-ray 
# 
_diffrn_radiation_wavelength.id           1 
_diffrn_radiation_wavelength.wavelength   1.45861 
_diffrn_radiation_wavelength.wt           1.0 
# 
_diffrn_source.diffrn_id                   1 
_diffrn_source.source                      SYNCHROTRON 
_diffrn_source.type                        'LNLS BEAMLINE W01B-MX2' 
_diffrn_source.pdbx_synchrotron_site       LNLS 
_diffrn_source.pdbx_synchrotron_beamline   W01B-MX2 
_diffrn_source.pdbx_wavelength             ? 
_diffrn_source.pdbx_wavelength_list        1.45861 
# 
_reflns.pdbx_diffrn_id               1 
_reflns.pdbx_ordinal                 1 
_reflns.entry_id                     3SUJ 
_reflns.observed_criterion_sigma_I   2.0 
_reflns.observed_criterion_sigma_F   2.0 
_reflns.d_resolution_low             20.00 
_reflns.d_resolution_high            1.34 
_reflns.number_obs                   25598 
_reflns.number_all                   25649 
_reflns.percent_possible_obs         99.8 
_reflns.pdbx_Rmerge_I_obs            0.085 
_reflns.pdbx_Rsym_value              0.085 
_reflns.pdbx_netI_over_sigmaI        42.1 
_reflns.B_iso_Wilson_estimate        ? 
_reflns.pdbx_redundancy              72.7 
_reflns.R_free_details               ? 
_reflns.limit_h_max                  ? 
_reflns.limit_h_min                  ? 
_reflns.limit_k_max                  ? 
_reflns.limit_k_min                  ? 
_reflns.limit_l_max                  ? 
_reflns.limit_l_min                  ? 
_reflns.observed_criterion_F_max     ? 
_reflns.observed_criterion_F_min     ? 
_reflns.pdbx_chi_squared             ? 
_reflns.pdbx_scaling_rejects         ? 
# 
_reflns_shell.pdbx_diffrn_id         1 
_reflns_shell.pdbx_ordinal           1 
_reflns_shell.d_res_high             1.34 
_reflns_shell.d_res_low              1.41 
_reflns_shell.percent_possible_all   100 
_reflns_shell.Rmerge_I_obs           0.518 
_reflns_shell.pdbx_Rsym_value        0.518 
_reflns_shell.meanI_over_sigI_obs    11.7 
_reflns_shell.pdbx_redundancy        70.1 
_reflns_shell.percent_possible_obs   ? 
_reflns_shell.number_unique_all      ? 
_reflns_shell.number_measured_all    ? 
_reflns_shell.number_measured_obs    ? 
_reflns_shell.number_unique_obs      ? 
_reflns_shell.pdbx_chi_squared       ? 
# 
_refine.pdbx_refine_id                           'X-RAY DIFFRACTION' 
_refine.entry_id                                 3SUJ 
_refine.pdbx_diffrn_id                           1 
_refine.pdbx_TLS_residual_ADP_flag               ? 
_refine.ls_number_reflns_obs                     24215 
_refine.ls_number_reflns_all                     24292 
_refine.pdbx_ls_sigma_I                          ? 
_refine.pdbx_ls_sigma_F                          . 
_refine.pdbx_data_cutoff_high_absF               ? 
_refine.pdbx_data_cutoff_low_absF                ? 
_refine.pdbx_data_cutoff_high_rms_absF           ? 
_refine.ls_d_res_low                             14.51 
_refine.ls_d_res_high                            1.34 
_refine.ls_percent_reflns_obs                    99.68 
_refine.ls_R_factor_obs                          0.18603 
_refine.ls_R_factor_all                          ? 
_refine.ls_R_factor_R_work                       0.18432 
_refine.ls_R_factor_R_free                       0.22009 
_refine.ls_R_factor_R_free_error                 ? 
_refine.ls_R_factor_R_free_error_details         ? 
_refine.ls_percent_reflns_R_free                 5.1 
_refine.ls_number_reflns_R_free                  1299 
_refine.ls_number_parameters                     ? 
_refine.ls_number_restraints                     ? 
_refine.occupancy_min                            ? 
_refine.occupancy_max                            ? 
_refine.correlation_coeff_Fo_to_Fc               0.963 
_refine.correlation_coeff_Fo_to_Fc_free          0.942 
_refine.B_iso_mean                               15.173 
_refine.aniso_B[1][1]                            0.45 
_refine.aniso_B[2][2]                            0.45 
_refine.aniso_B[3][3]                            -0.90 
_refine.aniso_B[1][2]                            0.00 
_refine.aniso_B[1][3]                            0.00 
_refine.aniso_B[2][3]                            0.00 
_refine.solvent_model_details                    MASK 
_refine.solvent_model_param_ksol                 ? 
_refine.solvent_model_param_bsol                 ? 
_refine.pdbx_solvent_vdw_probe_radii             1.40 
_refine.pdbx_solvent_ion_probe_radii             0.80 
_refine.pdbx_solvent_shrinkage_radii             0.80 
_refine.pdbx_ls_cross_valid_method               THROUGHOUT 
_refine.details                                  'HYDROGENS HAVE BEEN ADDED IN THE RIDING POSITIONS' 
_refine.pdbx_starting_model                      ? 
_refine.pdbx_method_to_determine_struct          SAD 
_refine.pdbx_isotropic_thermal_model             ? 
_refine.pdbx_stereochemistry_target_values       'MAXIMUM LIKELIHOOD' 
_refine.pdbx_stereochem_target_val_spec_case     ? 
_refine.pdbx_R_Free_selection_details            RANDOM 
_refine.pdbx_overall_ESU_R                       0.060 
_refine.pdbx_overall_ESU_R_Free                  0.064 
_refine.overall_SU_ML                            0.035 
_refine.pdbx_overall_phase_error                 ? 
_refine.overall_SU_B                             0.804 
_refine.overall_SU_R_Cruickshank_DPI             ? 
_refine.pdbx_overall_SU_R_free_Cruickshank_DPI   ? 
_refine.pdbx_overall_SU_R_Blow_DPI               ? 
_refine.pdbx_overall_SU_R_free_Blow_DPI          ? 
_refine.ls_redundancy_reflns_obs                 ? 
_refine.B_iso_min                                ? 
_refine.B_iso_max                                ? 
_refine.overall_SU_R_free                        ? 
_refine.ls_wR_factor_R_free                      ? 
_refine.ls_wR_factor_R_work                      ? 
_refine.overall_FOM_free_R_set                   ? 
_refine.overall_FOM_work_R_set                   ? 
# 
_refine_hist.pdbx_refine_id                   'X-RAY DIFFRACTION' 
_refine_hist.cycle_id                         LAST 
_refine_hist.pdbx_number_atoms_protein        930 
_refine_hist.pdbx_number_atoms_nucleic_acid   0 
_refine_hist.pdbx_number_atoms_ligand         13 
_refine_hist.number_atoms_solvent             157 
_refine_hist.number_atoms_total               1100 
_refine_hist.d_res_high                       1.34 
_refine_hist.d_res_low                        14.51 
# 
loop_
_refine_ls_restr.type 
_refine_ls_restr.dev_ideal 
_refine_ls_restr.dev_ideal_target 
_refine_ls_restr.weight 
_refine_ls_restr.number 
_refine_ls_restr.pdbx_refine_id 
_refine_ls_restr.pdbx_restraint_function 
r_bond_refined_d             0.025  0.022  ? 975  'X-RAY DIFFRACTION' ? 
r_bond_other_d               ?      ?      ? ?    'X-RAY DIFFRACTION' ? 
r_angle_refined_deg          2.254  1.977  ? 1327 'X-RAY DIFFRACTION' ? 
r_angle_other_deg            ?      ?      ? ?    'X-RAY DIFFRACTION' ? 
r_dihedral_angle_1_deg       6.615  5.000  ? 130  'X-RAY DIFFRACTION' ? 
r_dihedral_angle_2_deg       41.190 24.651 ? 43   'X-RAY DIFFRACTION' ? 
r_dihedral_angle_3_deg       13.144 15.000 ? 153  'X-RAY DIFFRACTION' ? 
r_dihedral_angle_4_deg       16.298 15.000 ? 5    'X-RAY DIFFRACTION' ? 
r_chiral_restr               0.135  0.200  ? 145  'X-RAY DIFFRACTION' ? 
r_gen_planes_refined         0.014  0.021  ? 759  'X-RAY DIFFRACTION' ? 
r_gen_planes_other           ?      ?      ? ?    'X-RAY DIFFRACTION' ? 
r_nbd_refined                ?      ?      ? ?    'X-RAY DIFFRACTION' ? 
r_nbd_other                  ?      ?      ? ?    'X-RAY DIFFRACTION' ? 
r_nbtor_refined              ?      ?      ? ?    'X-RAY DIFFRACTION' ? 
r_nbtor_other                ?      ?      ? ?    'X-RAY DIFFRACTION' ? 
r_xyhbond_nbd_refined        ?      ?      ? ?    'X-RAY DIFFRACTION' ? 
r_xyhbond_nbd_other          ?      ?      ? ?    'X-RAY DIFFRACTION' ? 
r_metal_ion_refined          ?      ?      ? ?    'X-RAY DIFFRACTION' ? 
r_metal_ion_other            ?      ?      ? ?    'X-RAY DIFFRACTION' ? 
r_symmetry_vdw_refined       ?      ?      ? ?    'X-RAY DIFFRACTION' ? 
r_symmetry_vdw_other         ?      ?      ? ?    'X-RAY DIFFRACTION' ? 
r_symmetry_hbond_refined     ?      ?      ? ?    'X-RAY DIFFRACTION' ? 
r_symmetry_hbond_other       ?      ?      ? ?    'X-RAY DIFFRACTION' ? 
r_symmetry_metal_ion_refined ?      ?      ? ?    'X-RAY DIFFRACTION' ? 
r_symmetry_metal_ion_other   ?      ?      ? ?    'X-RAY DIFFRACTION' ? 
r_mcbond_it                  1.385  1.500  ? 628  'X-RAY DIFFRACTION' ? 
r_mcbond_other               ?      ?      ? ?    'X-RAY DIFFRACTION' ? 
r_mcangle_it                 2.301  2.000  ? 1008 'X-RAY DIFFRACTION' ? 
r_scbond_it                  3.283  3.000  ? 347  'X-RAY DIFFRACTION' ? 
r_scangle_it                 4.744  4.500  ? 315  'X-RAY DIFFRACTION' ? 
r_rigid_bond_restr           ?      ?      ? ?    'X-RAY DIFFRACTION' ? 
r_sphericity_free            ?      ?      ? ?    'X-RAY DIFFRACTION' ? 
r_sphericity_bonded          ?      ?      ? ?    'X-RAY DIFFRACTION' ? 
# 
_refine_ls_shell.pdbx_refine_id                   'X-RAY DIFFRACTION' 
_refine_ls_shell.pdbx_total_number_of_bins_used   20 
_refine_ls_shell.d_res_high                       1.34 
_refine_ls_shell.d_res_low                        1.373 
_refine_ls_shell.number_reflns_R_work             1744 
_refine_ls_shell.R_factor_R_work                  0.447 
_refine_ls_shell.percent_reflns_obs               99.89 
_refine_ls_shell.R_factor_R_free                  0.514 
_refine_ls_shell.R_factor_R_free_error            ? 
_refine_ls_shell.percent_reflns_R_free            ? 
_refine_ls_shell.number_reflns_R_free             97 
_refine_ls_shell.number_reflns_all                ? 
_refine_ls_shell.R_factor_all                     ? 
_refine_ls_shell.redundancy_reflns_obs            ? 
_refine_ls_shell.number_reflns_obs                ? 
# 
_struct.entry_id                  3SUJ 
_struct.title                     'Crystal structure of cerato-platanin 1 from M. perniciosa (MpCP1)' 
_struct.pdbx_model_details        ? 
_struct.pdbx_CASP_flag            ? 
_struct.pdbx_model_type_details   ? 
# 
_struct_keywords.entry_id        3SUJ 
_struct_keywords.pdbx_keywords   'UNKNOWN FUNCTION' 
_struct_keywords.text            'double psi beta barrel, UNKNOWN FUNCTION' 
# 
loop_
_struct_asym.id 
_struct_asym.pdbx_blank_PDB_chainid_flag 
_struct_asym.pdbx_modified 
_struct_asym.entity_id 
_struct_asym.details 
A N N 1 ? 
B N N 2 ? 
C N N 2 ? 
D N N 3 ? 
E N N 3 ? 
F N N 3 ? 
G N N 4 ? 
H N N 5 ? 
I N N 6 ? 
# 
_struct_ref.id                         1 
_struct_ref.db_name                    UNP 
_struct_ref.db_code                    B2C3H7_MONPR 
_struct_ref.pdbx_db_accession          B2C3H7 
_struct_ref.entity_id                  1 
_struct_ref.pdbx_seq_one_letter_code   
;AVKLSYDEAYDNPSSSLLSVTCSDGENGLYPKYRTFGDLPGFPCIGGSSDIAGYNSPNCGSCYQLTYSSAHTTPKSIYMV
AIDRSAEGFTASKQAMDDLTNKRAEELGTVNVDVRKVDFSRCERKS
;
_struct_ref.pdbx_align_begin           20 
_struct_ref.pdbx_db_isoform            ? 
# 
_struct_ref_seq.align_id                      1 
_struct_ref_seq.ref_id                        1 
_struct_ref_seq.pdbx_PDB_id_code              3SUJ 
_struct_ref_seq.pdbx_strand_id                A 
_struct_ref_seq.seq_align_beg                 2 
_struct_ref_seq.pdbx_seq_align_beg_ins_code   ? 
_struct_ref_seq.seq_align_end                 127 
_struct_ref_seq.pdbx_seq_align_end_ins_code   ? 
_struct_ref_seq.pdbx_db_accession             B2C3H7 
_struct_ref_seq.db_align_beg                  20 
_struct_ref_seq.pdbx_db_align_beg_ins_code    ? 
_struct_ref_seq.db_align_end                  145 
_struct_ref_seq.pdbx_db_align_end_ins_code    ? 
_struct_ref_seq.pdbx_auth_seq_align_beg       20 
_struct_ref_seq.pdbx_auth_seq_align_end       145 
# 
_struct_ref_seq_dif.align_id                     1 
_struct_ref_seq_dif.pdbx_pdb_id_code             3SUJ 
_struct_ref_seq_dif.mon_id                       SER 
_struct_ref_seq_dif.pdbx_pdb_strand_id           A 
_struct_ref_seq_dif.seq_num                      1 
_struct_ref_seq_dif.pdbx_pdb_ins_code            ? 
_struct_ref_seq_dif.pdbx_seq_db_name             UNP 
_struct_ref_seq_dif.pdbx_seq_db_accession_code   B2C3H7 
_struct_ref_seq_dif.db_mon_id                    ? 
_struct_ref_seq_dif.pdbx_seq_db_seq_num          ? 
_struct_ref_seq_dif.details                      'expression tag' 
_struct_ref_seq_dif.pdbx_auth_seq_num            19 
_struct_ref_seq_dif.pdbx_ordinal                 1 
# 
_pdbx_struct_assembly.id                   1 
_pdbx_struct_assembly.details              author_and_software_defined_assembly 
_pdbx_struct_assembly.method_details       PISA 
_pdbx_struct_assembly.oligomeric_details   monomeric 
_pdbx_struct_assembly.oligomeric_count     1 
# 
_pdbx_struct_assembly_gen.assembly_id       1 
_pdbx_struct_assembly_gen.oper_expression   1 
_pdbx_struct_assembly_gen.asym_id_list      A,B,C,D,E,F,G,H,I 
# 
_pdbx_struct_oper_list.id                   1 
_pdbx_struct_oper_list.type                 'identity operation' 
_pdbx_struct_oper_list.name                 1_555 
_pdbx_struct_oper_list.symmetry_operation   x,y,z 
_pdbx_struct_oper_list.matrix[1][1]         1.0000000000 
_pdbx_struct_oper_list.matrix[1][2]         0.0000000000 
_pdbx_struct_oper_list.matrix[1][3]         0.0000000000 
_pdbx_struct_oper_list.vector[1]            0.0000000000 
_pdbx_struct_oper_list.matrix[2][1]         0.0000000000 
_pdbx_struct_oper_list.matrix[2][2]         1.0000000000 
_pdbx_struct_oper_list.matrix[2][3]         0.0000000000 
_pdbx_struct_oper_list.vector[2]            0.0000000000 
_pdbx_struct_oper_list.matrix[3][1]         0.0000000000 
_pdbx_struct_oper_list.matrix[3][2]         0.0000000000 
_pdbx_struct_oper_list.matrix[3][3]         1.0000000000 
_pdbx_struct_oper_list.vector[3]            0.0000000000 
# 
_struct_biol.id        1 
_struct_biol.details   ? 
# 
loop_
_struct_conf.conf_type_id 
_struct_conf.id 
_struct_conf.pdbx_PDB_helix_id 
_struct_conf.beg_label_comp_id 
_struct_conf.beg_label_asym_id 
_struct_conf.beg_label_seq_id 
_struct_conf.pdbx_beg_PDB_ins_code 
_struct_conf.end_label_comp_id 
_struct_conf.end_label_asym_id 
_struct_conf.end_label_seq_id 
_struct_conf.pdbx_end_PDB_ins_code 
_struct_conf.beg_auth_comp_id 
_struct_conf.beg_auth_asym_id 
_struct_conf.beg_auth_seq_id 
_struct_conf.end_auth_comp_id 
_struct_conf.end_auth_asym_id 
_struct_conf.end_auth_seq_id 
_struct_conf.pdbx_PDB_helix_class 
_struct_conf.details 
_struct_conf.pdbx_PDB_helix_length 
HELX_P HELX_P1 1 GLU A 9   ? ASN A 13  ? GLU A 27  ASN A 31  5 ? 5  
HELX_P HELX_P2 2 SER A 17  ? VAL A 21  ? SER A 35  VAL A 39  5 ? 5  
HELX_P HELX_P3 3 THR A 36  ? LEU A 40  ? THR A 54  LEU A 58  5 ? 5  
HELX_P HELX_P4 4 SER A 93  ? ASN A 102 ? SER A 111 ASN A 120 1 ? 10 
HELX_P HELX_P5 5 ARG A 104 ? GLY A 109 ? ARG A 122 GLY A 127 1 ? 6  
HELX_P HELX_P6 6 ASP A 119 ? GLU A 124 ? ASP A 137 GLU A 142 5 ? 6  
# 
_struct_conf_type.id          HELX_P 
_struct_conf_type.criteria    ? 
_struct_conf_type.reference   ? 
# 
loop_
_struct_conn.id 
_struct_conn.conn_type_id 
_struct_conn.pdbx_leaving_atom_flag 
_struct_conn.pdbx_PDB_id 
_struct_conn.ptnr1_label_asym_id 
_struct_conn.ptnr1_label_comp_id 
_struct_conn.ptnr1_label_seq_id 
_struct_conn.ptnr1_label_atom_id 
_struct_conn.pdbx_ptnr1_label_alt_id 
_struct_conn.pdbx_ptnr1_PDB_ins_code 
_struct_conn.pdbx_ptnr1_standard_comp_id 
_struct_conn.ptnr1_symmetry 
_struct_conn.ptnr2_label_asym_id 
_struct_conn.ptnr2_label_comp_id 
_struct_conn.ptnr2_label_seq_id 
_struct_conn.ptnr2_label_atom_id 
_struct_conn.pdbx_ptnr2_label_alt_id 
_struct_conn.pdbx_ptnr2_PDB_ins_code 
_struct_conn.ptnr1_auth_asym_id 
_struct_conn.ptnr1_auth_comp_id 
_struct_conn.ptnr1_auth_seq_id 
_struct_conn.ptnr2_auth_asym_id 
_struct_conn.ptnr2_auth_comp_id 
_struct_conn.ptnr2_auth_seq_id 
_struct_conn.ptnr2_symmetry 
_struct_conn.pdbx_ptnr3_label_atom_id 
_struct_conn.pdbx_ptnr3_label_seq_id 
_struct_conn.pdbx_ptnr3_label_comp_id 
_struct_conn.pdbx_ptnr3_label_asym_id 
_struct_conn.pdbx_ptnr3_label_alt_id 
_struct_conn.pdbx_ptnr3_PDB_ins_code 
_struct_conn.details 
_struct_conn.pdbx_dist_value 
_struct_conn.pdbx_value_order 
_struct_conn.pdbx_role 
disulf1  disulf ?    ? A CYS 23  SG  ? ? ? 1_555 A CYS 60  SG ? ? A CYS 41  A CYS 78  1_555 ? ? ? ? ? ? ? 2.075 ? ? 
disulf2  disulf ?    ? A CYS 63  SG  ? ? ? 1_555 A CYS 123 SG ? ? A CYS 81  A CYS 141 1_555 ? ? ? ? ? ? ? 2.049 ? ? 
covale1  covale both ? A PRO 44  C   ? ? ? 1_555 A CSO 45  N  ? ? A PRO 62  A CSO 63  1_555 ? ? ? ? ? ? ? 1.358 ? ? 
covale2  covale both ? A CSO 45  C   ? ? ? 1_555 A ILE 46  N  ? ? A CSO 63  A ILE 64  1_555 ? ? ? ? ? ? ? 1.320 ? ? 
metalc1  metalc ?    ? A ASP 51  OD2 ? ? ? 1_555 E ZN  .   ZN ? ? A ASP 69  A ZN  204 1_555 ? ? ? ? ? ? ? 2.041 ? ? 
metalc2  metalc ?    ? A GLU 88  OE2 ? ? ? 1_555 F ZN  .   ZN ? ? A GLU 106 A ZN  205 1_555 ? ? ? ? ? ? ? 1.816 ? ? 
metalc3  metalc ?    ? A GLU 88  OE1 ? ? ? 1_555 F ZN  .   ZN ? ? A GLU 106 A ZN  205 1_555 ? ? ? ? ? ? ? 2.682 ? ? 
metalc4  metalc ?    ? A GLU 106 OE1 ? ? ? 1_555 H NA  .   NA ? ? A GLU 124 A NA  207 1_555 ? ? ? ? ? ? ? 2.018 ? ? 
metalc5  metalc ?    ? A GLU 106 OE2 ? ? ? 1_555 H NA  .   NA ? ? A GLU 124 A NA  207 1_555 ? ? ? ? ? ? ? 2.659 ? ? 
metalc6  metalc ?    ? A ASP 119 OD1 ? ? ? 1_555 D ZN  .   ZN ? ? A ASP 137 A ZN  203 1_555 ? ? ? ? ? ? ? 1.974 ? ? 
metalc7  metalc ?    ? B ACT .   O   ? ? ? 1_555 E ZN  .   ZN ? ? A ACT 201 A ZN  204 1_555 ? ? ? ? ? ? ? 1.922 ? ? 
metalc8  metalc ?    ? C ACT .   OXT ? ? ? 1_555 D ZN  .   ZN ? ? A ACT 202 A ZN  203 1_555 ? ? ? ? ? ? ? 2.244 ? ? 
metalc9  metalc ?    ? E ZN  .   ZN  ? ? ? 1_555 I HOH .   O  ? ? A ZN  204 A HOH 402 1_555 ? ? ? ? ? ? ? 2.175 ? ? 
metalc10 metalc ?    ? F ZN  .   ZN  ? ? ? 1_555 I HOH .   O  ? ? A ZN  205 A HOH 446 1_555 ? ? ? ? ? ? ? 2.637 ? ? 
metalc11 metalc ?    ? H NA  .   NA  ? ? ? 1_555 I HOH .   O  ? ? A NA  207 A HOH 427 1_555 ? ? ? ? ? ? ? 1.907 ? ? 
metalc12 metalc ?    ? H NA  .   NA  ? ? ? 1_555 I HOH .   O  ? ? A NA  207 A HOH 428 1_555 ? ? ? ? ? ? ? 2.046 ? ? 
metalc13 metalc ?    ? H NA  .   NA  ? ? ? 1_555 I HOH .   O  ? ? A NA  207 A HOH 429 1_555 ? ? ? ? ? ? ? 2.316 ? ? 
# 
loop_
_struct_conn_type.id 
_struct_conn_type.criteria 
_struct_conn_type.reference 
disulf ? ? 
covale ? ? 
metalc ? ? 
# 
loop_
_pdbx_struct_conn_angle.id 
_pdbx_struct_conn_angle.ptnr1_label_atom_id 
_pdbx_struct_conn_angle.ptnr1_label_alt_id 
_pdbx_struct_conn_angle.ptnr1_label_asym_id 
_pdbx_struct_conn_angle.ptnr1_label_comp_id 
_pdbx_struct_conn_angle.ptnr1_label_seq_id 
_pdbx_struct_conn_angle.ptnr1_auth_atom_id 
_pdbx_struct_conn_angle.ptnr1_auth_asym_id 
_pdbx_struct_conn_angle.ptnr1_auth_comp_id 
_pdbx_struct_conn_angle.ptnr1_auth_seq_id 
_pdbx_struct_conn_angle.ptnr1_PDB_ins_code 
_pdbx_struct_conn_angle.ptnr1_symmetry 
_pdbx_struct_conn_angle.ptnr2_label_atom_id 
_pdbx_struct_conn_angle.ptnr2_label_alt_id 
_pdbx_struct_conn_angle.ptnr2_label_asym_id 
_pdbx_struct_conn_angle.ptnr2_label_comp_id 
_pdbx_struct_conn_angle.ptnr2_label_seq_id 
_pdbx_struct_conn_angle.ptnr2_auth_atom_id 
_pdbx_struct_conn_angle.ptnr2_auth_asym_id 
_pdbx_struct_conn_angle.ptnr2_auth_comp_id 
_pdbx_struct_conn_angle.ptnr2_auth_seq_id 
_pdbx_struct_conn_angle.ptnr2_PDB_ins_code 
_pdbx_struct_conn_angle.ptnr2_symmetry 
_pdbx_struct_conn_angle.ptnr3_label_atom_id 
_pdbx_struct_conn_angle.ptnr3_label_alt_id 
_pdbx_struct_conn_angle.ptnr3_label_asym_id 
_pdbx_struct_conn_angle.ptnr3_label_comp_id 
_pdbx_struct_conn_angle.ptnr3_label_seq_id 
_pdbx_struct_conn_angle.ptnr3_auth_atom_id 
_pdbx_struct_conn_angle.ptnr3_auth_asym_id 
_pdbx_struct_conn_angle.ptnr3_auth_comp_id 
_pdbx_struct_conn_angle.ptnr3_auth_seq_id 
_pdbx_struct_conn_angle.ptnr3_PDB_ins_code 
_pdbx_struct_conn_angle.ptnr3_symmetry 
_pdbx_struct_conn_angle.value 
_pdbx_struct_conn_angle.value_esd 
1  OD2 ? A ASP 51  ? A ASP 69  ? 1_555 ZN ? E ZN . ? A ZN 204 ? 1_555 O   ? B ACT .   ? A ACT 201 ? 1_555 90.8  ? 
2  OD2 ? A ASP 51  ? A ASP 69  ? 1_555 ZN ? E ZN . ? A ZN 204 ? 1_555 O   ? I HOH .   ? A HOH 402 ? 1_555 109.9 ? 
3  O   ? B ACT .   ? A ACT 201 ? 1_555 ZN ? E ZN . ? A ZN 204 ? 1_555 O   ? I HOH .   ? A HOH 402 ? 1_555 100.9 ? 
4  OE2 ? A GLU 88  ? A GLU 106 ? 1_555 ZN ? F ZN . ? A ZN 205 ? 1_555 OE1 ? A GLU 88  ? A GLU 106 ? 1_555 54.1  ? 
5  OE2 ? A GLU 88  ? A GLU 106 ? 1_555 ZN ? F ZN . ? A ZN 205 ? 1_555 O   ? I HOH .   ? A HOH 446 ? 1_555 93.2  ? 
6  OE1 ? A GLU 88  ? A GLU 106 ? 1_555 ZN ? F ZN . ? A ZN 205 ? 1_555 O   ? I HOH .   ? A HOH 446 ? 1_555 141.1 ? 
7  OE1 ? A GLU 106 ? A GLU 124 ? 1_555 NA ? H NA . ? A NA 207 ? 1_555 OE2 ? A GLU 106 ? A GLU 124 ? 1_555 53.3  ? 
8  OE1 ? A GLU 106 ? A GLU 124 ? 1_555 NA ? H NA . ? A NA 207 ? 1_555 O   ? I HOH .   ? A HOH 427 ? 1_555 97.5  ? 
9  OE2 ? A GLU 106 ? A GLU 124 ? 1_555 NA ? H NA . ? A NA 207 ? 1_555 O   ? I HOH .   ? A HOH 427 ? 1_555 102.0 ? 
10 OE1 ? A GLU 106 ? A GLU 124 ? 1_555 NA ? H NA . ? A NA 207 ? 1_555 O   ? I HOH .   ? A HOH 428 ? 1_555 105.0 ? 
11 OE2 ? A GLU 106 ? A GLU 124 ? 1_555 NA ? H NA . ? A NA 207 ? 1_555 O   ? I HOH .   ? A HOH 428 ? 1_555 154.1 ? 
12 O   ? I HOH .   ? A HOH 427 ? 1_555 NA ? H NA . ? A NA 207 ? 1_555 O   ? I HOH .   ? A HOH 428 ? 1_555 94.3  ? 
13 OE1 ? A GLU 106 ? A GLU 124 ? 1_555 NA ? H NA . ? A NA 207 ? 1_555 O   ? I HOH .   ? A HOH 429 ? 1_555 105.1 ? 
14 OE2 ? A GLU 106 ? A GLU 124 ? 1_555 NA ? H NA . ? A NA 207 ? 1_555 O   ? I HOH .   ? A HOH 429 ? 1_555 52.3  ? 
15 O   ? I HOH .   ? A HOH 427 ? 1_555 NA ? H NA . ? A NA 207 ? 1_555 O   ? I HOH .   ? A HOH 429 ? 1_555 90.0  ? 
16 O   ? I HOH .   ? A HOH 428 ? 1_555 NA ? H NA . ? A NA 207 ? 1_555 O   ? I HOH .   ? A HOH 429 ? 1_555 148.8 ? 
17 OD1 ? A ASP 119 ? A ASP 137 ? 1_555 ZN ? D ZN . ? A ZN 203 ? 1_555 OXT ? C ACT .   ? A ACT 202 ? 1_555 123.5 ? 
# 
loop_
_pdbx_modification_feature.ordinal 
_pdbx_modification_feature.label_comp_id 
_pdbx_modification_feature.label_asym_id 
_pdbx_modification_feature.label_seq_id 
_pdbx_modification_feature.label_alt_id 
_pdbx_modification_feature.modified_residue_label_comp_id 
_pdbx_modification_feature.modified_residue_label_asym_id 
_pdbx_modification_feature.modified_residue_label_seq_id 
_pdbx_modification_feature.modified_residue_label_alt_id 
_pdbx_modification_feature.auth_comp_id 
_pdbx_modification_feature.auth_asym_id 
_pdbx_modification_feature.auth_seq_id 
_pdbx_modification_feature.PDB_ins_code 
_pdbx_modification_feature.symmetry 
_pdbx_modification_feature.modified_residue_auth_comp_id 
_pdbx_modification_feature.modified_residue_auth_asym_id 
_pdbx_modification_feature.modified_residue_auth_seq_id 
_pdbx_modification_feature.modified_residue_PDB_ins_code 
_pdbx_modification_feature.modified_residue_symmetry 
_pdbx_modification_feature.comp_id_linking_atom 
_pdbx_modification_feature.modified_residue_id_linking_atom 
_pdbx_modification_feature.modified_residue_id 
_pdbx_modification_feature.ref_pcm_id 
_pdbx_modification_feature.ref_comp_id 
_pdbx_modification_feature.type 
_pdbx_modification_feature.category 
1 CSO A 45 ? .   . .   . CSO A 63 ? 1_555 .   . .   . .     .  .  CYS 1 CSO Hydroxylation 'Named protein modification' 
2 CYS A 23 ? CYS A 60  ? CYS A 41 ? 1_555 CYS A 78  ? 1_555 SG SG .   . .   None          'Disulfide bridge'           
3 CYS A 63 ? CYS A 123 ? CYS A 81 ? 1_555 CYS A 141 ? 1_555 SG SG .   . .   None          'Disulfide bridge'           
# 
loop_
_struct_mon_prot_cis.pdbx_id 
_struct_mon_prot_cis.label_comp_id 
_struct_mon_prot_cis.label_seq_id 
_struct_mon_prot_cis.label_asym_id 
_struct_mon_prot_cis.label_alt_id 
_struct_mon_prot_cis.pdbx_PDB_ins_code 
_struct_mon_prot_cis.auth_comp_id 
_struct_mon_prot_cis.auth_seq_id 
_struct_mon_prot_cis.auth_asym_id 
_struct_mon_prot_cis.pdbx_label_comp_id_2 
_struct_mon_prot_cis.pdbx_label_seq_id_2 
_struct_mon_prot_cis.pdbx_label_asym_id_2 
_struct_mon_prot_cis.pdbx_PDB_ins_code_2 
_struct_mon_prot_cis.pdbx_auth_comp_id_2 
_struct_mon_prot_cis.pdbx_auth_seq_id_2 
_struct_mon_prot_cis.pdbx_auth_asym_id_2 
_struct_mon_prot_cis.pdbx_PDB_model_num 
_struct_mon_prot_cis.pdbx_omega_angle 
1 TYR 31 A . ? TYR 49 A PRO 32 A ? PRO 50 A 1 8.55  
2 PHE 43 A . ? PHE 61 A PRO 44 A ? PRO 62 A 1 10.54 
# 
_struct_sheet.id               A 
_struct_sheet.type             ? 
_struct_sheet.number_strands   7 
_struct_sheet.details          ? 
# 
loop_
_struct_sheet_order.sheet_id 
_struct_sheet_order.range_id_1 
_struct_sheet_order.range_id_2 
_struct_sheet_order.offset 
_struct_sheet_order.sense 
A 1 2 ? parallel      
A 2 3 ? anti-parallel 
A 3 4 ? parallel      
A 4 5 ? anti-parallel 
A 5 6 ? anti-parallel 
A 6 7 ? anti-parallel 
# 
loop_
_struct_sheet_range.sheet_id 
_struct_sheet_range.id 
_struct_sheet_range.beg_label_comp_id 
_struct_sheet_range.beg_label_asym_id 
_struct_sheet_range.beg_label_seq_id 
_struct_sheet_range.pdbx_beg_PDB_ins_code 
_struct_sheet_range.end_label_comp_id 
_struct_sheet_range.end_label_asym_id 
_struct_sheet_range.end_label_seq_id 
_struct_sheet_range.pdbx_end_PDB_ins_code 
_struct_sheet_range.beg_auth_comp_id 
_struct_sheet_range.beg_auth_asym_id 
_struct_sheet_range.beg_auth_seq_id 
_struct_sheet_range.end_auth_comp_id 
_struct_sheet_range.end_auth_asym_id 
_struct_sheet_range.end_auth_seq_id 
A 1 VAL A 3   ? TYR A 7   ? VAL A 21  TYR A 25  
A 2 PHE A 90  ? ALA A 92  ? PHE A 108 ALA A 110 
A 3 ILE A 46  ? SER A 49  ? ILE A 64  SER A 67  
A 4 LYS A 76  ? ARG A 85  ? LYS A 94  ARG A 103 
A 5 CYS A 63  ? TYR A 68  ? CYS A 81  TYR A 86  
A 6 VAL A 111 ? VAL A 118 ? VAL A 129 VAL A 136 
A 7 VAL A 3   ? TYR A 7   ? VAL A 21  TYR A 25  
# 
loop_
_pdbx_struct_sheet_hbond.sheet_id 
_pdbx_struct_sheet_hbond.range_id_1 
_pdbx_struct_sheet_hbond.range_id_2 
_pdbx_struct_sheet_hbond.range_1_label_atom_id 
_pdbx_struct_sheet_hbond.range_1_label_comp_id 
_pdbx_struct_sheet_hbond.range_1_label_asym_id 
_pdbx_struct_sheet_hbond.range_1_label_seq_id 
_pdbx_struct_sheet_hbond.range_1_PDB_ins_code 
_pdbx_struct_sheet_hbond.range_1_auth_atom_id 
_pdbx_struct_sheet_hbond.range_1_auth_comp_id 
_pdbx_struct_sheet_hbond.range_1_auth_asym_id 
_pdbx_struct_sheet_hbond.range_1_auth_seq_id 
_pdbx_struct_sheet_hbond.range_2_label_atom_id 
_pdbx_struct_sheet_hbond.range_2_label_comp_id 
_pdbx_struct_sheet_hbond.range_2_label_asym_id 
_pdbx_struct_sheet_hbond.range_2_label_seq_id 
_pdbx_struct_sheet_hbond.range_2_PDB_ins_code 
_pdbx_struct_sheet_hbond.range_2_auth_atom_id 
_pdbx_struct_sheet_hbond.range_2_auth_comp_id 
_pdbx_struct_sheet_hbond.range_2_auth_asym_id 
_pdbx_struct_sheet_hbond.range_2_auth_seq_id 
A 1 2 N LYS A 4   ? N LYS A 22  O PHE A 90  ? O PHE A 108 
A 2 3 O THR A 91  ? O THR A 109 N GLY A 48  ? N GLY A 66  
A 3 4 N GLY A 47  ? N GLY A 65  O ILE A 83  ? O ILE A 101 
A 4 5 O MET A 80  ? O MET A 98  N TYR A 64  ? N TYR A 82  
A 5 6 N GLN A 65  ? N GLN A 83  O ARG A 116 ? O ARG A 134 
A 6 7 O VAL A 113 ? O VAL A 131 N VAL A 3   ? N VAL A 21  
# 
loop_
_struct_site.id 
_struct_site.pdbx_evidence_code 
_struct_site.pdbx_auth_asym_id 
_struct_site.pdbx_auth_comp_id 
_struct_site.pdbx_auth_seq_id 
_struct_site.pdbx_auth_ins_code 
_struct_site.pdbx_num_residues 
_struct_site.details 
AC1 Software A ACT 201 ? 9 'BINDING SITE FOR RESIDUE ACT A 201' 
AC2 Software A ACT 202 ? 7 'BINDING SITE FOR RESIDUE ACT A 202' 
AC3 Software A ZN  203 ? 4 'BINDING SITE FOR RESIDUE ZN A 203'  
AC4 Software A ZN  204 ? 5 'BINDING SITE FOR RESIDUE ZN A 204'  
AC5 Software A ZN  205 ? 3 'BINDING SITE FOR RESIDUE ZN A 205'  
AC6 Software A CL  206 ? 4 'BINDING SITE FOR RESIDUE CL A 206'  
AC7 Software A NA  207 ? 5 'BINDING SITE FOR RESIDUE NA A 207'  
# 
loop_
_struct_site_gen.id 
_struct_site_gen.site_id 
_struct_site_gen.pdbx_num_res 
_struct_site_gen.label_comp_id 
_struct_site_gen.label_asym_id 
_struct_site_gen.label_seq_id 
_struct_site_gen.pdbx_auth_ins_code 
_struct_site_gen.auth_comp_id 
_struct_site_gen.auth_asym_id 
_struct_site_gen.auth_seq_id 
_struct_site_gen.label_atom_id 
_struct_site_gen.label_alt_id 
_struct_site_gen.symmetry 
_struct_site_gen.details 
1  AC1 9 ASP A 51  ? ASP A 69  . ? 7_556 ? 
2  AC1 9 ASP A 51  ? ASP A 69  . ? 1_555 ? 
3  AC1 9 ASN A 59  ? ASN A 77  . ? 7_556 ? 
4  AC1 9 TYR A 64  ? TYR A 82  . ? 1_555 ? 
5  AC1 9 LYS A 117 ? LYS A 135 . ? 1_555 ? 
6  AC1 9 ZN  E .   ? ZN  A 204 . ? 1_555 ? 
7  AC1 9 CL  G .   ? CL  A 206 . ? 1_555 ? 
8  AC1 9 HOH I .   ? HOH A 304 . ? 1_555 ? 
9  AC1 9 HOH I .   ? HOH A 331 . ? 1_555 ? 
10 AC2 7 GLU A 27  ? GLU A 45  . ? 7_556 ? 
11 AC2 7 HIS A 72  ? HIS A 90  . ? 7_656 ? 
12 AC2 7 ARG A 104 ? ARG A 122 . ? 7_656 ? 
13 AC2 7 LEU A 108 ? LEU A 126 . ? 7_656 ? 
14 AC2 7 ASP A 119 ? ASP A 137 . ? 1_555 ? 
15 AC2 7 SER A 121 ? SER A 139 . ? 1_555 ? 
16 AC2 7 ZN  D .   ? ZN  A 203 . ? 1_555 ? 
17 AC3 4 GLU A 27  ? GLU A 45  . ? 7_556 ? 
18 AC3 4 HIS A 72  ? HIS A 90  . ? 7_656 ? 
19 AC3 4 ASP A 119 ? ASP A 137 . ? 1_555 ? 
20 AC3 4 ACT C .   ? ACT A 202 . ? 1_555 ? 
21 AC4 5 ASP A 51  ? ASP A 69  . ? 1_555 ? 
22 AC4 5 ACT B .   ? ACT A 201 . ? 1_555 ? 
23 AC4 5 CL  G .   ? CL  A 206 . ? 1_555 ? 
24 AC4 5 HOH I .   ? HOH A 402 . ? 7_556 ? 
25 AC4 5 HOH I .   ? HOH A 402 . ? 1_555 ? 
26 AC5 3 ASP A 25  ? ASP A 43  . ? 5_545 ? 
27 AC5 3 GLU A 88  ? GLU A 106 . ? 1_555 ? 
28 AC5 3 HOH I .   ? HOH A 446 . ? 1_555 ? 
29 AC6 4 PHE A 90  ? PHE A 108 . ? 1_555 ? 
30 AC6 4 ACT B .   ? ACT A 201 . ? 1_555 ? 
31 AC6 4 ZN  E .   ? ZN  A 204 . ? 1_555 ? 
32 AC6 4 HOH I .   ? HOH A 375 . ? 1_555 ? 
33 AC7 5 GLU A 106 ? GLU A 124 . ? 1_555 ? 
34 AC7 5 ASP A 114 ? ASP A 132 . ? 3_544 ? 
35 AC7 5 HOH I .   ? HOH A 427 . ? 1_555 ? 
36 AC7 5 HOH I .   ? HOH A 428 . ? 1_555 ? 
37 AC7 5 HOH I .   ? HOH A 429 . ? 1_555 ? 
# 
_pdbx_entry_details.entry_id                   3SUJ 
_pdbx_entry_details.compound_details           ? 
_pdbx_entry_details.source_details             ? 
_pdbx_entry_details.nonpolymer_details         ? 
_pdbx_entry_details.sequence_details           ? 
_pdbx_entry_details.has_ligand_of_interest     ? 
_pdbx_entry_details.has_protein_modification   Y 
# 
_pdbx_validate_symm_contact.id                1 
_pdbx_validate_symm_contact.PDB_model_num     1 
_pdbx_validate_symm_contact.auth_atom_id_1    NZ 
_pdbx_validate_symm_contact.auth_asym_id_1    A 
_pdbx_validate_symm_contact.auth_comp_id_1    LYS 
_pdbx_validate_symm_contact.auth_seq_id_1     22 
_pdbx_validate_symm_contact.PDB_ins_code_1    ? 
_pdbx_validate_symm_contact.label_alt_id_1    ? 
_pdbx_validate_symm_contact.site_symmetry_1   1_555 
_pdbx_validate_symm_contact.auth_atom_id_2    O 
_pdbx_validate_symm_contact.auth_asym_id_2    A 
_pdbx_validate_symm_contact.auth_comp_id_2    HOH 
_pdbx_validate_symm_contact.auth_seq_id_2     410 
_pdbx_validate_symm_contact.PDB_ins_code_2    ? 
_pdbx_validate_symm_contact.label_alt_id_2    ? 
_pdbx_validate_symm_contact.site_symmetry_2   5_545 
_pdbx_validate_symm_contact.dist              2.07 
# 
_pdbx_validate_rmsd_bond.id                        1 
_pdbx_validate_rmsd_bond.PDB_model_num             1 
_pdbx_validate_rmsd_bond.auth_atom_id_1            CB 
_pdbx_validate_rmsd_bond.auth_asym_id_1            A 
_pdbx_validate_rmsd_bond.auth_comp_id_1            SER 
_pdbx_validate_rmsd_bond.auth_seq_id_1             111 
_pdbx_validate_rmsd_bond.PDB_ins_code_1            ? 
_pdbx_validate_rmsd_bond.label_alt_id_1            ? 
_pdbx_validate_rmsd_bond.auth_atom_id_2            OG 
_pdbx_validate_rmsd_bond.auth_asym_id_2            A 
_pdbx_validate_rmsd_bond.auth_comp_id_2            SER 
_pdbx_validate_rmsd_bond.auth_seq_id_2             111 
_pdbx_validate_rmsd_bond.PDB_ins_code_2            ? 
_pdbx_validate_rmsd_bond.label_alt_id_2            ? 
_pdbx_validate_rmsd_bond.bond_value                1.554 
_pdbx_validate_rmsd_bond.bond_target_value         1.418 
_pdbx_validate_rmsd_bond.bond_deviation            0.136 
_pdbx_validate_rmsd_bond.bond_standard_deviation   0.013 
_pdbx_validate_rmsd_bond.linker_flag               N 
# 
_pdbx_validate_rmsd_angle.id                         1 
_pdbx_validate_rmsd_angle.PDB_model_num              1 
_pdbx_validate_rmsd_angle.auth_atom_id_1             CB 
_pdbx_validate_rmsd_angle.auth_asym_id_1             A 
_pdbx_validate_rmsd_angle.auth_comp_id_1             ARG 
_pdbx_validate_rmsd_angle.auth_seq_id_1              134 
_pdbx_validate_rmsd_angle.PDB_ins_code_1             ? 
_pdbx_validate_rmsd_angle.label_alt_id_1             ? 
_pdbx_validate_rmsd_angle.auth_atom_id_2             CG 
_pdbx_validate_rmsd_angle.auth_asym_id_2             A 
_pdbx_validate_rmsd_angle.auth_comp_id_2             ARG 
_pdbx_validate_rmsd_angle.auth_seq_id_2              134 
_pdbx_validate_rmsd_angle.PDB_ins_code_2             ? 
_pdbx_validate_rmsd_angle.label_alt_id_2             ? 
_pdbx_validate_rmsd_angle.auth_atom_id_3             CD 
_pdbx_validate_rmsd_angle.auth_asym_id_3             A 
_pdbx_validate_rmsd_angle.auth_comp_id_3             ARG 
_pdbx_validate_rmsd_angle.auth_seq_id_3              134 
_pdbx_validate_rmsd_angle.PDB_ins_code_3             ? 
_pdbx_validate_rmsd_angle.label_alt_id_3             ? 
_pdbx_validate_rmsd_angle.angle_value                93.16 
_pdbx_validate_rmsd_angle.angle_target_value         111.60 
_pdbx_validate_rmsd_angle.angle_deviation            -18.44 
_pdbx_validate_rmsd_angle.angle_standard_deviation   2.60 
_pdbx_validate_rmsd_angle.linker_flag                N 
# 
loop_
_pdbx_validate_torsion.id 
_pdbx_validate_torsion.PDB_model_num 
_pdbx_validate_torsion.auth_comp_id 
_pdbx_validate_torsion.auth_asym_id 
_pdbx_validate_torsion.auth_seq_id 
_pdbx_validate_torsion.PDB_ins_code 
_pdbx_validate_torsion.label_alt_id 
_pdbx_validate_torsion.phi 
_pdbx_validate_torsion.psi 
1 1 SER A 42  ? ? -76.17  -87.73  
2 1 ASP A 43  ? ? -121.12 -157.02 
3 1 LYS A 121 ? ? 75.93   32.45   
# 
_pdbx_struct_mod_residue.id               1 
_pdbx_struct_mod_residue.label_asym_id    A 
_pdbx_struct_mod_residue.label_comp_id    CSO 
_pdbx_struct_mod_residue.label_seq_id     45 
_pdbx_struct_mod_residue.auth_asym_id     A 
_pdbx_struct_mod_residue.auth_comp_id     CSO 
_pdbx_struct_mod_residue.auth_seq_id      63 
_pdbx_struct_mod_residue.PDB_ins_code     ? 
_pdbx_struct_mod_residue.parent_comp_id   CYS 
_pdbx_struct_mod_residue.details          S-HYDROXYCYSTEINE 
# 
_pdbx_struct_special_symmetry.id              1 
_pdbx_struct_special_symmetry.PDB_model_num   1 
_pdbx_struct_special_symmetry.auth_asym_id    A 
_pdbx_struct_special_symmetry.auth_comp_id    HOH 
_pdbx_struct_special_symmetry.auth_seq_id     402 
_pdbx_struct_special_symmetry.PDB_ins_code    ? 
_pdbx_struct_special_symmetry.label_asym_id   I 
_pdbx_struct_special_symmetry.label_comp_id   HOH 
_pdbx_struct_special_symmetry.label_seq_id    . 
# 
loop_
_pdbx_unobs_or_zero_occ_residues.id 
_pdbx_unobs_or_zero_occ_residues.PDB_model_num 
_pdbx_unobs_or_zero_occ_residues.polymer_flag 
_pdbx_unobs_or_zero_occ_residues.occupancy_flag 
_pdbx_unobs_or_zero_occ_residues.auth_asym_id 
_pdbx_unobs_or_zero_occ_residues.auth_comp_id 
_pdbx_unobs_or_zero_occ_residues.auth_seq_id 
_pdbx_unobs_or_zero_occ_residues.PDB_ins_code 
_pdbx_unobs_or_zero_occ_residues.label_asym_id 
_pdbx_unobs_or_zero_occ_residues.label_comp_id 
_pdbx_unobs_or_zero_occ_residues.label_seq_id 
1 1 Y 1 A SER 19  ? A SER 1   
2 1 Y 1 A ARG 143 ? A ARG 125 
3 1 Y 1 A LYS 144 ? A LYS 126 
4 1 Y 1 A SER 145 ? A SER 127 
# 
loop_
_chem_comp_atom.comp_id 
_chem_comp_atom.atom_id 
_chem_comp_atom.type_symbol 
_chem_comp_atom.pdbx_aromatic_flag 
_chem_comp_atom.pdbx_stereo_config 
_chem_comp_atom.pdbx_ordinal 
ACT C    C  N N 1   
ACT O    O  N N 2   
ACT OXT  O  N N 3   
ACT CH3  C  N N 4   
ACT H1   H  N N 5   
ACT H2   H  N N 6   
ACT H3   H  N N 7   
ALA N    N  N N 8   
ALA CA   C  N S 9   
ALA C    C  N N 10  
ALA O    O  N N 11  
ALA CB   C  N N 12  
ALA OXT  O  N N 13  
ALA H    H  N N 14  
ALA H2   H  N N 15  
ALA HA   H  N N 16  
ALA HB1  H  N N 17  
ALA HB2  H  N N 18  
ALA HB3  H  N N 19  
ALA HXT  H  N N 20  
ARG N    N  N N 21  
ARG CA   C  N S 22  
ARG C    C  N N 23  
ARG O    O  N N 24  
ARG CB   C  N N 25  
ARG CG   C  N N 26  
ARG CD   C  N N 27  
ARG NE   N  N N 28  
ARG CZ   C  N N 29  
ARG NH1  N  N N 30  
ARG NH2  N  N N 31  
ARG OXT  O  N N 32  
ARG H    H  N N 33  
ARG H2   H  N N 34  
ARG HA   H  N N 35  
ARG HB2  H  N N 36  
ARG HB3  H  N N 37  
ARG HG2  H  N N 38  
ARG HG3  H  N N 39  
ARG HD2  H  N N 40  
ARG HD3  H  N N 41  
ARG HE   H  N N 42  
ARG HH11 H  N N 43  
ARG HH12 H  N N 44  
ARG HH21 H  N N 45  
ARG HH22 H  N N 46  
ARG HXT  H  N N 47  
ASN N    N  N N 48  
ASN CA   C  N S 49  
ASN C    C  N N 50  
ASN O    O  N N 51  
ASN CB   C  N N 52  
ASN CG   C  N N 53  
ASN OD1  O  N N 54  
ASN ND2  N  N N 55  
ASN OXT  O  N N 56  
ASN H    H  N N 57  
ASN H2   H  N N 58  
ASN HA   H  N N 59  
ASN HB2  H  N N 60  
ASN HB3  H  N N 61  
ASN HD21 H  N N 62  
ASN HD22 H  N N 63  
ASN HXT  H  N N 64  
ASP N    N  N N 65  
ASP CA   C  N S 66  
ASP C    C  N N 67  
ASP O    O  N N 68  
ASP CB   C  N N 69  
ASP CG   C  N N 70  
ASP OD1  O  N N 71  
ASP OD2  O  N N 72  
ASP OXT  O  N N 73  
ASP H    H  N N 74  
ASP H2   H  N N 75  
ASP HA   H  N N 76  
ASP HB2  H  N N 77  
ASP HB3  H  N N 78  
ASP HD2  H  N N 79  
ASP HXT  H  N N 80  
CL  CL   CL N N 81  
CSO N    N  N N 82  
CSO CA   C  N R 83  
CSO CB   C  N N 84  
CSO SG   S  N N 85  
CSO C    C  N N 86  
CSO O    O  N N 87  
CSO OXT  O  N N 88  
CSO OD   O  N N 89  
CSO H    H  N N 90  
CSO H2   H  N N 91  
CSO HA   H  N N 92  
CSO HB2  H  N N 93  
CSO HB3  H  N N 94  
CSO HXT  H  N N 95  
CSO HD   H  N N 96  
CYS N    N  N N 97  
CYS CA   C  N R 98  
CYS C    C  N N 99  
CYS O    O  N N 100 
CYS CB   C  N N 101 
CYS SG   S  N N 102 
CYS OXT  O  N N 103 
CYS H    H  N N 104 
CYS H2   H  N N 105 
CYS HA   H  N N 106 
CYS HB2  H  N N 107 
CYS HB3  H  N N 108 
CYS HG   H  N N 109 
CYS HXT  H  N N 110 
GLN N    N  N N 111 
GLN CA   C  N S 112 
GLN C    C  N N 113 
GLN O    O  N N 114 
GLN CB   C  N N 115 
GLN CG   C  N N 116 
GLN CD   C  N N 117 
GLN OE1  O  N N 118 
GLN NE2  N  N N 119 
GLN OXT  O  N N 120 
GLN H    H  N N 121 
GLN H2   H  N N 122 
GLN HA   H  N N 123 
GLN HB2  H  N N 124 
GLN HB3  H  N N 125 
GLN HG2  H  N N 126 
GLN HG3  H  N N 127 
GLN HE21 H  N N 128 
GLN HE22 H  N N 129 
GLN HXT  H  N N 130 
GLU N    N  N N 131 
GLU CA   C  N S 132 
GLU C    C  N N 133 
GLU O    O  N N 134 
GLU CB   C  N N 135 
GLU CG   C  N N 136 
GLU CD   C  N N 137 
GLU OE1  O  N N 138 
GLU OE2  O  N N 139 
GLU OXT  O  N N 140 
GLU H    H  N N 141 
GLU H2   H  N N 142 
GLU HA   H  N N 143 
GLU HB2  H  N N 144 
GLU HB3  H  N N 145 
GLU HG2  H  N N 146 
GLU HG3  H  N N 147 
GLU HE2  H  N N 148 
GLU HXT  H  N N 149 
GLY N    N  N N 150 
GLY CA   C  N N 151 
GLY C    C  N N 152 
GLY O    O  N N 153 
GLY OXT  O  N N 154 
GLY H    H  N N 155 
GLY H2   H  N N 156 
GLY HA2  H  N N 157 
GLY HA3  H  N N 158 
GLY HXT  H  N N 159 
HIS N    N  N N 160 
HIS CA   C  N S 161 
HIS C    C  N N 162 
HIS O    O  N N 163 
HIS CB   C  N N 164 
HIS CG   C  Y N 165 
HIS ND1  N  Y N 166 
HIS CD2  C  Y N 167 
HIS CE1  C  Y N 168 
HIS NE2  N  Y N 169 
HIS OXT  O  N N 170 
HIS H    H  N N 171 
HIS H2   H  N N 172 
HIS HA   H  N N 173 
HIS HB2  H  N N 174 
HIS HB3  H  N N 175 
HIS HD1  H  N N 176 
HIS HD2  H  N N 177 
HIS HE1  H  N N 178 
HIS HE2  H  N N 179 
HIS HXT  H  N N 180 
HOH O    O  N N 181 
HOH H1   H  N N 182 
HOH H2   H  N N 183 
ILE N    N  N N 184 
ILE CA   C  N S 185 
ILE C    C  N N 186 
ILE O    O  N N 187 
ILE CB   C  N S 188 
ILE CG1  C  N N 189 
ILE CG2  C  N N 190 
ILE CD1  C  N N 191 
ILE OXT  O  N N 192 
ILE H    H  N N 193 
ILE H2   H  N N 194 
ILE HA   H  N N 195 
ILE HB   H  N N 196 
ILE HG12 H  N N 197 
ILE HG13 H  N N 198 
ILE HG21 H  N N 199 
ILE HG22 H  N N 200 
ILE HG23 H  N N 201 
ILE HD11 H  N N 202 
ILE HD12 H  N N 203 
ILE HD13 H  N N 204 
ILE HXT  H  N N 205 
LEU N    N  N N 206 
LEU CA   C  N S 207 
LEU C    C  N N 208 
LEU O    O  N N 209 
LEU CB   C  N N 210 
LEU CG   C  N N 211 
LEU CD1  C  N N 212 
LEU CD2  C  N N 213 
LEU OXT  O  N N 214 
LEU H    H  N N 215 
LEU H2   H  N N 216 
LEU HA   H  N N 217 
LEU HB2  H  N N 218 
LEU HB3  H  N N 219 
LEU HG   H  N N 220 
LEU HD11 H  N N 221 
LEU HD12 H  N N 222 
LEU HD13 H  N N 223 
LEU HD21 H  N N 224 
LEU HD22 H  N N 225 
LEU HD23 H  N N 226 
LEU HXT  H  N N 227 
LYS N    N  N N 228 
LYS CA   C  N S 229 
LYS C    C  N N 230 
LYS O    O  N N 231 
LYS CB   C  N N 232 
LYS CG   C  N N 233 
LYS CD   C  N N 234 
LYS CE   C  N N 235 
LYS NZ   N  N N 236 
LYS OXT  O  N N 237 
LYS H    H  N N 238 
LYS H2   H  N N 239 
LYS HA   H  N N 240 
LYS HB2  H  N N 241 
LYS HB3  H  N N 242 
LYS HG2  H  N N 243 
LYS HG3  H  N N 244 
LYS HD2  H  N N 245 
LYS HD3  H  N N 246 
LYS HE2  H  N N 247 
LYS HE3  H  N N 248 
LYS HZ1  H  N N 249 
LYS HZ2  H  N N 250 
LYS HZ3  H  N N 251 
LYS HXT  H  N N 252 
MET N    N  N N 253 
MET CA   C  N S 254 
MET C    C  N N 255 
MET O    O  N N 256 
MET CB   C  N N 257 
MET CG   C  N N 258 
MET SD   S  N N 259 
MET CE   C  N N 260 
MET OXT  O  N N 261 
MET H    H  N N 262 
MET H2   H  N N 263 
MET HA   H  N N 264 
MET HB2  H  N N 265 
MET HB3  H  N N 266 
MET HG2  H  N N 267 
MET HG3  H  N N 268 
MET HE1  H  N N 269 
MET HE2  H  N N 270 
MET HE3  H  N N 271 
MET HXT  H  N N 272 
NA  NA   NA N N 273 
PHE N    N  N N 274 
PHE CA   C  N S 275 
PHE C    C  N N 276 
PHE O    O  N N 277 
PHE CB   C  N N 278 
PHE CG   C  Y N 279 
PHE CD1  C  Y N 280 
PHE CD2  C  Y N 281 
PHE CE1  C  Y N 282 
PHE CE2  C  Y N 283 
PHE CZ   C  Y N 284 
PHE OXT  O  N N 285 
PHE H    H  N N 286 
PHE H2   H  N N 287 
PHE HA   H  N N 288 
PHE HB2  H  N N 289 
PHE HB3  H  N N 290 
PHE HD1  H  N N 291 
PHE HD2  H  N N 292 
PHE HE1  H  N N 293 
PHE HE2  H  N N 294 
PHE HZ   H  N N 295 
PHE HXT  H  N N 296 
PRO N    N  N N 297 
PRO CA   C  N S 298 
PRO C    C  N N 299 
PRO O    O  N N 300 
PRO CB   C  N N 301 
PRO CG   C  N N 302 
PRO CD   C  N N 303 
PRO OXT  O  N N 304 
PRO H    H  N N 305 
PRO HA   H  N N 306 
PRO HB2  H  N N 307 
PRO HB3  H  N N 308 
PRO HG2  H  N N 309 
PRO HG3  H  N N 310 
PRO HD2  H  N N 311 
PRO HD3  H  N N 312 
PRO HXT  H  N N 313 
SER N    N  N N 314 
SER CA   C  N S 315 
SER C    C  N N 316 
SER O    O  N N 317 
SER CB   C  N N 318 
SER OG   O  N N 319 
SER OXT  O  N N 320 
SER H    H  N N 321 
SER H2   H  N N 322 
SER HA   H  N N 323 
SER HB2  H  N N 324 
SER HB3  H  N N 325 
SER HG   H  N N 326 
SER HXT  H  N N 327 
THR N    N  N N 328 
THR CA   C  N S 329 
THR C    C  N N 330 
THR O    O  N N 331 
THR CB   C  N R 332 
THR OG1  O  N N 333 
THR CG2  C  N N 334 
THR OXT  O  N N 335 
THR H    H  N N 336 
THR H2   H  N N 337 
THR HA   H  N N 338 
THR HB   H  N N 339 
THR HG1  H  N N 340 
THR HG21 H  N N 341 
THR HG22 H  N N 342 
THR HG23 H  N N 343 
THR HXT  H  N N 344 
TYR N    N  N N 345 
TYR CA   C  N S 346 
TYR C    C  N N 347 
TYR O    O  N N 348 
TYR CB   C  N N 349 
TYR CG   C  Y N 350 
TYR CD1  C  Y N 351 
TYR CD2  C  Y N 352 
TYR CE1  C  Y N 353 
TYR CE2  C  Y N 354 
TYR CZ   C  Y N 355 
TYR OH   O  N N 356 
TYR OXT  O  N N 357 
TYR H    H  N N 358 
TYR H2   H  N N 359 
TYR HA   H  N N 360 
TYR HB2  H  N N 361 
TYR HB3  H  N N 362 
TYR HD1  H  N N 363 
TYR HD2  H  N N 364 
TYR HE1  H  N N 365 
TYR HE2  H  N N 366 
TYR HH   H  N N 367 
TYR HXT  H  N N 368 
VAL N    N  N N 369 
VAL CA   C  N S 370 
VAL C    C  N N 371 
VAL O    O  N N 372 
VAL CB   C  N N 373 
VAL CG1  C  N N 374 
VAL CG2  C  N N 375 
VAL OXT  O  N N 376 
VAL H    H  N N 377 
VAL H2   H  N N 378 
VAL HA   H  N N 379 
VAL HB   H  N N 380 
VAL HG11 H  N N 381 
VAL HG12 H  N N 382 
VAL HG13 H  N N 383 
VAL HG21 H  N N 384 
VAL HG22 H  N N 385 
VAL HG23 H  N N 386 
VAL HXT  H  N N 387 
ZN  ZN   ZN N N 388 
# 
loop_
_chem_comp_bond.comp_id 
_chem_comp_bond.atom_id_1 
_chem_comp_bond.atom_id_2 
_chem_comp_bond.value_order 
_chem_comp_bond.pdbx_aromatic_flag 
_chem_comp_bond.pdbx_stereo_config 
_chem_comp_bond.pdbx_ordinal 
ACT C   O    doub N N 1   
ACT C   OXT  sing N N 2   
ACT C   CH3  sing N N 3   
ACT CH3 H1   sing N N 4   
ACT CH3 H2   sing N N 5   
ACT CH3 H3   sing N N 6   
ALA N   CA   sing N N 7   
ALA N   H    sing N N 8   
ALA N   H2   sing N N 9   
ALA CA  C    sing N N 10  
ALA CA  CB   sing N N 11  
ALA CA  HA   sing N N 12  
ALA C   O    doub N N 13  
ALA C   OXT  sing N N 14  
ALA CB  HB1  sing N N 15  
ALA CB  HB2  sing N N 16  
ALA CB  HB3  sing N N 17  
ALA OXT HXT  sing N N 18  
ARG N   CA   sing N N 19  
ARG N   H    sing N N 20  
ARG N   H2   sing N N 21  
ARG CA  C    sing N N 22  
ARG CA  CB   sing N N 23  
ARG CA  HA   sing N N 24  
ARG C   O    doub N N 25  
ARG C   OXT  sing N N 26  
ARG CB  CG   sing N N 27  
ARG CB  HB2  sing N N 28  
ARG CB  HB3  sing N N 29  
ARG CG  CD   sing N N 30  
ARG CG  HG2  sing N N 31  
ARG CG  HG3  sing N N 32  
ARG CD  NE   sing N N 33  
ARG CD  HD2  sing N N 34  
ARG CD  HD3  sing N N 35  
ARG NE  CZ   sing N N 36  
ARG NE  HE   sing N N 37  
ARG CZ  NH1  sing N N 38  
ARG CZ  NH2  doub N N 39  
ARG NH1 HH11 sing N N 40  
ARG NH1 HH12 sing N N 41  
ARG NH2 HH21 sing N N 42  
ARG NH2 HH22 sing N N 43  
ARG OXT HXT  sing N N 44  
ASN N   CA   sing N N 45  
ASN N   H    sing N N 46  
ASN N   H2   sing N N 47  
ASN CA  C    sing N N 48  
ASN CA  CB   sing N N 49  
ASN CA  HA   sing N N 50  
ASN C   O    doub N N 51  
ASN C   OXT  sing N N 52  
ASN CB  CG   sing N N 53  
ASN CB  HB2  sing N N 54  
ASN CB  HB3  sing N N 55  
ASN CG  OD1  doub N N 56  
ASN CG  ND2  sing N N 57  
ASN ND2 HD21 sing N N 58  
ASN ND2 HD22 sing N N 59  
ASN OXT HXT  sing N N 60  
ASP N   CA   sing N N 61  
ASP N   H    sing N N 62  
ASP N   H2   sing N N 63  
ASP CA  C    sing N N 64  
ASP CA  CB   sing N N 65  
ASP CA  HA   sing N N 66  
ASP C   O    doub N N 67  
ASP C   OXT  sing N N 68  
ASP CB  CG   sing N N 69  
ASP CB  HB2  sing N N 70  
ASP CB  HB3  sing N N 71  
ASP CG  OD1  doub N N 72  
ASP CG  OD2  sing N N 73  
ASP OD2 HD2  sing N N 74  
ASP OXT HXT  sing N N 75  
CSO N   CA   sing N N 76  
CSO N   H    sing N N 77  
CSO N   H2   sing N N 78  
CSO CA  CB   sing N N 79  
CSO CA  C    sing N N 80  
CSO CA  HA   sing N N 81  
CSO CB  SG   sing N N 82  
CSO CB  HB2  sing N N 83  
CSO CB  HB3  sing N N 84  
CSO SG  OD   sing N N 85  
CSO C   O    doub N N 86  
CSO C   OXT  sing N N 87  
CSO OXT HXT  sing N N 88  
CSO OD  HD   sing N N 89  
CYS N   CA   sing N N 90  
CYS N   H    sing N N 91  
CYS N   H2   sing N N 92  
CYS CA  C    sing N N 93  
CYS CA  CB   sing N N 94  
CYS CA  HA   sing N N 95  
CYS C   O    doub N N 96  
CYS C   OXT  sing N N 97  
CYS CB  SG   sing N N 98  
CYS CB  HB2  sing N N 99  
CYS CB  HB3  sing N N 100 
CYS SG  HG   sing N N 101 
CYS OXT HXT  sing N N 102 
GLN N   CA   sing N N 103 
GLN N   H    sing N N 104 
GLN N   H2   sing N N 105 
GLN CA  C    sing N N 106 
GLN CA  CB   sing N N 107 
GLN CA  HA   sing N N 108 
GLN C   O    doub N N 109 
GLN C   OXT  sing N N 110 
GLN CB  CG   sing N N 111 
GLN CB  HB2  sing N N 112 
GLN CB  HB3  sing N N 113 
GLN CG  CD   sing N N 114 
GLN CG  HG2  sing N N 115 
GLN CG  HG3  sing N N 116 
GLN CD  OE1  doub N N 117 
GLN CD  NE2  sing N N 118 
GLN NE2 HE21 sing N N 119 
GLN NE2 HE22 sing N N 120 
GLN OXT HXT  sing N N 121 
GLU N   CA   sing N N 122 
GLU N   H    sing N N 123 
GLU N   H2   sing N N 124 
GLU CA  C    sing N N 125 
GLU CA  CB   sing N N 126 
GLU CA  HA   sing N N 127 
GLU C   O    doub N N 128 
GLU C   OXT  sing N N 129 
GLU CB  CG   sing N N 130 
GLU CB  HB2  sing N N 131 
GLU CB  HB3  sing N N 132 
GLU CG  CD   sing N N 133 
GLU CG  HG2  sing N N 134 
GLU CG  HG3  sing N N 135 
GLU CD  OE1  doub N N 136 
GLU CD  OE2  sing N N 137 
GLU OE2 HE2  sing N N 138 
GLU OXT HXT  sing N N 139 
GLY N   CA   sing N N 140 
GLY N   H    sing N N 141 
GLY N   H2   sing N N 142 
GLY CA  C    sing N N 143 
GLY CA  HA2  sing N N 144 
GLY CA  HA3  sing N N 145 
GLY C   O    doub N N 146 
GLY C   OXT  sing N N 147 
GLY OXT HXT  sing N N 148 
HIS N   CA   sing N N 149 
HIS N   H    sing N N 150 
HIS N   H2   sing N N 151 
HIS CA  C    sing N N 152 
HIS CA  CB   sing N N 153 
HIS CA  HA   sing N N 154 
HIS C   O    doub N N 155 
HIS C   OXT  sing N N 156 
HIS CB  CG   sing N N 157 
HIS CB  HB2  sing N N 158 
HIS CB  HB3  sing N N 159 
HIS CG  ND1  sing Y N 160 
HIS CG  CD2  doub Y N 161 
HIS ND1 CE1  doub Y N 162 
HIS ND1 HD1  sing N N 163 
HIS CD2 NE2  sing Y N 164 
HIS CD2 HD2  sing N N 165 
HIS CE1 NE2  sing Y N 166 
HIS CE1 HE1  sing N N 167 
HIS NE2 HE2  sing N N 168 
HIS OXT HXT  sing N N 169 
HOH O   H1   sing N N 170 
HOH O   H2   sing N N 171 
ILE N   CA   sing N N 172 
ILE N   H    sing N N 173 
ILE N   H2   sing N N 174 
ILE CA  C    sing N N 175 
ILE CA  CB   sing N N 176 
ILE CA  HA   sing N N 177 
ILE C   O    doub N N 178 
ILE C   OXT  sing N N 179 
ILE CB  CG1  sing N N 180 
ILE CB  CG2  sing N N 181 
ILE CB  HB   sing N N 182 
ILE CG1 CD1  sing N N 183 
ILE CG1 HG12 sing N N 184 
ILE CG1 HG13 sing N N 185 
ILE CG2 HG21 sing N N 186 
ILE CG2 HG22 sing N N 187 
ILE CG2 HG23 sing N N 188 
ILE CD1 HD11 sing N N 189 
ILE CD1 HD12 sing N N 190 
ILE CD1 HD13 sing N N 191 
ILE OXT HXT  sing N N 192 
LEU N   CA   sing N N 193 
LEU N   H    sing N N 194 
LEU N   H2   sing N N 195 
LEU CA  C    sing N N 196 
LEU CA  CB   sing N N 197 
LEU CA  HA   sing N N 198 
LEU C   O    doub N N 199 
LEU C   OXT  sing N N 200 
LEU CB  CG   sing N N 201 
LEU CB  HB2  sing N N 202 
LEU CB  HB3  sing N N 203 
LEU CG  CD1  sing N N 204 
LEU CG  CD2  sing N N 205 
LEU CG  HG   sing N N 206 
LEU CD1 HD11 sing N N 207 
LEU CD1 HD12 sing N N 208 
LEU CD1 HD13 sing N N 209 
LEU CD2 HD21 sing N N 210 
LEU CD2 HD22 sing N N 211 
LEU CD2 HD23 sing N N 212 
LEU OXT HXT  sing N N 213 
LYS N   CA   sing N N 214 
LYS N   H    sing N N 215 
LYS N   H2   sing N N 216 
LYS CA  C    sing N N 217 
LYS CA  CB   sing N N 218 
LYS CA  HA   sing N N 219 
LYS C   O    doub N N 220 
LYS C   OXT  sing N N 221 
LYS CB  CG   sing N N 222 
LYS CB  HB2  sing N N 223 
LYS CB  HB3  sing N N 224 
LYS CG  CD   sing N N 225 
LYS CG  HG2  sing N N 226 
LYS CG  HG3  sing N N 227 
LYS CD  CE   sing N N 228 
LYS CD  HD2  sing N N 229 
LYS CD  HD3  sing N N 230 
LYS CE  NZ   sing N N 231 
LYS CE  HE2  sing N N 232 
LYS CE  HE3  sing N N 233 
LYS NZ  HZ1  sing N N 234 
LYS NZ  HZ2  sing N N 235 
LYS NZ  HZ3  sing N N 236 
LYS OXT HXT  sing N N 237 
MET N   CA   sing N N 238 
MET N   H    sing N N 239 
MET N   H2   sing N N 240 
MET CA  C    sing N N 241 
MET CA  CB   sing N N 242 
MET CA  HA   sing N N 243 
MET C   O    doub N N 244 
MET C   OXT  sing N N 245 
MET CB  CG   sing N N 246 
MET CB  HB2  sing N N 247 
MET CB  HB3  sing N N 248 
MET CG  SD   sing N N 249 
MET CG  HG2  sing N N 250 
MET CG  HG3  sing N N 251 
MET SD  CE   sing N N 252 
MET CE  HE1  sing N N 253 
MET CE  HE2  sing N N 254 
MET CE  HE3  sing N N 255 
MET OXT HXT  sing N N 256 
PHE N   CA   sing N N 257 
PHE N   H    sing N N 258 
PHE N   H2   sing N N 259 
PHE CA  C    sing N N 260 
PHE CA  CB   sing N N 261 
PHE CA  HA   sing N N 262 
PHE C   O    doub N N 263 
PHE C   OXT  sing N N 264 
PHE CB  CG   sing N N 265 
PHE CB  HB2  sing N N 266 
PHE CB  HB3  sing N N 267 
PHE CG  CD1  doub Y N 268 
PHE CG  CD2  sing Y N 269 
PHE CD1 CE1  sing Y N 270 
PHE CD1 HD1  sing N N 271 
PHE CD2 CE2  doub Y N 272 
PHE CD2 HD2  sing N N 273 
PHE CE1 CZ   doub Y N 274 
PHE CE1 HE1  sing N N 275 
PHE CE2 CZ   sing Y N 276 
PHE CE2 HE2  sing N N 277 
PHE CZ  HZ   sing N N 278 
PHE OXT HXT  sing N N 279 
PRO N   CA   sing N N 280 
PRO N   CD   sing N N 281 
PRO N   H    sing N N 282 
PRO CA  C    sing N N 283 
PRO CA  CB   sing N N 284 
PRO CA  HA   sing N N 285 
PRO C   O    doub N N 286 
PRO C   OXT  sing N N 287 
PRO CB  CG   sing N N 288 
PRO CB  HB2  sing N N 289 
PRO CB  HB3  sing N N 290 
PRO CG  CD   sing N N 291 
PRO CG  HG2  sing N N 292 
PRO CG  HG3  sing N N 293 
PRO CD  HD2  sing N N 294 
PRO CD  HD3  sing N N 295 
PRO OXT HXT  sing N N 296 
SER N   CA   sing N N 297 
SER N   H    sing N N 298 
SER N   H2   sing N N 299 
SER CA  C    sing N N 300 
SER CA  CB   sing N N 301 
SER CA  HA   sing N N 302 
SER C   O    doub N N 303 
SER C   OXT  sing N N 304 
SER CB  OG   sing N N 305 
SER CB  HB2  sing N N 306 
SER CB  HB3  sing N N 307 
SER OG  HG   sing N N 308 
SER OXT HXT  sing N N 309 
THR N   CA   sing N N 310 
THR N   H    sing N N 311 
THR N   H2   sing N N 312 
THR CA  C    sing N N 313 
THR CA  CB   sing N N 314 
THR CA  HA   sing N N 315 
THR C   O    doub N N 316 
THR C   OXT  sing N N 317 
THR CB  OG1  sing N N 318 
THR CB  CG2  sing N N 319 
THR CB  HB   sing N N 320 
THR OG1 HG1  sing N N 321 
THR CG2 HG21 sing N N 322 
THR CG2 HG22 sing N N 323 
THR CG2 HG23 sing N N 324 
THR OXT HXT  sing N N 325 
TYR N   CA   sing N N 326 
TYR N   H    sing N N 327 
TYR N   H2   sing N N 328 
TYR CA  C    sing N N 329 
TYR CA  CB   sing N N 330 
TYR CA  HA   sing N N 331 
TYR C   O    doub N N 332 
TYR C   OXT  sing N N 333 
TYR CB  CG   sing N N 334 
TYR CB  HB2  sing N N 335 
TYR CB  HB3  sing N N 336 
TYR CG  CD1  doub Y N 337 
TYR CG  CD2  sing Y N 338 
TYR CD1 CE1  sing Y N 339 
TYR CD1 HD1  sing N N 340 
TYR CD2 CE2  doub Y N 341 
TYR CD2 HD2  sing N N 342 
TYR CE1 CZ   doub Y N 343 
TYR CE1 HE1  sing N N 344 
TYR CE2 CZ   sing Y N 345 
TYR CE2 HE2  sing N N 346 
TYR CZ  OH   sing N N 347 
TYR OH  HH   sing N N 348 
TYR OXT HXT  sing N N 349 
VAL N   CA   sing N N 350 
VAL N   H    sing N N 351 
VAL N   H2   sing N N 352 
VAL CA  C    sing N N 353 
VAL CA  CB   sing N N 354 
VAL CA  HA   sing N N 355 
VAL C   O    doub N N 356 
VAL C   OXT  sing N N 357 
VAL CB  CG1  sing N N 358 
VAL CB  CG2  sing N N 359 
VAL CB  HB   sing N N 360 
VAL CG1 HG11 sing N N 361 
VAL CG1 HG12 sing N N 362 
VAL CG1 HG13 sing N N 363 
VAL CG2 HG21 sing N N 364 
VAL CG2 HG22 sing N N 365 
VAL CG2 HG23 sing N N 366 
VAL OXT HXT  sing N N 367 
# 
_atom_sites.entry_id                    3SUJ 
_atom_sites.fract_transf_matrix[1][1]   -0.00178503 
_atom_sites.fract_transf_matrix[1][2]   0.01139192 
_atom_sites.fract_transf_matrix[1][3]   -0.01883574 
_atom_sites.fract_transf_matrix[2][1]   -0.02096649 
_atom_sites.fract_transf_matrix[2][2]   -0.00663664 
_atom_sites.fract_transf_matrix[2][3]   -0.00202691 
_atom_sites.fract_transf_matrix[3][1]   -0.00287875 
_atom_sites.fract_transf_matrix[3][2]   0.00760625 
_atom_sites.fract_transf_matrix[3][3]   0.00487310 
_atom_sites.fract_transf_vector[1]      0.470851 
_atom_sites.fract_transf_vector[2]      0.148423 
_atom_sites.fract_transf_vector[3]      0.417310 
# 
loop_
_atom_type.symbol 
C  
CL 
N  
NA 
O  
S  
ZN 
# 
loop_
_atom_site.group_PDB 
_atom_site.id 
_atom_site.type_symbol 
_atom_site.label_atom_id 
_atom_site.label_alt_id 
_atom_site.label_comp_id 
_atom_site.label_asym_id 
_atom_site.label_entity_id 
_atom_site.label_seq_id 
_atom_site.pdbx_PDB_ins_code 
_atom_site.Cartn_x 
_atom_site.Cartn_y 
_atom_site.Cartn_z 
_atom_site.occupancy 
_atom_site.B_iso_or_equiv 
_atom_site.pdbx_formal_charge 
_atom_site.auth_seq_id 
_atom_site.auth_comp_id 
_atom_site.auth_asym_id 
_atom_site.auth_atom_id 
_atom_site.pdbx_PDB_model_num 
ATOM   1    N  N   . ALA A 1 2   ? 3.155   5.634   15.442  1.00 20.60 ? 20  ALA A N   1 
ATOM   2    C  CA  . ALA A 1 2   ? 3.583   5.184   14.077  1.00 18.42 ? 20  ALA A CA  1 
ATOM   3    C  C   . ALA A 1 2   ? 3.419   3.655   13.887  1.00 16.39 ? 20  ALA A C   1 
ATOM   4    O  O   . ALA A 1 2   ? 3.117   2.845   14.816  1.00 20.10 ? 20  ALA A O   1 
ATOM   5    C  CB  . ALA A 1 2   ? 5.037   5.593   13.883  1.00 21.32 ? 20  ALA A CB  1 
ATOM   6    N  N   . VAL A 1 3   ? 3.555   3.296   12.623  1.00 12.24 ? 21  VAL A N   1 
ATOM   7    C  CA  A VAL A 1 3   ? 3.470   1.886   12.257  0.50 10.59 ? 21  VAL A CA  1 
ATOM   8    C  CA  B VAL A 1 3   ? 3.327   1.974   12.145  0.50 11.82 ? 21  VAL A CA  1 
ATOM   9    C  C   . VAL A 1 3   ? 4.543   1.607   11.263  1.00 9.91  ? 21  VAL A C   1 
ATOM   10   O  O   . VAL A 1 3   ? 5.181   2.488   10.708  1.00 11.06 ? 21  VAL A O   1 
ATOM   11   C  CB  A VAL A 1 3   ? 2.128   1.529   11.578  0.50 11.17 ? 21  VAL A CB  1 
ATOM   12   C  CB  B VAL A 1 3   ? 1.957   2.087   11.400  0.50 12.75 ? 21  VAL A CB  1 
ATOM   13   C  CG1 A VAL A 1 3   ? 0.955   1.639   12.610  0.50 14.77 ? 21  VAL A CG1 1 
ATOM   14   C  CG1 B VAL A 1 3   ? 1.601   0.902   10.618  0.50 15.65 ? 21  VAL A CG1 1 
ATOM   15   C  CG2 A VAL A 1 3   ? 1.994   2.402   10.269  0.50 10.74 ? 21  VAL A CG2 1 
ATOM   16   C  CG2 B VAL A 1 3   ? 0.844   2.383   12.415  0.50 14.14 ? 21  VAL A CG2 1 
ATOM   17   N  N   . LYS A 1 4   ? 4.798   0.335   11.100  1.00 8.17  ? 22  LYS A N   1 
ATOM   18   C  CA  . LYS A 1 4   ? 5.828   -0.110  10.173  1.00 9.80  ? 22  LYS A CA  1 
ATOM   19   C  C   . LYS A 1 4   ? 5.397   -0.115  8.744   1.00 8.69  ? 22  LYS A C   1 
ATOM   20   O  O   . LYS A 1 4   ? 4.251   -0.507  8.429   1.00 11.02 ? 22  LYS A O   1 
ATOM   21   C  CB  . LYS A 1 4   ? 6.238   -1.537  10.535  1.00 11.51 ? 22  LYS A CB  1 
ATOM   22   C  CG  . LYS A 1 4   ? 6.971   -1.617  11.857  1.00 15.14 ? 22  LYS A CG  1 
ATOM   23   C  CD  . LYS A 1 4   ? 7.390   -3.098  12.095  1.00 18.89 ? 22  LYS A CD  1 
ATOM   24   C  CE  . LYS A 1 4   ? 7.640   -3.247  13.550  1.00 28.06 ? 22  LYS A CE  1 
ATOM   25   N  NZ  . LYS A 1 4   ? 8.979   -3.770  13.939  1.00 28.74 ? 22  LYS A NZ  1 
ATOM   26   N  N   . LEU A 1 5   ? 6.289   0.259   7.865   1.00 7.64  ? 23  LEU A N   1 
ATOM   27   C  CA  . LEU A 1 5   ? 6.122   0.147   6.427   1.00 8.12  ? 23  LEU A CA  1 
ATOM   28   C  C   . LEU A 1 5   ? 7.309   -0.650  5.848   1.00 7.59  ? 23  LEU A C   1 
ATOM   29   O  O   . LEU A 1 5   ? 8.459   -0.244  6.017   1.00 8.54  ? 23  LEU A O   1 
ATOM   30   C  CB  . LEU A 1 5   ? 6.038   1.530   5.767   1.00 8.23  ? 23  LEU A CB  1 
ATOM   31   C  CG  . LEU A 1 5   ? 6.017   1.436   4.239   1.00 10.27 ? 23  LEU A CG  1 
ATOM   32   C  CD1 . LEU A 1 5   ? 4.787   0.824   3.684   1.00 9.78  ? 23  LEU A CD1 1 
ATOM   33   C  CD2 . LEU A 1 5   ? 6.210   2.794   3.640   1.00 14.28 ? 23  LEU A CD2 1 
ATOM   34   N  N   . SER A 1 6   ? 6.963   -1.677  5.105   1.00 7.22  ? 24  SER A N   1 
ATOM   35   C  CA  . SER A 1 6   ? 7.934   -2.531  4.377   1.00 8.54  ? 24  SER A CA  1 
ATOM   36   C  C   . SER A 1 6   ? 7.576   -2.497  2.937   1.00 8.07  ? 24  SER A C   1 
ATOM   37   O  O   . SER A 1 6   ? 6.587   -1.826  2.553   1.00 7.80  ? 24  SER A O   1 
ATOM   38   C  CB  . SER A 1 6   ? 7.834   -3.948  4.884   1.00 9.82  ? 24  SER A CB  1 
ATOM   39   O  OG  . SER A 1 6   ? 8.200   -3.915  6.295   1.00 11.92 ? 24  SER A OG  1 
ATOM   40   N  N   . TYR A 1 7   ? 8.323   -3.202  2.086   1.00 7.96  ? 25  TYR A N   1 
ATOM   41   C  CA  . TYR A 1 7   ? 7.950   -3.249  0.671   1.00 7.93  ? 25  TYR A CA  1 
ATOM   42   C  C   . TYR A 1 7   ? 7.975   -4.682  0.166   1.00 7.65  ? 25  TYR A C   1 
ATOM   43   O  O   . TYR A 1 7   ? 8.621   -5.561  0.787   1.00 8.55  ? 25  TYR A O   1 
ATOM   44   C  CB  . TYR A 1 7   ? 8.793   -2.358  -0.184  1.00 9.46  ? 25  TYR A CB  1 
ATOM   45   C  CG  . TYR A 1 7   ? 10.164  -2.805  -0.502  1.00 9.09  ? 25  TYR A CG  1 
ATOM   46   C  CD1 . TYR A 1 7   ? 11.192  -2.494  0.340   1.00 12.38 ? 25  TYR A CD1 1 
ATOM   47   C  CD2 . TYR A 1 7   ? 10.422  -3.506  -1.686  1.00 7.57  ? 25  TYR A CD2 1 
ATOM   48   C  CE1 . TYR A 1 7   ? 12.474  -2.927  0.059   1.00 14.12 ? 25  TYR A CE1 1 
ATOM   49   C  CE2 . TYR A 1 7   ? 11.685  -3.922  -2.018  1.00 10.31 ? 25  TYR A CE2 1 
ATOM   50   C  CZ  . TYR A 1 7   ? 12.707  -3.641  -1.158  1.00 13.94 ? 25  TYR A CZ  1 
ATOM   51   O  OH  . TYR A 1 7   ? 14.069  -3.995  -1.422  1.00 18.21 ? 25  TYR A OH  1 
ATOM   52   N  N   . ASP A 1 8   ? 7.336   -4.907  -0.954  1.00 8.06  ? 26  ASP A N   1 
ATOM   53   C  CA  . ASP A 1 8   ? 7.417   -6.225  -1.617  1.00 8.53  ? 26  ASP A CA  1 
ATOM   54   C  C   . ASP A 1 8   ? 7.237   -5.934  -3.073  1.00 9.23  ? 26  ASP A C   1 
ATOM   55   O  O   . ASP A 1 8   ? 6.241   -5.361  -3.491  1.00 8.93  ? 26  ASP A O   1 
ATOM   56   C  CB  . ASP A 1 8   ? 6.317   -7.170  -1.142  1.00 9.52  ? 26  ASP A CB  1 
ATOM   57   C  CG  . ASP A 1 8   ? 6.593   -8.587  -1.519  1.00 12.50 ? 26  ASP A CG  1 
ATOM   58   O  OD1 . ASP A 1 8   ? 6.731   -8.876  -2.700  1.00 11.28 ? 26  ASP A OD1 1 
ATOM   59   O  OD2 . ASP A 1 8   ? 6.823   -9.439  -0.568  1.00 20.14 ? 26  ASP A OD2 1 
ATOM   60   N  N   . GLU A 1 9   ? 8.211   -6.359  -3.903  1.00 9.07  ? 27  GLU A N   1 
ATOM   61   C  CA  . GLU A 1 9   ? 8.168   -6.158  -5.366  1.00 10.42 ? 27  GLU A CA  1 
ATOM   62   C  C   . GLU A 1 9   ? 7.097   -6.892  -6.054  1.00 8.74  ? 27  GLU A C   1 
ATOM   63   O  O   . GLU A 1 9   ? 6.812   -6.553  -7.198  1.00 9.95  ? 27  GLU A O   1 
ATOM   64   C  CB  . GLU A 1 9   ? 9.554   -6.462  -5.977  1.00 11.70 ? 27  GLU A CB  1 
ATOM   65   C  CG  . GLU A 1 9   ? 10.548  -5.458  -5.513  1.00 14.30 ? 27  GLU A CG  1 
ATOM   66   C  CD  . GLU A 1 9   ? 11.900  -5.519  -6.262  1.00 22.49 ? 27  GLU A CD  1 
ATOM   67   O  OE1 . GLU A 1 9   ? 11.942  -4.972  -7.330  1.00 23.93 ? 27  GLU A OE1 1 
ATOM   68   O  OE2 . GLU A 1 9   ? 12.885  -5.972  -5.685  1.00 25.62 ? 27  GLU A OE2 1 
ATOM   69   N  N   . ALA A 1 10  ? 6.400   -7.797  -5.388  1.00 8.65  ? 28  ALA A N   1 
ATOM   70   C  CA  . ALA A 1 10  ? 5.212   -8.351  -5.987  1.00 9.60  ? 28  ALA A CA  1 
ATOM   71   C  C   . ALA A 1 10  ? 4.236   -7.259  -6.385  1.00 9.36  ? 28  ALA A C   1 
ATOM   72   O  O   . ALA A 1 10  ? 3.533   -7.368  -7.352  1.00 10.22 ? 28  ALA A O   1 
ATOM   73   C  CB  . ALA A 1 10  ? 4.539   -9.349  -5.103  1.00 11.28 ? 28  ALA A CB  1 
ATOM   74   N  N   . TYR A 1 11  ? 4.171   -6.171  -5.587  1.00 8.59  ? 29  TYR A N   1 
ATOM   75   C  CA  . TYR A 1 11  ? 3.160   -5.101  -5.844  1.00 8.74  ? 29  TYR A CA  1 
ATOM   76   C  C   . TYR A 1 11  ? 3.594   -4.213  -6.987  1.00 9.65  ? 29  TYR A C   1 
ATOM   77   O  O   . TYR A 1 11  ? 2.807   -3.391  -7.441  1.00 10.25 ? 29  TYR A O   1 
ATOM   78   C  CB  . TYR A 1 11  ? 2.866   -4.331  -4.554  1.00 8.61  ? 29  TYR A CB  1 
ATOM   79   C  CG  . TYR A 1 11  ? 2.325   -5.186  -3.395  1.00 6.64  ? 29  TYR A CG  1 
ATOM   80   C  CD1 . TYR A 1 11  ? 1.095   -5.925  -3.550  1.00 6.81  ? 29  TYR A CD1 1 
ATOM   81   C  CD2 . TYR A 1 11  ? 2.944   -5.212  -2.193  1.00 2.00  ? 29  TYR A CD2 1 
ATOM   82   C  CE1 . TYR A 1 11  ? 0.569   -6.664  -2.579  1.00 2.00  ? 29  TYR A CE1 1 
ATOM   83   C  CE2 . TYR A 1 11  ? 2.407   -5.917  -1.207  1.00 7.26  ? 29  TYR A CE2 1 
ATOM   84   C  CZ  . TYR A 1 11  ? 1.224   -6.682  -1.416  1.00 8.04  ? 29  TYR A CZ  1 
ATOM   85   O  OH  . TYR A 1 11  ? 0.790   -7.371  -0.277  1.00 10.85 ? 29  TYR A OH  1 
ATOM   86   N  N   . ASP A 1 12  ? 4.813   -4.359  -7.499  1.00 9.38  ? 30  ASP A N   1 
ATOM   87   C  CA  . ASP A 1 12  ? 5.250   -3.588  -8.640  1.00 9.64  ? 30  ASP A CA  1 
ATOM   88   C  C   . ASP A 1 12  ? 4.864   -4.158  -10.005 1.00 9.80  ? 30  ASP A C   1 
ATOM   89   O  O   . ASP A 1 12  ? 5.099   -3.490  -11.032 1.00 11.09 ? 30  ASP A O   1 
ATOM   90   C  CB  . ASP A 1 12  ? 6.759   -3.464  -8.568  1.00 11.29 ? 30  ASP A CB  1 
ATOM   91   C  CG  . ASP A 1 12  ? 7.176   -2.632  -7.376  1.00 10.27 ? 30  ASP A CG  1 
ATOM   92   O  OD1 . ASP A 1 12  ? 7.412   -1.410  -7.493  1.00 13.71 ? 30  ASP A OD1 1 
ATOM   93   O  OD2 . ASP A 1 12  ? 7.332   -3.167  -6.292  1.00 12.79 ? 30  ASP A OD2 1 
ATOM   94   N  N   . ASN A 1 13  ? 4.323   -5.362  -10.028 1.00 10.03 ? 31  ASN A N   1 
ATOM   95   C  CA  . ASN A 1 13  ? 3.932   -6.019  -11.299 1.00 10.48 ? 31  ASN A CA  1 
ATOM   96   C  C   . ASN A 1 13  ? 2.494   -5.619  -11.645 1.00 11.23 ? 31  ASN A C   1 
ATOM   97   O  O   . ASN A 1 13  ? 1.572   -6.105  -11.048 1.00 9.90  ? 31  ASN A O   1 
ATOM   98   C  CB  . ASN A 1 13  ? 4.017   -7.530  -11.130 1.00 10.66 ? 31  ASN A CB  1 
ATOM   99   C  CG  . ASN A 1 13  ? 3.843   -8.238  -12.449 1.00 11.37 ? 31  ASN A CG  1 
ATOM   100  O  OD1 . ASN A 1 13  ? 3.344   -7.634  -13.423 1.00 12.85 ? 31  ASN A OD1 1 
ATOM   101  N  ND2 . ASN A 1 13  ? 4.177   -9.520  -12.491 1.00 11.83 ? 31  ASN A ND2 1 
ATOM   102  N  N   . PRO A 1 14  ? 2.304   -4.787  -12.696 1.00 10.44 ? 32  PRO A N   1 
ATOM   103  C  CA  . PRO A 1 14  ? 0.971   -4.337  -13.009 1.00 10.53 ? 32  PRO A CA  1 
ATOM   104  C  C   . PRO A 1 14  ? 0.111   -5.460  -13.548 1.00 12.20 ? 32  PRO A C   1 
ATOM   105  O  O   . PRO A 1 14  ? -1.126  -5.323  -13.562 1.00 11.29 ? 32  PRO A O   1 
ATOM   106  C  CB  . PRO A 1 14  ? 1.147   -3.256  -14.076 1.00 11.12 ? 32  PRO A CB  1 
ATOM   107  C  CG  . PRO A 1 14  ? 2.452   -3.683  -14.773 1.00 11.92 ? 32  PRO A CG  1 
ATOM   108  C  CD  . PRO A 1 14  ? 3.347   -4.259  -13.632 1.00 12.08 ? 32  PRO A CD  1 
ATOM   109  N  N   . SER A 1 15  ? 0.718   -6.556  -14.010 1.00 11.50 ? 33  SER A N   1 
ATOM   110  C  CA  . SER A 1 15  ? -0.054  -7.632  -14.662 1.00 13.04 ? 33  SER A CA  1 
ATOM   111  C  C   . SER A 1 15  ? -0.610  -8.626  -13.687 1.00 12.84 ? 33  SER A C   1 
ATOM   112  O  O   . SER A 1 15  ? -1.425  -9.458  -14.083 1.00 14.00 ? 33  SER A O   1 
ATOM   113  C  CB  . SER A 1 15  ? 0.851   -8.386  -15.670 1.00 15.22 ? 33  SER A CB  1 
ATOM   114  O  OG  . SER A 1 15  ? 1.388   -7.373  -16.539 1.00 18.63 ? 33  SER A OG  1 
ATOM   115  N  N   . SER A 1 16  ? -0.210  -8.582  -12.383 1.00 11.22 ? 34  SER A N   1 
ATOM   116  C  CA  . SER A 1 16  ? -0.775  -9.567  -11.446 1.00 12.29 ? 34  SER A CA  1 
ATOM   117  C  C   . SER A 1 16  ? -2.262  -9.390  -11.229 1.00 10.99 ? 34  SER A C   1 
ATOM   118  O  O   . SER A 1 16  ? -2.773  -8.260  -11.246 1.00 11.47 ? 34  SER A O   1 
ATOM   119  C  CB  . SER A 1 16  ? -0.033  -9.453  -10.105 1.00 11.83 ? 34  SER A CB  1 
ATOM   120  O  OG  . SER A 1 16  ? 1.317   -9.807  -10.346 1.00 12.70 ? 34  SER A OG  1 
ATOM   121  N  N   . SER A 1 17  ? -2.995  -10.469 -11.087 1.00 11.88 ? 35  SER A N   1 
ATOM   122  C  CA  . SER A 1 17  ? -4.405  -10.421 -10.951 1.00 12.67 ? 35  SER A CA  1 
ATOM   123  C  C   . SER A 1 17  ? -4.860  -9.976  -9.551  1.00 12.11 ? 35  SER A C   1 
ATOM   124  O  O   . SER A 1 17  ? -4.251  -10.341 -8.543  1.00 12.93 ? 35  SER A O   1 
ATOM   125  C  CB  . SER A 1 17  ? -4.962  -11.837 -11.209 1.00 14.20 ? 35  SER A CB  1 
ATOM   126  O  OG  . SER A 1 17  ? -6.330  -11.867 -11.034 1.00 14.60 ? 35  SER A OG  1 
ATOM   127  N  N   . LEU A 1 18  ? -5.984  -9.274  -9.456  1.00 12.08 ? 36  LEU A N   1 
ATOM   128  C  CA  . LEU A 1 18  ? -6.555  -9.024  -8.141  1.00 11.68 ? 36  LEU A CA  1 
ATOM   129  C  C   . LEU A 1 18  ? -7.016  -10.299 -7.464  1.00 11.62 ? 36  LEU A C   1 
ATOM   130  O  O   . LEU A 1 18  ? -7.213  -10.334 -6.250  1.00 11.86 ? 36  LEU A O   1 
ATOM   131  C  CB  . LEU A 1 18  ? -7.708  -8.050  -8.165  1.00 12.26 ? 36  LEU A CB  1 
ATOM   132  C  CG  . LEU A 1 18  ? -7.313  -6.573  -7.950  1.00 10.18 ? 36  LEU A CG  1 
ATOM   133  C  CD1 . LEU A 1 18  ? -6.755  -6.303  -6.504  1.00 12.36 ? 36  LEU A CD1 1 
ATOM   134  C  CD2 . LEU A 1 18  ? -6.382  -6.084  -9.017  1.00 12.36 ? 36  LEU A CD2 1 
ATOM   135  N  N   . LEU A 1 19  ? -7.164  -11.397 -8.206  1.00 11.69 ? 37  LEU A N   1 
ATOM   136  C  CA  . LEU A 1 19  ? -7.432  -12.706 -7.566  1.00 12.41 ? 37  LEU A CA  1 
ATOM   137  C  C   . LEU A 1 19  ? -6.273  -13.233 -6.758  1.00 12.56 ? 37  LEU A C   1 
ATOM   138  O  O   . LEU A 1 19  ? -6.485  -14.143 -5.935  1.00 14.92 ? 37  LEU A O   1 
ATOM   139  C  CB  . LEU A 1 19  ? -7.945  -13.742 -8.598  1.00 15.54 ? 37  LEU A CB  1 
ATOM   140  C  CG  . LEU A 1 19  ? -9.205  -13.339 -9.304  1.00 16.27 ? 37  LEU A CG  1 
ATOM   141  C  CD1 . LEU A 1 19  ? -9.441  -14.373 -10.452 1.00 21.55 ? 37  LEU A CD1 1 
ATOM   142  C  CD2 . LEU A 1 19  ? -10.380 -13.169 -8.341  1.00 22.44 ? 37  LEU A CD2 1 
ATOM   143  N  N   . SER A 1 20  ? -5.109  -12.625 -6.872  1.00 10.90 ? 38  SER A N   1 
ATOM   144  C  CA  . SER A 1 20  ? -3.904  -13.072 -6.143  1.00 11.92 ? 38  SER A CA  1 
ATOM   145  C  C   . SER A 1 20  ? -3.706  -12.501 -4.743  1.00 11.45 ? 38  SER A C   1 
ATOM   146  O  O   . SER A 1 20  ? -2.767  -12.878 -4.059  1.00 13.32 ? 38  SER A O   1 
ATOM   147  C  CB  . SER A 1 20  ? -2.641  -12.790 -6.950  1.00 12.87 ? 38  SER A CB  1 
ATOM   148  O  OG  . SER A 1 20  ? -2.261  -11.422 -6.960  1.00 13.56 ? 38  SER A OG  1 
ATOM   149  N  N   . VAL A 1 21  ? -4.602  -11.577 -4.353  1.00 10.79 ? 39  VAL A N   1 
ATOM   150  C  CA  . VAL A 1 21  ? -4.469  -10.896 -3.045  1.00 9.36  ? 39  VAL A CA  1 
ATOM   151  C  C   . VAL A 1 21  ? -5.724  -11.137 -2.249  1.00 7.91  ? 39  VAL A C   1 
ATOM   152  O  O   . VAL A 1 21  ? -6.755  -11.626 -2.719  1.00 10.25 ? 39  VAL A O   1 
ATOM   153  C  CB  . VAL A 1 21  ? -4.171  -9.388  -3.302  1.00 8.96  ? 39  VAL A CB  1 
ATOM   154  C  CG1 . VAL A 1 21  ? -2.826  -9.198  -3.987  1.00 5.76  ? 39  VAL A CG1 1 
ATOM   155  C  CG2 . VAL A 1 21  ? -5.323  -8.757  -4.096  1.00 10.26 ? 39  VAL A CG2 1 
ATOM   156  N  N   . THR A 1 22  ? -5.675  -10.699 -1.007  1.00 9.35  ? 40  THR A N   1 
ATOM   157  C  CA  . THR A 1 22  ? -6.774  -10.986 -0.077  1.00 8.73  ? 40  THR A CA  1 
ATOM   158  C  C   . THR A 1 22  ? -8.066  -10.356 -0.580  1.00 9.00  ? 40  THR A C   1 
ATOM   159  O  O   . THR A 1 22  ? -9.172  -10.941 -0.478  1.00 10.96 ? 40  THR A O   1 
ATOM   160  C  CB  . THR A 1 22  ? -6.424  -10.380 1.313   1.00 9.21  ? 40  THR A CB  1 
ATOM   161  O  OG1 . THR A 1 22  ? -5.173  -10.838 1.733   1.00 9.90  ? 40  THR A OG1 1 
ATOM   162  C  CG2 . THR A 1 22  ? -7.540  -10.721 2.312   1.00 11.69 ? 40  THR A CG2 1 
ATOM   163  N  N   . CYS A 1 23  ? -7.990  -9.152  -1.125  1.00 8.39  ? 41  CYS A N   1 
ATOM   164  C  CA  . CYS A 1 23  ? -9.168  -8.393  -1.558  1.00 10.68 ? 41  CYS A CA  1 
ATOM   165  C  C   . CYS A 1 23  ? -9.583  -8.728  -2.963  1.00 10.99 ? 41  CYS A C   1 
ATOM   166  O  O   . CYS A 1 23  ? -9.738  -7.851  -3.829  1.00 12.53 ? 41  CYS A O   1 
ATOM   167  C  CB  . CYS A 1 23  ? -8.916  -6.859  -1.417  1.00 10.03 ? 41  CYS A CB  1 
ATOM   168  S  SG  . CYS A 1 23  ? -8.499  -6.383  0.277   1.00 10.20 ? 41  CYS A SG  1 
ATOM   169  N  N   . SER A 1 24  ? -9.803  -10.015 -3.155  1.00 12.19 ? 42  SER A N   1 
ATOM   170  C  CA  . SER A 1 24  ? -10.119 -10.565 -4.501  1.00 13.83 ? 42  SER A CA  1 
ATOM   171  C  C   . SER A 1 24  ? -11.538 -10.296 -4.949  1.00 16.61 ? 42  SER A C   1 
ATOM   172  O  O   . SER A 1 24  ? -11.821 -9.372  -5.673  1.00 19.28 ? 42  SER A O   1 
ATOM   173  C  CB  . SER A 1 24  ? -9.698  -12.019 -4.550  1.00 13.65 ? 42  SER A CB  1 
ATOM   174  O  OG  . SER A 1 24  ? -10.370 -12.659 -3.497  1.00 15.60 ? 42  SER A OG  1 
ATOM   175  N  N   . ASP A 1 25  ? -12.457 -11.143 -4.614  1.00 18.84 ? 43  ASP A N   1 
ATOM   176  C  CA  . ASP A 1 25  ? -13.846 -10.841 -5.025  1.00 18.37 ? 43  ASP A CA  1 
ATOM   177  C  C   . ASP A 1 25  ? -14.687 -10.765 -3.740  1.00 18.31 ? 43  ASP A C   1 
ATOM   178  O  O   . ASP A 1 25  ? -14.200 -10.527 -2.627  1.00 17.83 ? 43  ASP A O   1 
ATOM   179  C  CB  . ASP A 1 25  ? -14.334 -11.896 -6.026  1.00 19.24 ? 43  ASP A CB  1 
ATOM   180  C  CG  . ASP A 1 25  ? -14.160 -13.328 -5.521  1.00 20.43 ? 43  ASP A CG  1 
ATOM   181  O  OD1 . ASP A 1 25  ? -13.964 -13.519 -4.290  1.00 17.46 ? 43  ASP A OD1 1 
ATOM   182  O  OD2 . ASP A 1 25  ? -14.164 -14.319 -6.305  1.00 20.10 ? 43  ASP A OD2 1 
ATOM   183  N  N   . GLY A 1 26  ? -15.999 -10.973 -3.866  1.00 19.07 ? 44  GLY A N   1 
ATOM   184  C  CA  . GLY A 1 26  ? -16.908 -10.671 -2.775  1.00 19.96 ? 44  GLY A CA  1 
ATOM   185  C  C   . GLY A 1 26  ? -17.313 -9.196  -2.720  1.00 16.19 ? 44  GLY A C   1 
ATOM   186  O  O   . GLY A 1 26  ? -16.811 -8.336  -3.439  1.00 17.18 ? 44  GLY A O   1 
ATOM   187  N  N   . GLU A 1 27  ? -18.271 -8.908  -1.839  1.00 17.00 ? 45  GLU A N   1 
ATOM   188  C  CA  . GLU A 1 27  ? -18.837 -7.586  -1.710  1.00 15.02 ? 45  GLU A CA  1 
ATOM   189  C  C   . GLU A 1 27  ? -17.766 -6.519  -1.613  1.00 15.68 ? 45  GLU A C   1 
ATOM   190  O  O   . GLU A 1 27  ? -17.883 -5.436  -2.207  1.00 17.24 ? 45  GLU A O   1 
ATOM   191  C  CB  . GLU A 1 27  ? -19.620 -7.575  -0.359  1.00 17.91 ? 45  GLU A CB  1 
ATOM   192  C  CG  . GLU A 1 27  ? -20.241 -6.253  -0.038  1.00 22.27 ? 45  GLU A CG  1 
ATOM   193  C  CD  . GLU A 1 27  ? -20.879 -6.168  1.378   1.00 20.68 ? 45  GLU A CD  1 
ATOM   194  O  OE1 . GLU A 1 27  ? -20.885 -7.155  2.132   1.00 29.33 ? 45  GLU A OE1 1 
ATOM   195  O  OE2 . GLU A 1 27  ? -21.345 -5.109  1.738   1.00 29.99 ? 45  GLU A OE2 1 
ATOM   196  N  N   . ASN A 1 28  ? -16.732 -6.791  -0.789  1.00 15.12 ? 46  ASN A N   1 
ATOM   197  C  CA  . ASN A 1 28  ? -15.691 -5.770  -0.571  1.00 15.69 ? 46  ASN A CA  1 
ATOM   198  C  C   . ASN A 1 28  ? -14.442 -5.997  -1.467  1.00 15.83 ? 46  ASN A C   1 
ATOM   199  O  O   . ASN A 1 28  ? -13.452 -5.235  -1.397  1.00 18.19 ? 46  ASN A O   1 
ATOM   200  C  CB  . ASN A 1 28  ? -15.301 -5.736  0.907   1.00 17.40 ? 46  ASN A CB  1 
ATOM   201  C  CG  . ASN A 1 28  ? -16.408 -5.280  1.735   1.00 19.03 ? 46  ASN A CG  1 
ATOM   202  O  OD1 . ASN A 1 28  ? -17.034 -4.274  1.376   1.00 25.72 ? 46  ASN A OD1 1 
ATOM   203  N  ND2 . ASN A 1 28  ? -16.739 -5.953  2.808   1.00 20.28 ? 46  ASN A ND2 1 
ATOM   204  N  N   . GLY A 1 29  ? -14.422 -7.015  -2.278  1.00 14.41 ? 47  GLY A N   1 
ATOM   205  C  CA  . GLY A 1 29  ? -13.269 -7.315  -3.115  1.00 15.58 ? 47  GLY A CA  1 
ATOM   206  C  C   . GLY A 1 29  ? -13.164 -6.397  -4.295  1.00 14.12 ? 47  GLY A C   1 
ATOM   207  O  O   . GLY A 1 29  ? -14.097 -5.675  -4.652  1.00 17.82 ? 47  GLY A O   1 
ATOM   208  N  N   . LEU A 1 30  ? -12.044 -6.434  -4.943  1.00 13.72 ? 48  LEU A N   1 
ATOM   209  C  CA  . LEU A 1 30  ? -11.689 -5.446  -5.970  1.00 13.27 ? 48  LEU A CA  1 
ATOM   210  C  C   . LEU A 1 30  ? -11.794 -6.012  -7.367  1.00 13.78 ? 48  LEU A C   1 
ATOM   211  O  O   . LEU A 1 30  ? -11.778 -5.222  -8.324  1.00 13.55 ? 48  LEU A O   1 
ATOM   212  C  CB  . LEU A 1 30  ? -10.276 -4.917  -5.685  1.00 13.87 ? 48  LEU A CB  1 
ATOM   213  C  CG  . LEU A 1 30  ? -10.243 -4.157  -4.357  1.00 14.58 ? 48  LEU A CG  1 
ATOM   214  C  CD1 . LEU A 1 30  ? -8.795  -3.820  -4.040  1.00 15.76 ? 48  LEU A CD1 1 
ATOM   215  C  CD2 . LEU A 1 30  ? -11.132 -2.857  -4.389  1.00 21.12 ? 48  LEU A CD2 1 
ATOM   216  N  N   . TYR A 1 31  ? -11.900 -7.321  -7.476  1.00 15.05 ? 49  TYR A N   1 
ATOM   217  C  CA  . TYR A 1 31  ? -12.165 -8.018  -8.738  1.00 18.18 ? 49  TYR A CA  1 
ATOM   218  C  C   . TYR A 1 31  ? -13.684 -8.310  -8.821  1.00 20.89 ? 49  TYR A C   1 
ATOM   219  O  O   . TYR A 1 31  ? -14.299 -8.762  -7.857  1.00 20.69 ? 49  TYR A O   1 
ATOM   220  C  CB  . TYR A 1 31  ? -11.383 -9.317  -8.732  1.00 18.09 ? 49  TYR A CB  1 
ATOM   221  C  CG  . TYR A 1 31  ? -11.342 -10.040 -10.022 1.00 18.09 ? 49  TYR A CG  1 
ATOM   222  C  CD1 . TYR A 1 31  ? -10.266 -9.921  -10.906 1.00 19.77 ? 49  TYR A CD1 1 
ATOM   223  C  CD2 . TYR A 1 31  ? -12.376 -10.917 -10.345 1.00 20.27 ? 49  TYR A CD2 1 
ATOM   224  C  CE1 . TYR A 1 31  ? -10.213 -10.664 -12.083 1.00 23.56 ? 49  TYR A CE1 1 
ATOM   225  C  CE2 . TYR A 1 31  ? -12.358 -11.609 -11.526 1.00 23.27 ? 49  TYR A CE2 1 
ATOM   226  C  CZ  . TYR A 1 31  ? -11.265 -11.494 -12.368 1.00 25.52 ? 49  TYR A CZ  1 
ATOM   227  O  OH  . TYR A 1 31  ? -11.210 -12.232 -13.523 1.00 31.47 ? 49  TYR A OH  1 
ATOM   228  N  N   . PRO A 1 32  ? -14.296 -8.106  -9.990  1.00 22.09 ? 50  PRO A N   1 
ATOM   229  C  CA  . PRO A 1 32  ? -13.723 -7.796  -11.300 1.00 22.69 ? 50  PRO A CA  1 
ATOM   230  C  C   . PRO A 1 32  ? -13.684 -6.308  -11.649 1.00 20.78 ? 50  PRO A C   1 
ATOM   231  O  O   . PRO A 1 32  ? -13.286 -6.006  -12.755 1.00 23.12 ? 50  PRO A O   1 
ATOM   232  C  CB  . PRO A 1 32  ? -14.657 -8.580  -12.277 1.00 24.12 ? 50  PRO A CB  1 
ATOM   233  C  CG  . PRO A 1 32  ? -15.949 -8.616  -11.512 1.00 25.83 ? 50  PRO A CG  1 
ATOM   234  C  CD  . PRO A 1 32  ? -15.773 -8.199  -10.068 1.00 24.07 ? 50  PRO A CD  1 
ATOM   235  N  N   . LYS A 1 33  ? -13.996 -5.385  -10.729 1.00 20.09 ? 51  LYS A N   1 
ATOM   236  C  CA  . LYS A 1 33  ? -13.919 -3.960  -11.013 1.00 19.44 ? 51  LYS A CA  1 
ATOM   237  C  C   . LYS A 1 33  ? -12.497 -3.597  -11.489 1.00 18.22 ? 51  LYS A C   1 
ATOM   238  O  O   . LYS A 1 33  ? -12.297 -2.822  -12.447 1.00 19.62 ? 51  LYS A O   1 
ATOM   239  C  CB  . LYS A 1 33  ? -14.277 -3.155  -9.806  1.00 19.15 ? 51  LYS A CB  1 
ATOM   240  C  CG  . LYS A 1 33  ? -14.294 -1.681  -10.081 1.00 20.88 ? 51  LYS A CG  1 
ATOM   241  C  CD  . LYS A 1 33  ? -14.812 -0.914  -8.859  1.00 23.73 ? 51  LYS A CD  1 
ATOM   242  C  CE  . LYS A 1 33  ? -14.734 0.552   -9.066  1.00 24.81 ? 51  LYS A CE  1 
ATOM   243  N  NZ  . LYS A 1 33  ? -15.261 1.317   -7.903  1.00 35.61 ? 51  LYS A NZ  1 
ATOM   244  N  N   . TYR A 1 34  ? -11.497 -4.151  -10.806 1.00 15.60 ? 52  TYR A N   1 
ATOM   245  C  CA  . TYR A 1 34  ? -10.105 -4.014  -11.223 1.00 15.09 ? 52  TYR A CA  1 
ATOM   246  C  C   . TYR A 1 34  ? -9.527  -5.397  -11.505 1.00 14.48 ? 52  TYR A C   1 
ATOM   247  O  O   . TYR A 1 34  ? -9.449  -6.250  -10.592 1.00 16.72 ? 52  TYR A O   1 
ATOM   248  C  CB  . TYR A 1 34  ? -9.322  -3.353  -10.125 1.00 14.79 ? 52  TYR A CB  1 
ATOM   249  C  CG  . TYR A 1 34  ? -9.911  -2.028  -9.699  1.00 14.39 ? 52  TYR A CG  1 
ATOM   250  C  CD1 . TYR A 1 34  ? -9.781  -0.888  -10.472 1.00 16.65 ? 52  TYR A CD1 1 
ATOM   251  C  CD2 . TYR A 1 34  ? -10.596 -1.903  -8.490  1.00 16.10 ? 52  TYR A CD2 1 
ATOM   252  C  CE1 . TYR A 1 34  ? -10.330 0.324   -10.070 1.00 17.62 ? 52  TYR A CE1 1 
ATOM   253  C  CE2 . TYR A 1 34  ? -11.137 -0.693  -8.067  1.00 17.38 ? 52  TYR A CE2 1 
ATOM   254  C  CZ  . TYR A 1 34  ? -10.986 0.407   -8.863  1.00 15.19 ? 52  TYR A CZ  1 
ATOM   255  O  OH  . TYR A 1 34  ? -11.490 1.613   -8.453  1.00 19.38 ? 52  TYR A OH  1 
ATOM   256  N  N   . ARG A 1 35  ? -9.154  -5.674  -12.744 1.00 13.51 ? 53  ARG A N   1 
ATOM   257  C  CA  . ARG A 1 35  ? -8.702  -7.008  -13.045 1.00 14.76 ? 53  ARG A CA  1 
ATOM   258  C  C   . ARG A 1 35  ? -7.250  -7.324  -12.603 1.00 12.09 ? 53  ARG A C   1 
ATOM   259  O  O   . ARG A 1 35  ? -6.936  -8.405  -12.152 1.00 13.18 ? 53  ARG A O   1 
ATOM   260  C  CB  . ARG A 1 35  ? -8.819  -7.238  -14.566 1.00 15.57 ? 53  ARG A CB  1 
ATOM   261  C  CG  . ARG A 1 35  ? -10.328 -7.362  -14.881 1.00 20.27 ? 53  ARG A CG  1 
ATOM   262  C  CD  . ARG A 1 35  ? -10.564 -7.748  -16.355 0.01 18.55 ? 53  ARG A CD  1 
ATOM   263  N  NE  . ARG A 1 35  ? -11.989 -7.867  -16.676 0.01 18.44 ? 53  ARG A NE  1 
ATOM   264  C  CZ  . ARG A 1 35  ? -12.698 -9.025  -16.530 0.01 18.10 ? 53  ARG A CZ  1 
ATOM   265  N  NH1 . ARG A 1 35  ? -12.117 -10.172 -16.064 0.01 17.84 ? 53  ARG A NH1 1 
ATOM   266  N  NH2 . ARG A 1 35  ? -13.991 -9.038  -16.848 0.01 17.87 ? 53  ARG A NH2 1 
ATOM   267  N  N   . THR A 1 36  ? -6.403  -6.329  -12.766 1.00 11.56 ? 54  THR A N   1 
ATOM   268  C  CA  . THR A 1 36  ? -4.970  -6.465  -12.496 1.00 12.03 ? 54  THR A CA  1 
ATOM   269  C  C   . THR A 1 36  ? -4.516  -5.311  -11.603 1.00 11.01 ? 54  THR A C   1 
ATOM   270  O  O   . THR A 1 36  ? -5.159  -4.240  -11.547 1.00 11.02 ? 54  THR A O   1 
ATOM   271  C  CB  . THR A 1 36  ? -4.144  -6.479  -13.806 1.00 11.89 ? 54  THR A CB  1 
ATOM   272  O  OG1 . THR A 1 36  ? -4.220  -5.196  -14.403 1.00 14.45 ? 54  THR A OG1 1 
ATOM   273  C  CG2 . THR A 1 36  ? -4.531  -7.649  -14.758 1.00 14.32 ? 54  THR A CG2 1 
ATOM   274  N  N   . PHE A 1 37  ? -3.341  -5.477  -11.001 1.00 10.05 ? 55  PHE A N   1 
ATOM   275  C  CA  . PHE A 1 37  ? -2.783  -4.432  -10.216 1.00 9.88  ? 55  PHE A CA  1 
ATOM   276  C  C   . PHE A 1 37  ? -2.697  -3.109  -10.957 1.00 10.70 ? 55  PHE A C   1 
ATOM   277  O  O   . PHE A 1 37  ? -2.959  -2.028  -10.357 1.00 11.24 ? 55  PHE A O   1 
ATOM   278  C  CB  . PHE A 1 37  ? -1.383  -4.817  -9.699  1.00 10.07 ? 55  PHE A CB  1 
ATOM   279  C  CG  . PHE A 1 37  ? -1.335  -5.915  -8.650  1.00 8.10  ? 55  PHE A CG  1 
ATOM   280  C  CD1 . PHE A 1 37  ? -2.458  -6.576  -8.197  1.00 10.20 ? 55  PHE A CD1 1 
ATOM   281  C  CD2 . PHE A 1 37  ? -0.079  -6.267  -8.165  1.00 8.58  ? 55  PHE A CD2 1 
ATOM   282  C  CE1 . PHE A 1 37  ? -2.298  -7.601  -7.255  1.00 9.71  ? 55  PHE A CE1 1 
ATOM   283  C  CE2 . PHE A 1 37  ? 0.021   -7.249  -7.198  1.00 9.03  ? 55  PHE A CE2 1 
ATOM   284  C  CZ  . PHE A 1 37  ? -1.064  -7.937  -6.768  1.00 8.79  ? 55  PHE A CZ  1 
ATOM   285  N  N   . GLY A 1 38  ? -2.285  -3.162  -12.226 1.00 10.63 ? 56  GLY A N   1 
ATOM   286  C  CA  . GLY A 1 38  ? -2.144  -1.912  -12.989 1.00 11.86 ? 56  GLY A CA  1 
ATOM   287  C  C   . GLY A 1 38  ? -3.428  -1.210  -13.287 1.00 11.46 ? 56  GLY A C   1 
ATOM   288  O  O   . GLY A 1 38  ? -3.343  -0.042  -13.622 1.00 12.54 ? 56  GLY A O   1 
ATOM   289  N  N   . ASP A 1 39  ? -4.568  -1.814  -13.027 1.00 11.37 ? 57  ASP A N   1 
ATOM   290  C  CA  . ASP A 1 39  ? -5.874  -1.128  -13.144 1.00 12.13 ? 57  ASP A CA  1 
ATOM   291  C  C   . ASP A 1 39  ? -6.216  -0.349  -11.885 1.00 12.26 ? 57  ASP A C   1 
ATOM   292  O  O   . ASP A 1 39  ? -7.172  0.460   -11.880 1.00 13.72 ? 57  ASP A O   1 
ATOM   293  C  CB  . ASP A 1 39  ? -6.971  -2.155  -13.402 1.00 12.52 ? 57  ASP A CB  1 
ATOM   294  C  CG  . ASP A 1 39  ? -6.740  -2.886  -14.719 1.00 15.91 ? 57  ASP A CG  1 
ATOM   295  O  OD1 . ASP A 1 39  ? -6.401  -2.246  -15.734 1.00 18.20 ? 57  ASP A OD1 1 
ATOM   296  O  OD2 . ASP A 1 39  ? -6.787  -4.110  -14.768 1.00 17.95 ? 57  ASP A OD2 1 
ATOM   297  N  N   . LEU A 1 40  ? -5.488  -0.567  -10.799 1.00 11.42 ? 58  LEU A N   1 
ATOM   298  C  CA  . LEU A 1 40  ? -5.830  0.131   -9.543  1.00 11.76 ? 58  LEU A CA  1 
ATOM   299  C  C   . LEU A 1 40  ? -5.525  1.597   -9.608  1.00 12.11 ? 58  LEU A C   1 
ATOM   300  O  O   . LEU A 1 40  ? -4.484  2.016   -10.077 1.00 12.61 ? 58  LEU A O   1 
ATOM   301  C  CB  . LEU A 1 40  ? -5.175  -0.541  -8.319  1.00 11.23 ? 58  LEU A CB  1 
ATOM   302  C  CG  . LEU A 1 40  ? -5.565  -1.961  -8.050  1.00 11.14 ? 58  LEU A CG  1 
ATOM   303  C  CD1 . LEU A 1 40  ? -4.539  -2.651  -7.196  1.00 11.52 ? 58  LEU A CD1 1 
ATOM   304  C  CD2 . LEU A 1 40  ? -6.953  -2.035  -7.390  1.00 13.83 ? 58  LEU A CD2 1 
ATOM   305  N  N   . PRO A 1 41  ? -6.452  2.430   -9.040  1.00 14.38 ? 59  PRO A N   1 
ATOM   306  C  CA  . PRO A 1 41  ? -6.126  3.849   -8.992  1.00 14.49 ? 59  PRO A CA  1 
ATOM   307  C  C   . PRO A 1 41  ? -4.816  4.144   -8.236  1.00 14.15 ? 59  PRO A C   1 
ATOM   308  O  O   . PRO A 1 41  ? -4.553  3.613   -7.154  1.00 16.08 ? 59  PRO A O   1 
ATOM   309  C  CB  . PRO A 1 41  ? -7.313  4.460   -8.240  1.00 15.65 ? 59  PRO A CB  1 
ATOM   310  C  CG  . PRO A 1 41  ? -8.427  3.464   -8.495  1.00 16.60 ? 59  PRO A CG  1 
ATOM   311  C  CD  . PRO A 1 41  ? -7.768  2.101   -8.458  1.00 16.23 ? 59  PRO A CD  1 
ATOM   312  N  N   . GLY A 1 42  ? -3.969  4.964   -8.784  1.00 13.23 ? 60  GLY A N   1 
ATOM   313  C  CA  . GLY A 1 42  ? -2.677  5.343   -8.243  1.00 13.94 ? 60  GLY A CA  1 
ATOM   314  C  C   . GLY A 1 42  ? -1.607  4.223   -8.283  1.00 12.60 ? 60  GLY A C   1 
ATOM   315  O  O   . GLY A 1 42  ? -0.567  4.425   -7.689  1.00 13.31 ? 60  GLY A O   1 
ATOM   316  N  N   . PHE A 1 43  ? -1.852  3.131   -9.029  1.00 12.65 ? 61  PHE A N   1 
ATOM   317  C  CA  . PHE A 1 43  ? -0.802  2.135   -9.184  1.00 11.67 ? 61  PHE A CA  1 
ATOM   318  C  C   . PHE A 1 43  ? 0.452   2.867   -9.614  1.00 13.03 ? 61  PHE A C   1 
ATOM   319  O  O   . PHE A 1 43  ? 0.344   3.775   -10.490 1.00 14.66 ? 61  PHE A O   1 
ATOM   320  C  CB  . PHE A 1 43  ? -1.217  1.094   -10.264 1.00 12.46 ? 61  PHE A CB  1 
ATOM   321  C  CG  . PHE A 1 43  ? -0.102  0.134   -10.527 1.00 10.81 ? 61  PHE A CG  1 
ATOM   322  C  CD1 . PHE A 1 43  ? 0.023   -1.019  -9.724  1.00 11.25 ? 61  PHE A CD1 1 
ATOM   323  C  CD2 . PHE A 1 43  ? 0.853   0.380   -11.524 1.00 13.26 ? 61  PHE A CD2 1 
ATOM   324  C  CE1 . PHE A 1 43  ? 1.108   -1.933  -9.905  1.00 11.05 ? 61  PHE A CE1 1 
ATOM   325  C  CE2 . PHE A 1 43  ? 1.903   -0.484  -11.680 1.00 15.00 ? 61  PHE A CE2 1 
ATOM   326  C  CZ  . PHE A 1 43  ? 2.036   -1.666  -10.901 1.00 11.86 ? 61  PHE A CZ  1 
ATOM   327  N  N   . PRO A 1 44  ? 1.649   2.566   -9.050  1.00 12.06 ? 62  PRO A N   1 
ATOM   328  C  CA  . PRO A 1 44  ? 1.981   1.433   -8.170  1.00 12.56 ? 62  PRO A CA  1 
ATOM   329  C  C   . PRO A 1 44  ? 1.880   1.671   -6.664  1.00 10.60 ? 62  PRO A C   1 
ATOM   330  O  O   . PRO A 1 44  ? 2.440   0.909   -5.876  1.00 10.46 ? 62  PRO A O   1 
ATOM   331  C  CB  . PRO A 1 44  ? 3.461   1.137   -8.520  1.00 14.04 ? 62  PRO A CB  1 
ATOM   332  C  CG  . PRO A 1 44  ? 3.965   2.508   -8.818  1.00 16.06 ? 62  PRO A CG  1 
ATOM   333  C  CD  . PRO A 1 44  ? 2.873   3.282   -9.453  1.00 14.78 ? 62  PRO A CD  1 
HETATM 334  N  N   . CSO A 1 45  ? 1.131   2.720   -6.238  1.00 10.66 ? 63  CSO A N   1 
HETATM 335  C  CA  . CSO A 1 45  ? 0.953   2.953   -4.780  1.00 9.17  ? 63  CSO A CA  1 
HETATM 336  C  CB  . CSO A 1 45  ? 0.687   4.471   -4.571  1.00 10.29 ? 63  CSO A CB  1 
HETATM 337  S  SG  . CSO A 1 45  ? 2.249   5.389   -4.697  1.00 18.90 ? 63  CSO A SG  1 
HETATM 338  C  C   . CSO A 1 45  ? -0.151  2.109   -4.229  1.00 8.16  ? 63  CSO A C   1 
HETATM 339  O  O   . CSO A 1 45  ? -1.298  2.552   -3.955  1.00 8.86  ? 63  CSO A O   1 
HETATM 340  O  OD  . CSO A 1 45  ? 1.496   5.698   -5.833  1.00 22.51 ? 63  CSO A OD  1 
ATOM   341  N  N   . ILE A 1 46  ? 0.162   0.837   -4.075  1.00 8.30  ? 64  ILE A N   1 
ATOM   342  C  CA  . ILE A 1 46  ? -0.781  -0.230  -3.625  1.00 8.55  ? 64  ILE A CA  1 
ATOM   343  C  C   . ILE A 1 46  ? 0.010   -1.095  -2.657  1.00 7.58  ? 64  ILE A C   1 
ATOM   344  O  O   . ILE A 1 46  ? 1.272   -1.074  -2.673  1.00 8.75  ? 64  ILE A O   1 
ATOM   345  C  CB  . ILE A 1 46  ? -1.264  -1.072  -4.846  1.00 7.19  ? 64  ILE A CB  1 
ATOM   346  C  CG1 . ILE A 1 46  ? -0.125  -1.829  -5.556  1.00 9.31  ? 64  ILE A CG1 1 
ATOM   347  C  CG2 . ILE A 1 46  ? -1.951  -0.147  -5.849  1.00 9.21  ? 64  ILE A CG2 1 
ATOM   348  C  CD1 . ILE A 1 46  ? -0.586  -2.899  -6.483  1.00 8.19  ? 64  ILE A CD1 1 
ATOM   349  N  N   . GLY A 1 47  ? -0.683  -1.928  -1.918  1.00 7.31  ? 65  GLY A N   1 
ATOM   350  C  CA  . GLY A 1 47  ? -0.016  -2.882  -1.052  1.00 7.56  ? 65  GLY A CA  1 
ATOM   351  C  C   . GLY A 1 47  ? -0.909  -3.473  -0.030  1.00 6.50  ? 65  GLY A C   1 
ATOM   352  O  O   . GLY A 1 47  ? -2.138  -3.529  -0.197  1.00 8.26  ? 65  GLY A O   1 
ATOM   353  N  N   . GLY A 1 48  ? -0.249  -4.017  0.984   1.00 7.61  ? 66  GLY A N   1 
ATOM   354  C  CA  . GLY A 1 48  ? -0.933  -4.718  2.068   1.00 8.28  ? 66  GLY A CA  1 
ATOM   355  C  C   . GLY A 1 48  ? -1.011  -3.915  3.353   1.00 7.06  ? 66  GLY A C   1 
ATOM   356  O  O   . GLY A 1 48  ? -0.231  -3.008  3.597   1.00 7.24  ? 66  GLY A O   1 
ATOM   357  N  N   . SER A 1 49  ? -1.963  -4.309  4.175   1.00 7.91  ? 67  SER A N   1 
ATOM   358  C  CA  . SER A 1 49  ? -2.146  -3.690  5.487   1.00 8.15  ? 67  SER A CA  1 
ATOM   359  C  C   . SER A 1 49  ? -2.667  -4.717  6.462   1.00 7.56  ? 67  SER A C   1 
ATOM   360  O  O   . SER A 1 49  ? -3.526  -5.548  6.114   1.00 7.38  ? 67  SER A O   1 
ATOM   361  C  CB  . SER A 1 49  ? -3.164  -2.584  5.389   1.00 8.92  ? 67  SER A CB  1 
ATOM   362  O  OG  . SER A 1 49  ? -3.472  -2.035  6.693   1.00 9.59  ? 67  SER A OG  1 
ATOM   363  N  N   . SER A 1 50  ? -2.270  -4.592  7.727   1.00 8.30  ? 68  SER A N   1 
ATOM   364  C  CA  . SER A 1 50  ? -2.861  -5.429  8.769   1.00 8.68  ? 68  SER A CA  1 
ATOM   365  C  C   . SER A 1 50  ? -4.273  -5.045  9.052   1.00 8.33  ? 68  SER A C   1 
ATOM   366  O  O   . SER A 1 50  ? -4.972  -5.841  9.724   1.00 9.41  ? 68  SER A O   1 
ATOM   367  C  CB  . SER A 1 50  ? -1.965  -5.447  9.987   1.00 10.87 ? 68  SER A CB  1 
ATOM   368  O  OG  . SER A 1 50  ? -1.795  -4.142  10.518  1.00 12.70 ? 68  SER A OG  1 
ATOM   369  N  N   . ASP A 1 51  ? -4.785  -3.944  8.549   1.00 7.34  ? 69  ASP A N   1 
ATOM   370  C  CA  . ASP A 1 51  ? -6.204  -3.584  8.681   1.00 8.99  ? 69  ASP A CA  1 
ATOM   371  C  C   . ASP A 1 51  ? -7.052  -4.440  7.783   1.00 8.57  ? 69  ASP A C   1 
ATOM   372  O  O   . ASP A 1 51  ? -8.254  -4.425  7.910   1.00 9.66  ? 69  ASP A O   1 
ATOM   373  C  CB  . ASP A 1 51  ? -6.443  -2.118  8.328   1.00 10.55 ? 69  ASP A CB  1 
ATOM   374  C  CG  . ASP A 1 51  ? -6.068  -1.183  9.446   1.00 15.95 ? 69  ASP A CG  1 
ATOM   375  O  OD1 . ASP A 1 51  ? -5.677  -1.602  10.530  1.00 16.68 ? 69  ASP A OD1 1 
ATOM   376  O  OD2 . ASP A 1 51  ? -6.106  0.017   9.140   1.00 16.23 ? 69  ASP A OD2 1 
ATOM   377  N  N   . ILE A 1 52  ? -6.451  -5.174  6.834   1.00 8.36  ? 70  ILE A N   1 
ATOM   378  C  CA  . ILE A 1 52  ? -7.199  -6.149  6.025   1.00 8.85  ? 70  ILE A CA  1 
ATOM   379  C  C   . ILE A 1 52  ? -7.159  -7.449  6.804   1.00 9.49  ? 70  ILE A C   1 
ATOM   380  O  O   . ILE A 1 52  ? -6.142  -8.153  6.777   1.00 8.78  ? 70  ILE A O   1 
ATOM   381  C  CB  . ILE A 1 52  ? -6.587  -6.312  4.671   1.00 9.63  ? 70  ILE A CB  1 
ATOM   382  C  CG1 . ILE A 1 52  ? -6.430  -4.974  3.948   1.00 14.17 ? 70  ILE A CG1 1 
ATOM   383  C  CG2 . ILE A 1 52  ? -7.344  -7.381  3.796   1.00 9.60  ? 70  ILE A CG2 1 
ATOM   384  C  CD1 . ILE A 1 52  ? -7.684  -4.452  3.714   1.00 12.88 ? 70  ILE A CD1 1 
ATOM   385  N  N   . ALA A 1 53  ? -8.210  -7.752  7.546   1.00 8.48  ? 71  ALA A N   1 
ATOM   386  C  CA  . ALA A 1 53  ? -8.176  -8.893  8.489   1.00 9.16  ? 71  ALA A CA  1 
ATOM   387  C  C   . ALA A 1 53  ? -8.182  -10.232 7.736   1.00 9.21  ? 71  ALA A C   1 
ATOM   388  O  O   . ALA A 1 53  ? -7.591  -11.211 8.229   1.00 9.87  ? 71  ALA A O   1 
ATOM   389  C  CB  . ALA A 1 53  ? -9.401  -8.840  9.430   1.00 11.95 ? 71  ALA A CB  1 
ATOM   390  N  N   . GLY A 1 54  ? -8.732  -10.233 6.528   1.00 8.30  ? 72  GLY A N   1 
ATOM   391  C  CA  . GLY A 1 54  ? -8.837  -11.469 5.744   1.00 9.43  ? 72  GLY A CA  1 
ATOM   392  C  C   . GLY A 1 54  ? -9.784  -11.176 4.644   1.00 8.31  ? 72  GLY A C   1 
ATOM   393  O  O   . GLY A 1 54  ? -10.164 -10.002 4.383   1.00 8.87  ? 72  GLY A O   1 
ATOM   394  N  N   . TYR A 1 55  ? -10.226 -12.222 3.953   1.00 9.27  ? 73  TYR A N   1 
ATOM   395  C  CA  . TYR A 1 55  ? -11.145 -12.097 2.847   1.00 9.92  ? 73  TYR A CA  1 
ATOM   396  C  C   . TYR A 1 55  ? -12.328 -11.246 3.223   1.00 9.73  ? 73  TYR A C   1 
ATOM   397  O  O   . TYR A 1 55  ? -12.914 -11.322 4.292   1.00 10.98 ? 73  TYR A O   1 
ATOM   398  C  CB  . TYR A 1 55  ? -11.605 -13.513 2.440   1.00 11.41 ? 73  TYR A CB  1 
ATOM   399  C  CG  . TYR A 1 55  ? -12.534 -13.535 1.193   1.00 13.00 ? 73  TYR A CG  1 
ATOM   400  C  CD1 . TYR A 1 55  ? -12.072 -13.345 -0.087  1.00 15.24 ? 73  TYR A CD1 1 
ATOM   401  C  CD2 . TYR A 1 55  ? -13.842 -13.724 1.389   1.00 14.18 ? 73  TYR A CD2 1 
ATOM   402  C  CE1 . TYR A 1 55  ? -12.989 -13.399 -1.156  1.00 16.41 ? 73  TYR A CE1 1 
ATOM   403  C  CE2 . TYR A 1 55  ? -14.799 -13.708 0.390   1.00 13.10 ? 73  TYR A CE2 1 
ATOM   404  C  CZ  . TYR A 1 55  ? -14.348 -13.557 -0.854  1.00 13.45 ? 73  TYR A CZ  1 
ATOM   405  O  OH  . TYR A 1 55  ? -15.242 -13.611 -1.931  1.00 16.21 ? 73  TYR A OH  1 
ATOM   406  N  N   . ASN A 1 56  ? -12.709 -10.391 2.264   1.00 10.58 ? 74  ASN A N   1 
ATOM   407  C  CA  . ASN A 1 56  ? -13.897 -9.530  2.326   1.00 12.80 ? 74  ASN A CA  1 
ATOM   408  C  C   . ASN A 1 56  ? -13.840 -8.460  3.436   1.00 11.13 ? 74  ASN A C   1 
ATOM   409  O  O   . ASN A 1 56  ? -14.848 -7.927  3.817   1.00 12.41 ? 74  ASN A O   1 
ATOM   410  C  CB  . ASN A 1 56  ? -15.187 -10.414 2.468   1.00 13.79 ? 74  ASN A CB  1 
ATOM   411  C  CG  . ASN A 1 56  ? -16.272 -10.048 1.474   1.00 20.71 ? 74  ASN A CG  1 
ATOM   412  O  OD1 . ASN A 1 56  ? -16.219 -8.999  0.807   1.00 20.35 ? 74  ASN A OD1 1 
ATOM   413  N  ND2 . ASN A 1 56  ? -17.313 -10.926 1.402   1.00 21.39 ? 74  ASN A ND2 1 
ATOM   414  N  N   . SER A 1 57  ? -12.645 -8.089  3.883   1.00 9.76  ? 75  SER A N   1 
ATOM   415  C  CA  . SER A 1 57  ? -12.534 -7.005  4.833   1.00 8.55  ? 75  SER A CA  1 
ATOM   416  C  C   . SER A 1 57  ? -13.171 -5.719  4.279   1.00 10.47 ? 75  SER A C   1 
ATOM   417  O  O   . SER A 1 57  ? -12.878 -5.300  3.128   1.00 9.63  ? 75  SER A O   1 
ATOM   418  C  CB  . SER A 1 57  ? -11.059 -6.676  5.004   1.00 9.77  ? 75  SER A CB  1 
ATOM   419  O  OG  . SER A 1 57  ? -10.858 -5.469  5.730   1.00 9.50  ? 75  SER A OG  1 
ATOM   420  N  N   . PRO A 1 58  ? -13.874 -4.954  5.120   1.00 9.86  ? 76  PRO A N   1 
ATOM   421  C  CA  . PRO A 1 58  ? -14.382 -3.648  4.684   1.00 10.09 ? 76  PRO A CA  1 
ATOM   422  C  C   . PRO A 1 58  ? -13.286 -2.653  4.459   1.00 10.50 ? 76  PRO A C   1 
ATOM   423  O  O   . PRO A 1 58  ? -13.570 -1.606  3.871   1.00 12.41 ? 76  PRO A O   1 
ATOM   424  C  CB  . PRO A 1 58  ? -15.338 -3.213  5.836   1.00 11.67 ? 76  PRO A CB  1 
ATOM   425  C  CG  . PRO A 1 58  ? -15.590 -4.489  6.554   1.00 14.98 ? 76  PRO A CG  1 
ATOM   426  C  CD  . PRO A 1 58  ? -14.397 -5.373  6.450   1.00 10.06 ? 76  PRO A CD  1 
ATOM   427  N  N   . ASN A 1 59  ? -12.073 -2.910  4.924   1.00 9.27  ? 77  ASN A N   1 
ATOM   428  C  CA  . ASN A 1 59  ? -10.948 -2.024  4.609   1.00 9.69  ? 77  ASN A CA  1 
ATOM   429  C  C   . ASN A 1 59  ? -10.371 -2.272  3.225   1.00 8.89  ? 77  ASN A C   1 
ATOM   430  O  O   . ASN A 1 59  ? -9.471  -1.515  2.780   1.00 9.95  ? 77  ASN A O   1 
ATOM   431  C  CB  . ASN A 1 59  ? -9.862  -2.155  5.670   1.00 10.51 ? 77  ASN A CB  1 
ATOM   432  C  CG  . ASN A 1 59  ? -10.319 -1.546  6.977   1.00 10.48 ? 77  ASN A CG  1 
ATOM   433  O  OD1 . ASN A 1 59  ? -10.930 -0.443  6.939   1.00 12.05 ? 77  ASN A OD1 1 
ATOM   434  N  ND2 . ASN A 1 59  ? -10.046 -2.173  8.073   1.00 10.33 ? 77  ASN A ND2 1 
ATOM   435  N  N   . CYS A 1 60  ? -10.782 -3.321  2.516   1.00 8.50  ? 78  CYS A N   1 
ATOM   436  C  CA  . CYS A 1 60  ? -10.248 -3.526  1.149   1.00 8.51  ? 78  CYS A CA  1 
ATOM   437  C  C   . CYS A 1 60  ? -10.543 -2.312  0.310   1.00 9.75  ? 78  CYS A C   1 
ATOM   438  O  O   . CYS A 1 60  ? -11.670 -1.787  0.284   1.00 10.73 ? 78  CYS A O   1 
ATOM   439  C  CB  . CYS A 1 60  ? -10.964 -4.718  0.556   1.00 9.11  ? 78  CYS A CB  1 
ATOM   440  S  SG  . CYS A 1 60  ? -10.377 -6.320  1.157   1.00 10.85 ? 78  CYS A SG  1 
ATOM   441  N  N   . GLY A 1 61  ? -9.576  -1.870  -0.477  1.00 9.02  ? 79  GLY A N   1 
ATOM   442  C  CA  . GLY A 1 61  ? -9.740  -0.699  -1.314  1.00 9.24  ? 79  GLY A CA  1 
ATOM   443  C  C   . GLY A 1 61  ? -9.650  0.621   -0.575  1.00 11.31 ? 79  GLY A C   1 
ATOM   444  O  O   . GLY A 1 61  ? -9.856  1.638   -1.254  1.00 12.84 ? 79  GLY A O   1 
ATOM   445  N  N   . SER A 1 62  ? -9.368  0.652   0.695   1.00 9.61  ? 80  SER A N   1 
ATOM   446  C  CA  . SER A 1 62  ? -9.217  1.938   1.390   1.00 10.86 ? 80  SER A CA  1 
ATOM   447  C  C   . SER A 1 62  ? -7.886  2.575   1.035   1.00 8.85  ? 80  SER A C   1 
ATOM   448  O  O   . SER A 1 62  ? -6.922  1.902   0.622   1.00 9.53  ? 80  SER A O   1 
ATOM   449  C  CB  . SER A 1 62  ? -9.213  1.708   2.926   1.00 13.54 ? 80  SER A CB  1 
ATOM   450  O  OG  . SER A 1 62  ? -10.453 1.489   3.494   1.00 18.56 ? 80  SER A OG  1 
ATOM   451  N  N   . CYS A 1 63  ? -7.836  3.878   1.195   1.00 9.02  ? 81  CYS A N   1 
ATOM   452  C  CA  . CYS A 1 63  ? -6.687  4.698   0.884   1.00 8.27  ? 81  CYS A CA  1 
ATOM   453  C  C   . CYS A 1 63  ? -6.027  5.165   2.140   1.00 8.98  ? 81  CYS A C   1 
ATOM   454  O  O   . CYS A 1 63  ? -6.672  5.826   3.017   1.00 10.10 ? 81  CYS A O   1 
ATOM   455  C  CB  . CYS A 1 63  ? -7.180  5.889   0.076   1.00 10.28 ? 81  CYS A CB  1 
ATOM   456  S  SG  . CYS A 1 63  ? -5.829  6.997   -0.500  1.00 10.40 ? 81  CYS A SG  1 
ATOM   457  N  N   . TYR A 1 64  ? -4.740  4.903   2.302   1.00 7.78  ? 82  TYR A N   1 
ATOM   458  C  CA  . TYR A 1 64  ? -3.988  5.273   3.503   1.00 7.84  ? 82  TYR A CA  1 
ATOM   459  C  C   . TYR A 1 64  ? -2.932  6.269   3.148   1.00 7.89  ? 82  TYR A C   1 
ATOM   460  O  O   . TYR A 1 64  ? -2.080  5.993   2.238   1.00 8.80  ? 82  TYR A O   1 
ATOM   461  C  CB  . TYR A 1 64  ? -3.349  4.018   4.153   1.00 8.17  ? 82  TYR A CB  1 
ATOM   462  C  CG  . TYR A 1 64  ? -4.365  3.098   4.708   1.00 7.49  ? 82  TYR A CG  1 
ATOM   463  C  CD1 . TYR A 1 64  ? -4.755  3.222   6.046   1.00 8.83  ? 82  TYR A CD1 1 
ATOM   464  C  CD2 . TYR A 1 64  ? -4.925  2.073   3.980   1.00 9.93  ? 82  TYR A CD2 1 
ATOM   465  C  CE1 . TYR A 1 64  ? -5.691  2.377   6.633   1.00 9.22  ? 82  TYR A CE1 1 
ATOM   466  C  CE2 . TYR A 1 64  ? -5.874  1.210   4.579   1.00 9.73  ? 82  TYR A CE2 1 
ATOM   467  C  CZ  . TYR A 1 64  ? -6.189  1.343   5.888   1.00 10.06 ? 82  TYR A CZ  1 
ATOM   468  O  OH  . TYR A 1 64  ? -7.129  0.457   6.422   1.00 12.33 ? 82  TYR A OH  1 
ATOM   469  N  N   . GLN A 1 65  ? -2.878  7.374   3.858   1.00 7.92  ? 83  GLN A N   1 
ATOM   470  C  CA  . GLN A 1 65  ? -1.778  8.294   3.775   1.00 7.02  ? 83  GLN A CA  1 
ATOM   471  C  C   . GLN A 1 65  ? -0.701  7.885   4.732   1.00 6.90  ? 83  GLN A C   1 
ATOM   472  O  O   . GLN A 1 65  ? -0.928  7.737   5.949   1.00 7.89  ? 83  GLN A O   1 
ATOM   473  C  CB  . GLN A 1 65  ? -2.284  9.654   4.167   1.00 8.05  ? 83  GLN A CB  1 
ATOM   474  C  CG  . GLN A 1 65  ? -1.167  10.752  4.106   1.00 9.31  ? 83  GLN A CG  1 
ATOM   475  C  CD  . GLN A 1 65  ? -1.675  12.065  4.677   1.00 10.74 ? 83  GLN A CD  1 
ATOM   476  O  OE1 . GLN A 1 65  ? -2.287  12.043  5.778   1.00 17.12 ? 83  GLN A OE1 1 
ATOM   477  N  NE2 . GLN A 1 65  ? -1.533  13.165  3.993   1.00 11.32 ? 83  GLN A NE2 1 
ATOM   478  N  N   . LEU A 1 66  ? 0.481   7.625   4.184   1.00 7.54  ? 84  LEU A N   1 
ATOM   479  C  CA  . LEU A 1 66  ? 1.633   7.193   4.964   1.00 7.05  ? 84  LEU A CA  1 
ATOM   480  C  C   . LEU A 1 66  ? 2.691   8.261   4.871   1.00 6.97  ? 84  LEU A C   1 
ATOM   481  O  O   . LEU A 1 66  ? 3.095   8.612   3.794   1.00 8.64  ? 84  LEU A O   1 
ATOM   482  C  CB  . LEU A 1 66  ? 2.187   5.871   4.437   1.00 7.04  ? 84  LEU A CB  1 
ATOM   483  C  CG  . LEU A 1 66  ? 1.176   4.739   4.294   1.00 9.51  ? 84  LEU A CG  1 
ATOM   484  C  CD1 . LEU A 1 66  ? 1.830   3.459   3.680   1.00 14.49 ? 84  LEU A CD1 1 
ATOM   485  C  CD2 . LEU A 1 66  ? 0.577   4.347   5.602   1.00 15.69 ? 84  LEU A CD2 1 
ATOM   486  N  N   . THR A 1 67  ? 3.100   8.758   6.031   1.00 7.06  ? 85  THR A N   1 
ATOM   487  C  CA  . THR A 1 67  ? 4.032   9.883   6.086   1.00 8.52  ? 85  THR A CA  1 
ATOM   488  C  C   . THR A 1 67  ? 5.289   9.475   6.783   1.00 7.86  ? 85  THR A C   1 
ATOM   489  O  O   . THR A 1 67  ? 5.298   8.926   7.876   1.00 9.15  ? 85  THR A O   1 
ATOM   490  C  CB  . THR A 1 67  ? 3.398   11.117  6.827   1.00 8.80  ? 85  THR A CB  1 
ATOM   491  O  OG1 . THR A 1 67  ? 2.184   11.471  6.086   1.00 8.87  ? 85  THR A OG1 1 
ATOM   492  C  CG2 . THR A 1 67  ? 4.374   12.294  6.779   1.00 10.16 ? 85  THR A CG2 1 
ATOM   493  N  N   . TYR A 1 68  ? 6.361   9.747   6.033   1.00 8.68  ? 86  TYR A N   1 
ATOM   494  C  CA  . TYR A 1 68  ? 7.752   9.410   6.522   1.00 9.21  ? 86  TYR A CA  1 
ATOM   495  C  C   . TYR A 1 68  ? 8.467   10.680  6.788   1.00 10.03 ? 86  TYR A C   1 
ATOM   496  O  O   . TYR A 1 68  ? 8.524   11.563  5.943   1.00 10.69 ? 86  TYR A O   1 
ATOM   497  C  CB  . TYR A 1 68  ? 8.509   8.581   5.479   1.00 9.05  ? 86  TYR A CB  1 
ATOM   498  C  CG  . TYR A 1 68  ? 9.913   8.214   5.885   1.00 11.53 ? 86  TYR A CG  1 
ATOM   499  C  CD1 . TYR A 1 68  ? 10.158  7.417   6.977   1.00 12.21 ? 86  TYR A CD1 1 
ATOM   500  C  CD2 . TYR A 1 68  ? 10.977  8.711   5.166   1.00 12.42 ? 86  TYR A CD2 1 
ATOM   501  C  CE1 . TYR A 1 68  ? 11.499  7.065   7.341   1.00 13.65 ? 86  TYR A CE1 1 
ATOM   502  C  CE2 . TYR A 1 68  ? 12.329  8.360   5.521   1.00 14.10 ? 86  TYR A CE2 1 
ATOM   503  C  CZ  . TYR A 1 68  ? 12.477  7.585   6.597   1.00 14.29 ? 86  TYR A CZ  1 
ATOM   504  O  OH  . TYR A 1 68  ? 13.777  7.195   6.960   1.00 19.10 ? 86  TYR A OH  1 
ATOM   505  N  N   . SER A 1 69  ? 9.001   10.730  8.019   1.00 12.76 ? 87  SER A N   1 
ATOM   506  C  CA  . SER A 1 69  ? 9.821   11.889  8.391   1.00 17.59 ? 87  SER A CA  1 
ATOM   507  C  C   . SER A 1 69  ? 11.259  11.412  8.493   1.00 18.56 ? 87  SER A C   1 
ATOM   508  O  O   . SER A 1 69  ? 11.634  10.772  9.488   1.00 18.65 ? 87  SER A O   1 
ATOM   509  C  CB  . SER A 1 69  ? 9.377   12.321  9.758   1.00 20.32 ? 87  SER A CB  1 
ATOM   510  O  OG  . SER A 1 69  ? 8.092   12.877  9.626   1.00 25.62 ? 87  SER A OG  1 
ATOM   511  N  N   . SER A 1 70  ? 11.987  11.580  7.406   1.00 18.69 ? 88  SER A N   1 
ATOM   512  C  CA  A SER A 1 70  ? 13.400  11.202  7.300   0.50 18.05 ? 88  SER A CA  1 
ATOM   513  C  CA  B SER A 1 70  ? 13.394  11.243  7.272   0.50 18.83 ? 88  SER A CA  1 
ATOM   514  C  C   . SER A 1 70  ? 14.277  11.911  8.333   1.00 18.99 ? 88  SER A C   1 
ATOM   515  O  O   . SER A 1 70  ? 13.942  13.013  8.826   1.00 23.70 ? 88  SER A O   1 
ATOM   516  C  CB  A SER A 1 70  ? 13.908  11.487  5.886   0.50 18.89 ? 88  SER A CB  1 
ATOM   517  C  CB  B SER A 1 70  ? 13.807  11.716  5.893   0.50 18.90 ? 88  SER A CB  1 
ATOM   518  O  OG  A SER A 1 70  ? 15.339  11.418  5.831   0.50 13.38 ? 88  SER A OG  1 
ATOM   519  O  OG  B SER A 1 70  ? 13.271  13.011  5.629   0.50 19.80 ? 88  SER A OG  1 
ATOM   520  N  N   . ALA A 1 71  ? 15.403  11.259  8.670   1.00 22.29 ? 89  ALA A N   1 
ATOM   521  C  CA  . ALA A 1 71  ? 16.440  11.885  9.512   1.00 23.67 ? 89  ALA A CA  1 
ATOM   522  C  C   . ALA A 1 71  ? 17.185  13.039  8.809   1.00 24.44 ? 89  ALA A C   1 
ATOM   523  O  O   . ALA A 1 71  ? 17.996  13.767  9.435   1.00 25.69 ? 89  ALA A O   1 
ATOM   524  C  CB  . ALA A 1 71  ? 17.429  10.797  9.986   1.00 24.41 ? 89  ALA A CB  1 
ATOM   525  N  N   . HIS A 1 72  ? 17.026  13.121  7.502   1.00 22.09 ? 90  HIS A N   1 
ATOM   526  C  CA  . HIS A 1 72  ? 17.868  13.962  6.648   1.00 22.52 ? 90  HIS A CA  1 
ATOM   527  C  C   . HIS A 1 72  ? 17.069  14.853  5.716   1.00 21.01 ? 90  HIS A C   1 
ATOM   528  O  O   . HIS A 1 72  ? 17.668  15.444  4.811   1.00 25.71 ? 90  HIS A O   1 
ATOM   529  C  CB  . HIS A 1 72  ? 18.720  13.058  5.745   1.00 23.18 ? 90  HIS A CB  1 
ATOM   530  C  CG  . HIS A 1 72  ? 19.465  11.983  6.519   1.00 20.22 ? 90  HIS A CG  1 
ATOM   531  N  ND1 . HIS A 1 72  ? 20.396  12.265  7.506   1.00 24.59 ? 90  HIS A ND1 1 
ATOM   532  C  CD2 . HIS A 1 72  ? 19.369  10.633  6.462   1.00 23.61 ? 90  HIS A CD2 1 
ATOM   533  C  CE1 . HIS A 1 72  ? 20.804  11.123  8.042   1.00 18.74 ? 90  HIS A CE1 1 
ATOM   534  N  NE2 . HIS A 1 72  ? 20.244  10.119  7.394   1.00 20.97 ? 90  HIS A NE2 1 
ATOM   535  N  N   . THR A 1 73  ? 15.737  14.909  5.848   1.00 20.56 ? 91  THR A N   1 
ATOM   536  C  CA  . THR A 1 73  ? 14.972  15.764  4.883   1.00 22.05 ? 91  THR A CA  1 
ATOM   537  C  C   . THR A 1 73  ? 13.637  15.960  5.482   1.00 19.04 ? 91  THR A C   1 
ATOM   538  O  O   . THR A 1 73  ? 13.371  15.444  6.544   1.00 22.35 ? 91  THR A O   1 
ATOM   539  C  CB  . THR A 1 73  ? 14.926  15.171  3.459   1.00 21.59 ? 91  THR A CB  1 
ATOM   540  O  OG1 . THR A 1 73  ? 14.457  16.180  2.507   1.00 28.35 ? 91  THR A OG1 1 
ATOM   541  C  CG2 . THR A 1 73  ? 14.040  13.946  3.408   1.00 21.80 ? 91  THR A CG2 1 
ATOM   542  N  N   . THR A 1 74  ? 12.765  16.663  4.760   1.00 20.00 ? 92  THR A N   1 
ATOM   543  C  CA  . THR A 1 74  ? 11.477  17.018  5.318   1.00 18.47 ? 92  THR A CA  1 
ATOM   544  C  C   . THR A 1 74  ? 10.442  15.940  4.969   1.00 17.06 ? 92  THR A C   1 
ATOM   545  O  O   . THR A 1 74  ? 10.672  15.022  4.061   1.00 15.50 ? 92  THR A O   1 
ATOM   546  C  CB  . THR A 1 74  ? 10.968  18.305  4.687   1.00 18.03 ? 92  THR A CB  1 
ATOM   547  O  OG1 . THR A 1 74  ? 11.390  18.270  3.338   1.00 16.31 ? 92  THR A OG1 1 
ATOM   548  C  CG2 . THR A 1 74  ? 11.555  19.559  5.427   1.00 24.04 ? 92  THR A CG2 1 
ATOM   549  N  N   . PRO A 1 75  ? 9.270   16.065  5.586   1.00 16.21 ? 93  PRO A N   1 
ATOM   550  C  CA  . PRO A 1 75  ? 8.290   15.003  5.447   1.00 14.59 ? 93  PRO A CA  1 
ATOM   551  C  C   . PRO A 1 75  ? 7.781   14.867  4.050   1.00 11.83 ? 93  PRO A C   1 
ATOM   552  O  O   . PRO A 1 75  ? 7.698   15.699  3.238   1.00 12.00 ? 93  PRO A O   1 
ATOM   553  C  CB  . PRO A 1 75  ? 7.140   15.457  6.385   1.00 17.93 ? 93  PRO A CB  1 
ATOM   554  C  CG  . PRO A 1 75  ? 7.827   16.333  7.435   1.00 18.78 ? 93  PRO A CG  1 
ATOM   555  C  CD  . PRO A 1 75  ? 8.776   17.079  6.579   1.00 16.51 ? 93  PRO A CD  1 
ATOM   556  N  N   . LYS A 1 76  ? 7.421   13.588  3.806   1.00 9.77  ? 94  LYS A N   1 
ATOM   557  C  CA  . LYS A 1 76  ? 6.866   13.168  2.523   1.00 8.47  ? 94  LYS A CA  1 
ATOM   558  C  C   . LYS A 1 76  ? 5.758   12.176  2.841   1.00 8.47  ? 94  LYS A C   1 
ATOM   559  O  O   . LYS A 1 76  ? 5.894   11.348  3.729   1.00 9.17  ? 94  LYS A O   1 
ATOM   560  C  CB  . LYS A 1 76  ? 8.015   12.450  1.758   1.00 11.05 ? 94  LYS A CB  1 
ATOM   561  C  CG  . LYS A 1 76  ? 7.641   11.810  0.508   1.00 17.82 ? 94  LYS A CG  1 
ATOM   562  C  CD  . LYS A 1 76  ? 7.157   12.711  -0.550  1.00 17.57 ? 94  LYS A CD  1 
ATOM   563  C  CE  . LYS A 1 76  ? 6.858   11.886  -1.805  1.00 20.53 ? 94  LYS A CE  1 
ATOM   564  N  NZ  . LYS A 1 76  ? 6.635   12.887  -2.911  1.00 25.14 ? 94  LYS A NZ  1 
ATOM   565  N  N   . SER A 1 77  ? 4.721   12.215  2.011   1.00 7.97  ? 95  SER A N   1 
ATOM   566  C  CA  . SER A 1 77  ? 3.611   11.275  2.125   1.00 8.34  ? 95  SER A CA  1 
ATOM   567  C  C   . SER A 1 77  ? 3.375   10.548  0.856   1.00 8.95  ? 95  SER A C   1 
ATOM   568  O  O   . SER A 1 77  ? 3.561   11.112  -0.233  1.00 10.14 ? 95  SER A O   1 
ATOM   569  C  CB  . SER A 1 77  ? 2.283   12.000  2.473   1.00 8.96  ? 95  SER A CB  1 
ATOM   570  O  OG  . SER A 1 77  ? 2.363   12.741  3.676   1.00 10.28 ? 95  SER A OG  1 
ATOM   571  N  N   . ILE A 1 78  ? 2.925   9.316   0.985   1.00 8.63  ? 96  ILE A N   1 
ATOM   572  C  CA  . ILE A 1 78  ? 2.339   8.639   -0.176  1.00 8.90  ? 96  ILE A CA  1 
ATOM   573  C  C   . ILE A 1 78  ? 0.937   8.195   0.179   1.00 8.32  ? 96  ILE A C   1 
ATOM   574  O  O   . ILE A 1 78  ? 0.595   8.215   1.348   1.00 8.56  ? 96  ILE A O   1 
ATOM   575  C  CB  . ILE A 1 78  ? 3.182   7.342   -0.606  1.00 10.81 ? 96  ILE A CB  1 
ATOM   576  C  CG1 . ILE A 1 78  ? 3.341   6.363   0.549   1.00 10.58 ? 96  ILE A CG1 1 
ATOM   577  C  CG2 . ILE A 1 78  ? 4.543   7.800   -1.205  1.00 12.20 ? 96  ILE A CG2 1 
ATOM   578  C  CD1 . ILE A 1 78  ? 3.800   4.903   0.216   1.00 13.83 ? 96  ILE A CD1 1 
ATOM   579  N  N   . TYR A 1 79  ? 0.179   7.768   -0.810  1.00 8.16  ? 97  TYR A N   1 
ATOM   580  C  CA  . TYR A 1 79  ? -1.268  7.437   -0.649  1.00 7.83  ? 97  TYR A CA  1 
ATOM   581  C  C   . TYR A 1 79  ? -1.414  6.057   -1.215  1.00 7.33  ? 97  TYR A C   1 
ATOM   582  O  O   . TYR A 1 79  ? -1.203  5.856   -2.418  1.00 9.81  ? 97  TYR A O   1 
ATOM   583  C  CB  . TYR A 1 79  ? -2.136  8.479   -1.378  1.00 8.75  ? 97  TYR A CB  1 
ATOM   584  C  CG  . TYR A 1 79  ? -1.866  9.875   -0.798  1.00 8.30  ? 97  TYR A CG  1 
ATOM   585  C  CD1 . TYR A 1 79  ? -2.573  10.357  0.297   1.00 9.00  ? 97  TYR A CD1 1 
ATOM   586  C  CD2 . TYR A 1 79  ? -0.802  10.627  -1.268  1.00 8.87  ? 97  TYR A CD2 1 
ATOM   587  C  CE1 . TYR A 1 79  ? -2.273  11.572  0.880   1.00 9.82  ? 97  TYR A CE1 1 
ATOM   588  C  CE2 . TYR A 1 79  ? -0.441  11.868  -0.680  1.00 10.24 ? 97  TYR A CE2 1 
ATOM   589  C  CZ  . TYR A 1 79  ? -1.231  12.314  0.359   1.00 9.85  ? 97  TYR A CZ  1 
ATOM   590  O  OH  . TYR A 1 79  ? -0.847  13.516  1.002   1.00 11.48 ? 97  TYR A OH  1 
ATOM   591  N  N   . MET A 1 80  ? -1.648  5.096   -0.374  1.00 7.66  ? 98  MET A N   1 
ATOM   592  C  CA  . MET A 1 80  ? -1.614  3.679   -0.794  1.00 7.42  ? 98  MET A CA  1 
ATOM   593  C  C   . MET A 1 80  ? -2.989  3.060   -0.739  1.00 6.54  ? 98  MET A C   1 
ATOM   594  O  O   . MET A 1 80  ? -3.630  3.149   0.280   1.00 7.94  ? 98  MET A O   1 
ATOM   595  C  CB  . MET A 1 80  ? -0.649  2.915   0.174   1.00 9.58  ? 98  MET A CB  1 
ATOM   596  C  CG  . MET A 1 80  ? -0.282  1.508   -0.335  1.00 10.42 ? 98  MET A CG  1 
ATOM   597  S  SD  . MET A 1 80  ? 0.335   0.339   0.882   1.00 12.45 ? 98  MET A SD  1 
ATOM   598  C  CE  . MET A 1 80  ? -1.251  -0.174  1.469   1.00 11.23 ? 98  MET A CE  1 
ATOM   599  N  N   . VAL A 1 81  ? -3.353  2.326   -1.808  1.00 8.04  ? 99  VAL A N   1 
ATOM   600  C  CA  . VAL A 1 81  ? -4.550  1.543   -1.787  1.00 8.63  ? 99  VAL A CA  1 
ATOM   601  C  C   . VAL A 1 81  ? -4.258  0.189   -1.146  1.00 7.43  ? 99  VAL A C   1 
ATOM   602  O  O   . VAL A 1 81  ? -3.355  -0.531  -1.669  1.00 8.34  ? 99  VAL A O   1 
ATOM   603  C  CB  . VAL A 1 81  ? -5.147  1.367   -3.215  1.00 8.36  ? 99  VAL A CB  1 
ATOM   604  C  CG1 . VAL A 1 81  ? -6.422  0.502   -3.146  1.00 9.90  ? 99  VAL A CG1 1 
ATOM   605  C  CG2 . VAL A 1 81  ? -5.408  2.768   -3.851  1.00 10.78 ? 99  VAL A CG2 1 
ATOM   606  N  N   . ALA A 1 82  ? -4.992  -0.212  -0.140  1.00 7.50  ? 100 ALA A N   1 
ATOM   607  C  CA  . ALA A 1 82  ? -4.790  -1.478  0.502   1.00 6.93  ? 100 ALA A CA  1 
ATOM   608  C  C   . ALA A 1 82  ? -5.645  -2.559  -0.136  1.00 7.11  ? 100 ALA A C   1 
ATOM   609  O  O   . ALA A 1 82  ? -6.856  -2.449  -0.305  1.00 8.31  ? 100 ALA A O   1 
ATOM   610  C  CB  . ALA A 1 82  ? -5.205  -1.373  1.940   1.00 9.02  ? 100 ALA A CB  1 
ATOM   611  N  N   . ILE A 1 83  ? -4.940  -3.617  -0.590  1.00 7.29  ? 101 ILE A N   1 
ATOM   612  C  CA  . ILE A 1 83  ? -5.600  -4.677  -1.375  1.00 7.65  ? 101 ILE A CA  1 
ATOM   613  C  C   . ILE A 1 83  ? -5.285  -6.070  -0.826  1.00 8.15  ? 101 ILE A C   1 
ATOM   614  O  O   . ILE A 1 83  ? -5.818  -7.077  -1.401  1.00 9.16  ? 101 ILE A O   1 
ATOM   615  C  CB  . ILE A 1 83  ? -5.154  -4.612  -2.885  1.00 8.43  ? 101 ILE A CB  1 
ATOM   616  C  CG1 . ILE A 1 83  ? -3.663  -5.058  -3.047  1.00 9.51  ? 101 ILE A CG1 1 
ATOM   617  C  CG2 . ILE A 1 83  ? -5.299  -3.191  -3.456  1.00 9.35  ? 101 ILE A CG2 1 
ATOM   618  C  CD1 . ILE A 1 83  ? -3.214  -5.081  -4.560  1.00 11.86 ? 101 ILE A CD1 1 
ATOM   619  N  N   . ASP A 1 84  ? -4.446  -6.159  0.170   1.00 7.00  ? 102 ASP A N   1 
ATOM   620  C  CA  . ASP A 1 84  ? -3.901  -7.465  0.609   1.00 8.03  ? 102 ASP A CA  1 
ATOM   621  C  C   . ASP A 1 84  ? -3.678  -7.428  2.105   1.00 7.86  ? 102 ASP A C   1 
ATOM   622  O  O   . ASP A 1 84  ? -3.421  -6.310  2.664   1.00 7.78  ? 102 ASP A O   1 
ATOM   623  C  CB  . ASP A 1 84  ? -2.560  -7.711  -0.182  1.00 8.44  ? 102 ASP A CB  1 
ATOM   624  C  CG  . ASP A 1 84  ? -2.127  -9.119  -0.240  1.00 9.74  ? 102 ASP A CG  1 
ATOM   625  O  OD1 . ASP A 1 84  ? -2.933  -10.072 -0.118  1.00 10.19 ? 102 ASP A OD1 1 
ATOM   626  O  OD2 . ASP A 1 84  ? -0.924  -9.280  -0.526  1.00 11.44 ? 102 ASP A OD2 1 
ATOM   627  N  N   . ARG A 1 85  ? -3.722  -8.534  2.792   1.00 7.96  ? 103 ARG A N   1 
ATOM   628  C  CA  . ARG A 1 85  ? -3.325  -8.526  4.183   1.00 8.15  ? 103 ARG A CA  1 
ATOM   629  C  C   . ARG A 1 85  ? -1.800  -8.438  4.359   1.00 10.10 ? 103 ARG A C   1 
ATOM   630  O  O   . ARG A 1 85  ? -1.032  -9.069  3.562   1.00 13.12 ? 103 ARG A O   1 
ATOM   631  C  CB  . ARG A 1 85  ? -3.826  -9.817  4.885   1.00 9.15  ? 103 ARG A CB  1 
ATOM   632  C  CG  . ARG A 1 85  ? -3.374  -9.897  6.359   1.00 10.28 ? 103 ARG A CG  1 
ATOM   633  C  CD  . ARG A 1 85  ? -4.287  -10.798 7.187   1.00 8.98  ? 103 ARG A CD  1 
ATOM   634  N  NE  . ARG A 1 85  ? -3.781  -10.812 8.567   1.00 10.71 ? 103 ARG A NE  1 
ATOM   635  C  CZ  . ARG A 1 85  ? -3.919  -9.783  9.415   1.00 9.08  ? 103 ARG A CZ  1 
ATOM   636  N  NH1 . ARG A 1 85  ? -4.614  -8.709  9.102   1.00 8.53  ? 103 ARG A NH1 1 
ATOM   637  N  NH2 . ARG A 1 85  ? -3.310  -9.810  10.607  1.00 10.99 ? 103 ARG A NH2 1 
ATOM   638  N  N   . SER A 1 86  ? -1.306  -7.656  5.313   1.00 9.17  ? 104 SER A N   1 
ATOM   639  C  CA  A SER A 1 86  ? 0.059   -7.728  5.805   0.50 10.41 ? 104 SER A CA  1 
ATOM   640  C  CA  B SER A 1 86  ? 0.036   -7.841  5.817   0.50 10.77 ? 104 SER A CA  1 
ATOM   641  C  C   . SER A 1 86  ? -0.116  -8.136  7.273   1.00 11.07 ? 104 SER A C   1 
ATOM   642  O  O   . SER A 1 86  ? -1.053  -7.681  7.939   1.00 12.10 ? 104 SER A O   1 
ATOM   643  C  CB  A SER A 1 86  ? 0.673   -6.309  5.685   0.50 11.07 ? 104 SER A CB  1 
ATOM   644  C  CB  B SER A 1 86  ? 0.756   -6.524  5.698   0.50 12.19 ? 104 SER A CB  1 
ATOM   645  O  OG  A SER A 1 86  ? 2.088   -6.341  5.858   0.50 12.47 ? 104 SER A OG  1 
ATOM   646  O  OG  B SER A 1 86  ? 0.970   -6.231  4.360   0.50 16.48 ? 104 SER A OG  1 
ATOM   647  N  N   . ALA A 1 87  ? 0.810   -8.913  7.808   1.00 15.01 ? 105 ALA A N   1 
ATOM   648  C  CA  . ALA A 1 87  ? 0.606   -9.307  9.187   1.00 15.22 ? 105 ALA A CA  1 
ATOM   649  C  C   . ALA A 1 87  ? 0.792   -8.213  10.245  1.00 13.64 ? 105 ALA A C   1 
ATOM   650  O  O   . ALA A 1 87  ? 0.084   -8.282  11.252  1.00 14.21 ? 105 ALA A O   1 
ATOM   651  C  CB  . ALA A 1 87  ? 1.306   -10.668 9.533   1.00 19.66 ? 105 ALA A CB  1 
ATOM   652  N  N   . GLU A 1 88  ? 1.591   -7.187  9.989   1.00 13.15 ? 106 GLU A N   1 
ATOM   653  C  CA  . GLU A 1 88  ? 1.702   -6.054  10.878  1.00 13.01 ? 106 GLU A CA  1 
ATOM   654  C  C   . GLU A 1 88  ? 2.095   -4.767  10.206  1.00 12.39 ? 106 GLU A C   1 
ATOM   655  O  O   . GLU A 1 88  ? 3.259   -4.588  9.774   1.00 19.13 ? 106 GLU A O   1 
ATOM   656  C  CB  . GLU A 1 88  ? 2.794   -6.317  11.988  1.00 15.70 ? 106 GLU A CB  1 
ATOM   657  C  CG  . GLU A 1 88  ? 2.718   -5.348  13.211  1.00 19.73 ? 106 GLU A CG  1 
ATOM   658  C  CD  . GLU A 1 88  ? 3.394   -5.877  14.506  1.00 25.78 ? 106 GLU A CD  1 
ATOM   659  O  OE1 . GLU A 1 88  ? 2.897   -6.854  15.086  1.00 28.40 ? 106 GLU A OE1 1 
ATOM   660  O  OE2 . GLU A 1 88  ? 4.382   -5.253  14.984  1.00 24.32 ? 106 GLU A OE2 1 
ATOM   661  N  N   . GLY A 1 89  ? 1.331   -3.749  10.262  1.00 10.67 ? 107 GLY A N   1 
ATOM   662  C  CA  . GLY A 1 89  ? 1.664   -2.550  9.565   1.00 11.66 ? 107 GLY A CA  1 
ATOM   663  C  C   . GLY A 1 89  ? 1.356   -2.691  8.090   1.00 9.14  ? 107 GLY A C   1 
ATOM   664  O  O   . GLY A 1 89  ? 0.351   -3.337  7.695   1.00 10.84 ? 107 GLY A O   1 
ATOM   665  N  N   . PHE A 1 90  ? 2.145   -2.043  7.262   1.00 7.96  ? 108 PHE A N   1 
ATOM   666  C  CA  . PHE A 1 90  ? 1.852   -1.918  5.846   1.00 7.75  ? 108 PHE A CA  1 
ATOM   667  C  C   . PHE A 1 90  ? 3.024   -2.463  5.038   1.00 7.31  ? 108 PHE A C   1 
ATOM   668  O  O   . PHE A 1 90  ? 4.196   -2.377  5.472   1.00 7.49  ? 108 PHE A O   1 
ATOM   669  C  CB  . PHE A 1 90  ? 1.712   -0.426  5.492   1.00 7.76  ? 108 PHE A CB  1 
ATOM   670  C  CG  . PHE A 1 90  ? 0.425   0.175   6.024   1.00 9.12  ? 108 PHE A CG  1 
ATOM   671  C  CD1 . PHE A 1 90  ? 0.300   0.527   7.365   1.00 11.75 ? 108 PHE A CD1 1 
ATOM   672  C  CD2 . PHE A 1 90  ? -0.678  0.246   5.215   1.00 9.12  ? 108 PHE A CD2 1 
ATOM   673  C  CE1 . PHE A 1 90  ? -0.966  0.944   7.905   1.00 13.76 ? 108 PHE A CE1 1 
ATOM   674  C  CE2 . PHE A 1 90  ? -1.866  0.723   5.755   1.00 11.37 ? 108 PHE A CE2 1 
ATOM   675  C  CZ  . PHE A 1 90  ? -1.980  1.021   7.051   1.00 11.54 ? 108 PHE A CZ  1 
ATOM   676  N  N   . THR A 1 91  ? 2.707   -2.941  3.834   1.00 7.50  ? 109 THR A N   1 
ATOM   677  C  CA  . THR A 1 91  ? 3.746   -3.418  2.889   1.00 7.89  ? 109 THR A CA  1 
ATOM   678  C  C   . THR A 1 91  ? 3.368   -2.830  1.548   1.00 7.87  ? 109 THR A C   1 
ATOM   679  O  O   . THR A 1 91  ? 2.374   -3.310  0.940   1.00 10.15 ? 109 THR A O   1 
ATOM   680  C  CB  . THR A 1 91  ? 3.797   -4.920  2.827   1.00 7.97  ? 109 THR A CB  1 
ATOM   681  O  OG1 . THR A 1 91  ? 4.056   -5.458  4.101   1.00 10.11 ? 109 THR A OG1 1 
ATOM   682  C  CG2 . THR A 1 91  ? 4.915   -5.332  1.873   1.00 10.23 ? 109 THR A CG2 1 
ATOM   683  N  N   . ALA A 1 92  ? 4.150   -1.906  0.994   1.00 7.94  ? 110 ALA A N   1 
ATOM   684  C  CA  . ALA A 1 92  ? 3.836   -1.269  -0.293  1.00 8.55  ? 110 ALA A CA  1 
ATOM   685  C  C   . ALA A 1 92  ? 4.711   -1.806  -1.383  1.00 8.26  ? 110 ALA A C   1 
ATOM   686  O  O   . ALA A 1 92  ? 5.611   -2.616  -1.156  1.00 7.91  ? 110 ALA A O   1 
ATOM   687  C  CB  . ALA A 1 92  ? 3.985   0.227   -0.169  1.00 9.95  ? 110 ALA A CB  1 
ATOM   688  N  N   . SER A 1 93  ? 4.438   -1.396  -2.615  1.00 8.61  ? 111 SER A N   1 
ATOM   689  C  CA  . SER A 1 93  ? 5.362   -1.612  -3.705  1.00 7.82  ? 111 SER A CA  1 
ATOM   690  C  C   . SER A 1 93  ? 6.707   -1.052  -3.367  1.00 8.75  ? 111 SER A C   1 
ATOM   691  O  O   . SER A 1 93  ? 6.830   -0.057  -2.617  1.00 8.76  ? 111 SER A O   1 
ATOM   692  C  CB  . SER A 1 93  ? 4.857   -1.085  -5.068  1.00 10.10 ? 111 SER A CB  1 
ATOM   693  O  OG  . SER A 1 93  ? 4.884   0.458   -5.250  1.00 9.54  ? 111 SER A OG  1 
ATOM   694  N  N   . LYS A 1 94  ? 7.790   -1.554  -4.048  1.00 8.40  ? 112 LYS A N   1 
ATOM   695  C  CA  . LYS A 1 94  ? 9.090   -0.907  -3.940  1.00 8.65  ? 112 LYS A CA  1 
ATOM   696  C  C   . LYS A 1 94  ? 9.026   0.518   -4.509  1.00 9.13  ? 112 LYS A C   1 
ATOM   697  O  O   . LYS A 1 94  ? 9.637   1.381   -3.894  1.00 8.86  ? 112 LYS A O   1 
ATOM   698  C  CB  . LYS A 1 94  ? 10.180  -1.739  -4.647  1.00 11.36 ? 112 LYS A CB  1 
ATOM   699  C  CG  . LYS A 1 94  ? 11.547  -1.203  -4.363  1.00 11.19 ? 112 LYS A CG  1 
ATOM   700  C  CD  . LYS A 1 94  ? 12.576  -2.078  -5.089  1.00 13.02 ? 112 LYS A CD  1 
ATOM   701  C  CE  . LYS A 1 94  ? 13.928  -1.472  -4.849  1.00 16.99 ? 112 LYS A CE  1 
ATOM   702  N  NZ  . LYS A 1 94  ? 14.207  -0.306  -5.740  1.00 28.31 ? 112 LYS A NZ  1 
ATOM   703  N  N   . GLN A 1 95  ? 8.354   0.713   -5.622  1.00 9.51  ? 113 GLN A N   1 
ATOM   704  C  CA  . GLN A 1 95  ? 8.276   2.077   -6.177  1.00 10.65 ? 113 GLN A CA  1 
ATOM   705  C  C   . GLN A 1 95  ? 7.653   3.037   -5.130  1.00 10.35 ? 113 GLN A C   1 
ATOM   706  O  O   . GLN A 1 95  ? 8.122   4.160   -4.988  1.00 11.02 ? 113 GLN A O   1 
ATOM   707  C  CB  . GLN A 1 95  ? 7.468   2.080   -7.436  1.00 12.58 ? 113 GLN A CB  1 
ATOM   708  C  CG  . GLN A 1 95  ? 8.234   1.589   -8.667  1.00 15.47 ? 113 GLN A CG  1 
ATOM   709  C  CD  . GLN A 1 95  ? 7.335   1.310   -9.775  1.00 18.33 ? 113 GLN A CD  1 
ATOM   710  O  OE1 . GLN A 1 95  ? 7.098   2.249   -10.625 1.00 20.08 ? 113 GLN A OE1 1 
ATOM   711  N  NE2 . GLN A 1 95  ? 6.761   0.109   -9.808  1.00 15.22 ? 113 GLN A NE2 1 
ATOM   712  N  N   . ALA A 1 96  ? 6.599   2.628   -4.452  1.00 9.13  ? 114 ALA A N   1 
ATOM   713  C  CA  . ALA A 1 96  ? 5.977   3.499   -3.472  1.00 9.72  ? 114 ALA A CA  1 
ATOM   714  C  C   . ALA A 1 96  ? 6.920   3.800   -2.323  1.00 9.15  ? 114 ALA A C   1 
ATOM   715  O  O   . ALA A 1 96  ? 7.036   4.950   -1.889  1.00 9.70  ? 114 ALA A O   1 
ATOM   716  C  CB  . ALA A 1 96  ? 4.751   2.832   -3.014  1.00 10.47 ? 114 ALA A CB  1 
ATOM   717  N  N   . MET A 1 97  ? 7.637   2.770   -1.821  1.00 8.05  ? 115 MET A N   1 
ATOM   718  C  CA  . MET A 1 97  ? 8.516   3.008   -0.714  1.00 8.57  ? 115 MET A CA  1 
ATOM   719  C  C   . MET A 1 97  ? 9.748   3.834   -1.146  1.00 9.00  ? 115 MET A C   1 
ATOM   720  O  O   . MET A 1 97  ? 10.226  4.636   -0.340  1.00 8.85  ? 115 MET A O   1 
ATOM   721  C  CB  . MET A 1 97  ? 8.908   1.685   -0.018  1.00 9.41  ? 115 MET A CB  1 
ATOM   722  C  CG  . MET A 1 97  ? 9.700   1.975   1.277   1.00 9.76  ? 115 MET A CG  1 
ATOM   723  S  SD  . MET A 1 97  ? 9.833   0.462   2.249   1.00 11.90 ? 115 MET A SD  1 
ATOM   724  C  CE  . MET A 1 97  ? 10.942  0.950   3.533   1.00 11.19 ? 115 MET A CE  1 
ATOM   725  N  N   . ASP A 1 98  ? 10.230  3.616   -2.355  1.00 9.37  ? 116 ASP A N   1 
ATOM   726  C  CA  . ASP A 1 98  ? 11.296  4.467   -2.878  1.00 9.37  ? 116 ASP A CA  1 
ATOM   727  C  C   . ASP A 1 98  ? 10.793  5.919   -2.990  1.00 10.55 ? 116 ASP A C   1 
ATOM   728  O  O   . ASP A 1 98  ? 11.577  6.841   -2.642  1.00 11.13 ? 116 ASP A O   1 
ATOM   729  C  CB  . ASP A 1 98  ? 11.748  3.955   -4.232  1.00 11.74 ? 116 ASP A CB  1 
ATOM   730  C  CG  . ASP A 1 98  ? 12.881  2.915   -4.124  1.00 12.52 ? 116 ASP A CG  1 
ATOM   731  O  OD1 . ASP A 1 98  ? 13.597  2.896   -3.154  1.00 11.89 ? 116 ASP A OD1 1 
ATOM   732  O  OD2 . ASP A 1 98  ? 13.026  2.139   -5.104  1.00 15.92 ? 116 ASP A OD2 1 
ATOM   733  N  N   . ASP A 1 99  ? 9.564   6.132   -3.424  1.00 10.44 ? 117 ASP A N   1 
ATOM   734  C  CA  A ASP A 1 99  ? 8.962   7.495   -3.548  0.50 11.87 ? 117 ASP A CA  1 
ATOM   735  C  CA  B ASP A 1 99  ? 9.088   7.515   -3.529  0.50 12.41 ? 117 ASP A CA  1 
ATOM   736  C  C   . ASP A 1 99  ? 9.000   8.129   -2.143  1.00 11.18 ? 117 ASP A C   1 
ATOM   737  O  O   . ASP A 1 99  ? 9.410   9.266   -1.947  1.00 14.38 ? 117 ASP A O   1 
ATOM   738  C  CB  A ASP A 1 99  ? 7.539   7.402   -4.106  0.50 12.31 ? 117 ASP A CB  1 
ATOM   739  C  CB  B ASP A 1 99  ? 7.740   7.577   -4.158  0.50 13.10 ? 117 ASP A CB  1 
ATOM   740  C  CG  A ASP A 1 99  ? 7.517   7.203   -5.611  0.50 14.16 ? 117 ASP A CG  1 
ATOM   741  C  CG  B ASP A 1 99  ? 7.332   8.997   -4.433  0.50 15.49 ? 117 ASP A CG  1 
ATOM   742  O  OD1 A ASP A 1 99  ? 8.589   7.126   -6.229  0.50 20.75 ? 117 ASP A OD1 1 
ATOM   743  O  OD1 B ASP A 1 99  ? 8.113   9.743   -5.062  0.50 21.20 ? 117 ASP A OD1 1 
ATOM   744  O  OD2 A ASP A 1 99  ? 6.410   7.093   -6.170  0.50 22.03 ? 117 ASP A OD2 1 
ATOM   745  O  OD2 B ASP A 1 99  ? 6.250   9.403   -3.992  0.50 21.54 ? 117 ASP A OD2 1 
ATOM   746  N  N   . LEU A 1 100 ? 8.573   7.377   -1.134  1.00 11.27 ? 118 LEU A N   1 
ATOM   747  C  CA  . LEU A 1 100 ? 8.426   7.881   0.185   1.00 11.94 ? 118 LEU A CA  1 
ATOM   748  C  C   . LEU A 1 100 ? 9.734   8.259   0.793   1.00 11.43 ? 118 LEU A C   1 
ATOM   749  O  O   . LEU A 1 100 ? 9.798   9.207   1.613   1.00 12.97 ? 118 LEU A O   1 
ATOM   750  C  CB  . LEU A 1 100 ? 7.715   6.800   1.035   1.00 11.77 ? 118 LEU A CB  1 
ATOM   751  C  CG  . LEU A 1 100 ? 7.394   7.191   2.442   1.00 13.39 ? 118 LEU A CG  1 
ATOM   752  C  CD1 . LEU A 1 100 ? 6.438   8.443   2.475   1.00 12.51 ? 118 LEU A CD1 1 
ATOM   753  C  CD2 . LEU A 1 100 ? 6.798   5.969   3.096   1.00 15.56 ? 118 LEU A CD2 1 
ATOM   754  N  N   . THR A 1 101 ? 10.795  7.444   0.588   1.00 11.25 ? 119 THR A N   1 
ATOM   755  C  CA  . THR A 1 101 ? 12.041  7.512   1.320   1.00 10.90 ? 119 THR A CA  1 
ATOM   756  C  C   . THR A 1 101 ? 13.192  8.093   0.486   1.00 12.26 ? 119 THR A C   1 
ATOM   757  O  O   . THR A 1 101 ? 14.330  8.030   0.874   1.00 14.52 ? 119 THR A O   1 
ATOM   758  C  CB  . THR A 1 101 ? 12.484  6.060   1.793   1.00 10.48 ? 119 THR A CB  1 
ATOM   759  O  OG1 . THR A 1 101 ? 12.770  5.249   0.634   1.00 9.94  ? 119 THR A OG1 1 
ATOM   760  C  CG2 . THR A 1 101 ? 11.458  5.437   2.710   1.00 12.86 ? 119 THR A CG2 1 
ATOM   761  N  N   . ASN A 1 102 ? 12.868  8.638   -0.666  1.00 13.22 ? 120 ASN A N   1 
ATOM   762  C  CA  . ASN A 1 102 ? 13.905  9.157   -1.580  1.00 14.97 ? 120 ASN A CA  1 
ATOM   763  C  C   . ASN A 1 102 ? 14.917  8.086   -2.056  1.00 13.87 ? 120 ASN A C   1 
ATOM   764  O  O   . ASN A 1 102 ? 16.111  8.244   -1.940  1.00 15.37 ? 120 ASN A O   1 
ATOM   765  C  CB  . ASN A 1 102 ? 14.592  10.417  -1.020  1.00 18.32 ? 120 ASN A CB  1 
ATOM   766  C  CG  . ASN A 1 102 ? 15.374  11.171  -2.108  1.00 21.47 ? 120 ASN A CG  1 
ATOM   767  O  OD1 . ASN A 1 102 ? 15.122  10.996  -3.327  1.00 26.98 ? 120 ASN A OD1 1 
ATOM   768  N  ND2 . ASN A 1 102 ? 16.379  11.883  -1.676  1.00 27.28 ? 120 ASN A ND2 1 
ATOM   769  N  N   . LYS A 1 103 ? 14.342  6.984   -2.516  1.00 12.11 ? 121 LYS A N   1 
ATOM   770  C  CA  . LYS A 1 103 ? 15.055  5.908   -3.217  1.00 13.80 ? 121 LYS A CA  1 
ATOM   771  C  C   . LYS A 1 103 ? 15.863  5.044   -2.244  1.00 12.10 ? 121 LYS A C   1 
ATOM   772  O  O   . LYS A 1 103 ? 16.925  4.507   -2.609  1.00 14.05 ? 121 LYS A O   1 
ATOM   773  C  CB  . LYS A 1 103 ? 15.974  6.429   -4.350  1.00 14.94 ? 121 LYS A CB  1 
ATOM   774  C  CG  . LYS A 1 103 ? 15.125  7.259   -5.274  1.00 17.50 ? 121 LYS A CG  1 
ATOM   775  C  CD  . LYS A 1 103 ? 15.969  7.787   -6.466  1.00 22.72 ? 121 LYS A CD  1 
ATOM   776  C  CE  . LYS A 1 103 ? 15.003  8.581   -7.330  1.00 24.39 ? 121 LYS A CE  1 
ATOM   777  N  NZ  . LYS A 1 103 ? 15.635  9.028   -8.628  1.00 30.99 ? 121 LYS A NZ  1 
ATOM   778  N  N   . ARG A 1 104 ? 15.390  4.870   -1.019  1.00 11.47 ? 122 ARG A N   1 
ATOM   779  C  CA  . ARG A 1 104 ? 16.091  4.104   0.003   1.00 10.89 ? 122 ARG A CA  1 
ATOM   780  C  C   . ARG A 1 104 ? 15.278  2.906   0.479   1.00 9.14  ? 122 ARG A C   1 
ATOM   781  O  O   . ARG A 1 104 ? 15.561  2.402   1.585   1.00 10.46 ? 122 ARG A O   1 
ATOM   782  C  CB  . ARG A 1 104 ? 16.400  5.031   1.173   1.00 13.25 ? 122 ARG A CB  1 
ATOM   783  C  CG  . ARG A 1 104 ? 17.312  6.173   0.778   1.00 14.11 ? 122 ARG A CG  1 
ATOM   784  C  CD  . ARG A 1 104 ? 17.536  7.125   1.931   1.00 20.99 ? 122 ARG A CD  1 
ATOM   785  N  NE  . ARG A 1 104 ? 18.448  6.447   2.811   1.00 19.02 ? 122 ARG A NE  1 
ATOM   786  C  CZ  . ARG A 1 104 ? 18.554  6.700   4.118   1.00 22.34 ? 122 ARG A CZ  1 
ATOM   787  N  NH1 . ARG A 1 104 ? 17.785  7.607   4.654   1.00 23.54 ? 122 ARG A NH1 1 
ATOM   788  N  NH2 . ARG A 1 104 ? 19.443  6.009   4.820   1.00 23.68 ? 122 ARG A NH2 1 
ATOM   789  N  N   . ALA A 1 105 ? 14.382  2.396   -0.311  1.00 8.86  ? 123 ALA A N   1 
ATOM   790  C  CA  . ALA A 1 105 ? 13.522  1.289   0.151   1.00 9.52  ? 123 ALA A CA  1 
ATOM   791  C  C   . ALA A 1 105 ? 14.360  0.035   0.521   1.00 10.24 ? 123 ALA A C   1 
ATOM   792  O  O   . ALA A 1 105 ? 14.262  -0.505  1.584   1.00 10.04 ? 123 ALA A O   1 
ATOM   793  C  CB  . ALA A 1 105 ? 12.553  0.916   -0.885  1.00 10.37 ? 123 ALA A CB  1 
ATOM   794  N  N   . GLU A 1 106 ? 15.102  -0.486  -0.400  1.00 8.96  ? 124 GLU A N   1 
ATOM   795  C  CA  . GLU A 1 106 ? 16.027  -1.596  -0.186  1.00 10.12 ? 124 GLU A CA  1 
ATOM   796  C  C   . GLU A 1 106 ? 17.027  -1.357  0.912   1.00 9.99  ? 124 GLU A C   1 
ATOM   797  O  O   . GLU A 1 106 ? 17.204  -2.221  1.808   1.00 10.95 ? 124 GLU A O   1 
ATOM   798  C  CB  . GLU A 1 106 ? 16.730  -1.950  -1.510  1.00 13.17 ? 124 GLU A CB  1 
ATOM   799  C  CG  . GLU A 1 106 ? 17.578  -3.237  -1.510  1.00 18.52 ? 124 GLU A CG  1 
ATOM   800  C  CD  . GLU A 1 106 ? 18.006  -3.664  -2.953  1.00 21.24 ? 124 GLU A CD  1 
ATOM   801  O  OE1 . GLU A 1 106 ? 17.826  -2.946  -3.995  1.00 25.77 ? 124 GLU A OE1 1 
ATOM   802  O  OE2 . GLU A 1 106 ? 18.494  -4.796  -3.069  1.00 27.84 ? 124 GLU A OE2 1 
ATOM   803  N  N   . GLU A 1 107 ? 17.659  -0.204  0.967   1.00 9.94  ? 125 GLU A N   1 
ATOM   804  C  CA  . GLU A 1 107 ? 18.563  0.070   2.031   1.00 11.27 ? 125 GLU A CA  1 
ATOM   805  C  C   . GLU A 1 107 ? 17.940  0.012   3.412   1.00 10.12 ? 125 GLU A C   1 
ATOM   806  O  O   . GLU A 1 107 ? 18.417  -0.639  4.339   1.00 11.82 ? 125 GLU A O   1 
ATOM   807  C  CB  . GLU A 1 107 ? 19.182  1.465   1.767   1.00 13.99 ? 125 GLU A CB  1 
ATOM   808  C  CG  . GLU A 1 107 ? 19.969  1.929   2.900   1.00 16.42 ? 125 GLU A CG  1 
ATOM   809  C  CD  . GLU A 1 107 ? 20.191  3.439   2.936   1.00 22.81 ? 125 GLU A CD  1 
ATOM   810  O  OE1 . GLU A 1 107 ? 19.912  4.160   1.942   1.00 22.20 ? 125 GLU A OE1 1 
ATOM   811  O  OE2 . GLU A 1 107 ? 20.663  3.916   3.975   1.00 27.44 ? 125 GLU A OE2 1 
ATOM   812  N  N   . LEU A 1 108 ? 16.775  0.630   3.604   1.00 10.27 ? 126 LEU A N   1 
ATOM   813  C  CA  . LEU A 1 108 ? 16.111  0.686   4.904   1.00 9.80  ? 126 LEU A CA  1 
ATOM   814  C  C   . LEU A 1 108 ? 15.342  -0.583  5.238   1.00 9.58  ? 126 LEU A C   1 
ATOM   815  O  O   . LEU A 1 108 ? 15.327  -1.003  6.384   1.00 9.75  ? 126 LEU A O   1 
ATOM   816  C  CB  . LEU A 1 108 ? 15.195  1.935   4.964   1.00 10.39 ? 126 LEU A CB  1 
ATOM   817  C  CG  . LEU A 1 108 ? 15.982  3.258   4.872   1.00 11.66 ? 126 LEU A CG  1 
ATOM   818  C  CD1 . LEU A 1 108 ? 15.080  4.494   4.671   1.00 15.30 ? 126 LEU A CD1 1 
ATOM   819  C  CD2 . LEU A 1 108 ? 16.898  3.401   6.074   1.00 18.28 ? 126 LEU A CD2 1 
ATOM   820  N  N   . GLY A 1 109 ? 14.686  -1.113  4.239   1.00 8.88  ? 127 GLY A N   1 
ATOM   821  C  CA  . GLY A 1 109 ? 13.923  -2.351  4.417   1.00 9.65  ? 127 GLY A CA  1 
ATOM   822  C  C   . GLY A 1 109 ? 12.531  -2.104  5.004   1.00 9.16  ? 127 GLY A C   1 
ATOM   823  O  O   . GLY A 1 109 ? 11.518  -2.341  4.382   1.00 9.33  ? 127 GLY A O   1 
ATOM   824  N  N   . THR A 1 110 ? 12.543  -1.608  6.238   1.00 9.85  ? 128 THR A N   1 
ATOM   825  C  CA  . THR A 1 110 ? 11.290  -1.270  7.035   1.00 9.07  ? 128 THR A CA  1 
ATOM   826  C  C   . THR A 1 110 ? 11.485  0.083   7.704   1.00 11.04 ? 128 THR A C   1 
ATOM   827  O  O   . THR A 1 110 ? 12.601  0.311   8.231   1.00 12.39 ? 128 THR A O   1 
ATOM   828  C  CB  . THR A 1 110 ? 11.012  -2.345  8.059   1.00 9.22  ? 128 THR A CB  1 
ATOM   829  O  OG1 . THR A 1 110 ? 10.771  -3.587  7.345   1.00 9.84  ? 128 THR A OG1 1 
ATOM   830  C  CG2 . THR A 1 110 ? 9.783   -2.015  8.914   1.00 11.06 ? 128 THR A CG2 1 
ATOM   831  N  N   . VAL A 1 111 ? 10.528  0.987   7.620   1.00 10.52 ? 129 VAL A N   1 
ATOM   832  C  CA  . VAL A 1 111 ? 10.618  2.326   8.265   1.00 10.92 ? 129 VAL A CA  1 
ATOM   833  C  C   . VAL A 1 111 ? 9.377   2.503   9.080   1.00 10.08 ? 129 VAL A C   1 
ATOM   834  O  O   . VAL A 1 111 ? 8.376   1.840   8.881   1.00 11.86 ? 129 VAL A O   1 
ATOM   835  C  CB  . VAL A 1 111 ? 10.725  3.437   7.293   1.00 10.95 ? 129 VAL A CB  1 
ATOM   836  C  CG1 . VAL A 1 111 ? 12.032  3.396   6.504   1.00 13.70 ? 129 VAL A CG1 1 
ATOM   837  C  CG2 . VAL A 1 111 ? 9.564   3.544   6.378   1.00 13.14 ? 129 VAL A CG2 1 
ATOM   838  N  N   . ASN A 1 112 ? 9.431   3.390   10.021  1.00 9.87  ? 130 ASN A N   1 
ATOM   839  C  CA  . ASN A 1 112 ? 8.201   3.840   10.743  1.00 10.67 ? 130 ASN A CA  1 
ATOM   840  C  C   . ASN A 1 112 ? 7.582   5.011   10.053  1.00 9.73  ? 130 ASN A C   1 
ATOM   841  O  O   . ASN A 1 112 ? 8.302   5.885   9.592   1.00 12.08 ? 130 ASN A O   1 
ATOM   842  C  CB  . ASN A 1 112 ? 8.564   4.195   12.200  1.00 13.30 ? 130 ASN A CB  1 
ATOM   843  C  CG  . ASN A 1 112 ? 9.051   2.978   12.966  1.00 15.70 ? 130 ASN A CG  1 
ATOM   844  O  OD1 . ASN A 1 112 ? 8.606   1.841   12.764  1.00 18.29 ? 130 ASN A OD1 1 
ATOM   845  N  ND2 . ASN A 1 112 ? 9.984   3.213   13.852  1.00 25.01 ? 130 ASN A ND2 1 
ATOM   846  N  N   . VAL A 1 113 ? 6.278   4.947   9.908   1.00 9.92  ? 131 VAL A N   1 
ATOM   847  C  CA  . VAL A 1 113 ? 5.487   6.027   9.289   1.00 10.68 ? 131 VAL A CA  1 
ATOM   848  C  C   . VAL A 1 113 ? 4.313   6.405   10.166  1.00 10.62 ? 131 VAL A C   1 
ATOM   849  O  O   . VAL A 1 113 ? 3.823   5.606   10.952  1.00 11.25 ? 131 VAL A O   1 
ATOM   850  C  CB  . VAL A 1 113 ? 4.964   5.594   7.891   1.00 10.85 ? 131 VAL A CB  1 
ATOM   851  C  CG1 . VAL A 1 113 ? 6.113   5.374   6.898   1.00 13.04 ? 131 VAL A CG1 1 
ATOM   852  C  CG2 . VAL A 1 113 ? 4.090   4.378   7.991   1.00 11.63 ? 131 VAL A CG2 1 
ATOM   853  N  N   . ASP A 1 114 ? 3.837   7.624   9.947   1.00 9.71  ? 132 ASP A N   1 
ATOM   854  C  CA  . ASP A 1 114 ? 2.463   7.951   10.480  1.00 10.65 ? 132 ASP A CA  1 
ATOM   855  C  C   . ASP A 1 114 ? 1.432   7.565   9.480   1.00 9.44  ? 132 ASP A C   1 
ATOM   856  O  O   . ASP A 1 114 ? 1.654   7.721   8.300   1.00 11.87 ? 132 ASP A O   1 
ATOM   857  C  CB  . ASP A 1 114 ? 2.387   9.486   10.736  1.00 14.25 ? 132 ASP A CB  1 
ATOM   858  C  CG  . ASP A 1 114 ? 2.954   9.807   12.030  1.00 23.13 ? 132 ASP A CG  1 
ATOM   859  O  OD1 . ASP A 1 114 ? 2.254   9.543   13.030  1.00 31.29 ? 132 ASP A OD1 1 
ATOM   860  O  OD2 . ASP A 1 114 ? 4.101   10.236  12.072  1.00 31.43 ? 132 ASP A OD2 1 
ATOM   861  N  N   . VAL A 1 115 ? 0.286   7.060   9.880   1.00 9.86  ? 133 VAL A N   1 
ATOM   862  C  CA  . VAL A 1 115 ? -0.758  6.590   8.998   1.00 9.91  ? 133 VAL A CA  1 
ATOM   863  C  C   . VAL A 1 115 ? -2.062  7.285   9.335   1.00 9.46  ? 133 VAL A C   1 
ATOM   864  O  O   . VAL A 1 115 ? -2.427  7.342   10.562  1.00 11.84 ? 133 VAL A O   1 
ATOM   865  C  CB  . VAL A 1 115 ? -0.885  5.078   9.096   1.00 12.39 ? 133 VAL A CB  1 
ATOM   866  C  CG1 . VAL A 1 115 ? -1.064  4.578   10.498  1.00 14.72 ? 133 VAL A CG1 1 
ATOM   867  C  CG2 . VAL A 1 115 ? -2.035  4.563   8.209   1.00 13.95 ? 133 VAL A CG2 1 
ATOM   868  N  N   . ARG A 1 116 ? -2.809  7.660   8.311   1.00 10.21 ? 134 ARG A N   1 
ATOM   869  C  CA  . ARG A 1 116 ? -4.172  8.096   8.488   1.00 11.64 ? 134 ARG A CA  1 
ATOM   870  C  C   . ARG A 1 116 ? -4.952  7.508   7.346   1.00 11.71 ? 134 ARG A C   1 
ATOM   871  O  O   . ARG A 1 116 ? -4.479  7.598   6.184   1.00 12.39 ? 134 ARG A O   1 
ATOM   872  C  CB  . ARG A 1 116 ? -4.101  9.615   8.332   1.00 15.05 ? 134 ARG A CB  1 
ATOM   873  C  CG  . ARG A 1 116 ? -5.181  10.537  8.729   1.00 23.18 ? 134 ARG A CG  1 
ATOM   874  C  CD  . ARG A 1 116 ? -4.192  11.620  9.220   0.50 18.49 ? 134 ARG A CD  1 
ATOM   875  N  NE  . ARG A 1 116 ? -4.435  12.068  10.545  0.50 13.86 ? 134 ARG A NE  1 
ATOM   876  C  CZ  . ARG A 1 116 ? -4.860  13.293  10.750  0.50 12.76 ? 134 ARG A CZ  1 
ATOM   877  N  NH1 . ARG A 1 116 ? -5.047  14.103  9.706   0.50 11.56 ? 134 ARG A NH1 1 
ATOM   878  N  NH2 . ARG A 1 116 ? -5.192  13.612  11.935  0.50 10.08 ? 134 ARG A NH2 1 
ATOM   879  N  N   . LYS A 1 117 ? -6.122  6.965   7.556   1.00 10.88 ? 135 LYS A N   1 
ATOM   880  C  CA  . LYS A 1 117 ? -7.033  6.654   6.441   1.00 11.73 ? 135 LYS A CA  1 
ATOM   881  C  C   . LYS A 1 117 ? -7.615  7.940   5.901   1.00 11.13 ? 135 LYS A C   1 
ATOM   882  O  O   . LYS A 1 117 ? -8.001  8.814   6.716   1.00 13.09 ? 135 LYS A O   1 
ATOM   883  C  CB  . LYS A 1 117 ? -8.144  5.749   6.898   1.00 13.05 ? 135 LYS A CB  1 
ATOM   884  C  CG  . LYS A 1 117 ? -8.881  5.280   5.569   1.00 14.42 ? 135 LYS A CG  1 
ATOM   885  C  CD  . LYS A 1 117 ? -10.009 4.339   5.758   1.00 16.66 ? 135 LYS A CD  1 
ATOM   886  C  CE  . LYS A 1 117 ? -9.573  2.890   6.299   1.00 15.89 ? 135 LYS A CE  1 
ATOM   887  N  NZ  . LYS A 1 117 ? -10.746 2.120   6.366   1.00 19.60 ? 135 LYS A NZ  1 
ATOM   888  N  N   . VAL A 1 118 ? -7.551  8.171   4.597   1.00 9.74  ? 136 VAL A N   1 
ATOM   889  C  CA  . VAL A 1 118 ? -8.019  9.407   3.954   1.00 10.63 ? 136 VAL A CA  1 
ATOM   890  C  C   . VAL A 1 118 ? -9.002  9.047   2.843   1.00 10.37 ? 136 VAL A C   1 
ATOM   891  O  O   . VAL A 1 118 ? -9.217  7.905   2.488   1.00 10.85 ? 136 VAL A O   1 
ATOM   892  C  CB  . VAL A 1 118 ? -6.825  10.236  3.399   1.00 10.17 ? 136 VAL A CB  1 
ATOM   893  C  CG1 . VAL A 1 118 ? -5.878  10.664  4.511   1.00 11.06 ? 136 VAL A CG1 1 
ATOM   894  C  CG2 . VAL A 1 118 ? -6.013  9.428   2.315   1.00 10.38 ? 136 VAL A CG2 1 
ATOM   895  N  N   . ASP A 1 119 ? -9.666  10.061  2.314   1.00 12.29 ? 137 ASP A N   1 
ATOM   896  C  CA  . ASP A 1 119 ? -10.607 9.843   1.230   1.00 12.20 ? 137 ASP A CA  1 
ATOM   897  C  C   . ASP A 1 119 ? -9.924  9.176   0.087   1.00 11.19 ? 137 ASP A C   1 
ATOM   898  O  O   . ASP A 1 119 ? -8.823  9.522   -0.273  1.00 11.86 ? 137 ASP A O   1 
ATOM   899  C  CB  . ASP A 1 119 ? -11.063 11.219  0.753   1.00 14.80 ? 137 ASP A CB  1 
ATOM   900  C  CG  . ASP A 1 119 ? -12.251 11.153  -0.190  1.00 15.23 ? 137 ASP A CG  1 
ATOM   901  O  OD1 . ASP A 1 119 ? -13.343 11.101  0.348   1.00 16.23 ? 137 ASP A OD1 1 
ATOM   902  O  OD2 . ASP A 1 119 ? -12.063 11.045  -1.411  1.00 19.15 ? 137 ASP A OD2 1 
ATOM   903  N  N   . PHE A 1 120 ? -10.654 8.308   -0.618  1.00 11.35 ? 138 PHE A N   1 
ATOM   904  C  CA  . PHE A 1 120 ? -10.108 7.541   -1.698  1.00 11.13 ? 138 PHE A CA  1 
ATOM   905  C  C   . PHE A 1 120 ? -9.632  8.440   -2.824  1.00 12.97 ? 138 PHE A C   1 
ATOM   906  O  O   . PHE A 1 120 ? -8.720  8.080   -3.580  1.00 12.67 ? 138 PHE A O   1 
ATOM   907  C  CB  . PHE A 1 120 ? -11.122 6.545   -2.189  1.00 11.70 ? 138 PHE A CB  1 
ATOM   908  C  CG  . PHE A 1 120 ? -10.508 5.575   -3.165  1.00 13.34 ? 138 PHE A CG  1 
ATOM   909  C  CD1 . PHE A 1 120 ? -9.750  4.477   -2.686  1.00 14.07 ? 138 PHE A CD1 1 
ATOM   910  C  CD2 . PHE A 1 120 ? -10.497 5.840   -4.532  1.00 17.35 ? 138 PHE A CD2 1 
ATOM   911  C  CE1 . PHE A 1 120 ? -9.106  3.640   -3.546  1.00 16.84 ? 138 PHE A CE1 1 
ATOM   912  C  CE2 . PHE A 1 120 ? -9.796  4.968   -5.425  1.00 21.78 ? 138 PHE A CE2 1 
ATOM   913  C  CZ  . PHE A 1 120 ? -9.111  3.842   -4.900  1.00 19.36 ? 138 PHE A CZ  1 
ATOM   914  N  N   . SER A 1 121 ? -10.272 9.631   -2.977  1.00 12.84 ? 139 SER A N   1 
ATOM   915  C  CA  . SER A 1 121 ? -9.822  10.550  -3.959  1.00 13.00 ? 139 SER A CA  1 
ATOM   916  C  C   . SER A 1 121 ? -8.297  10.882  -3.857  1.00 12.72 ? 139 SER A C   1 
ATOM   917  O  O   . SER A 1 121 ? -7.668  11.229  -4.876  1.00 13.92 ? 139 SER A O   1 
ATOM   918  C  CB  . SER A 1 121 ? -10.545 11.914  -3.898  1.00 15.36 ? 139 SER A CB  1 
ATOM   919  O  OG  . SER A 1 121 ? -10.396 12.490  -2.623  1.00 21.00 ? 139 SER A OG  1 
ATOM   920  N  N   . ARG A 1 122 ? -7.736  10.780  -2.632  1.00 12.72 ? 140 ARG A N   1 
ATOM   921  C  CA  . ARG A 1 122 ? -6.325  11.141  -2.430  1.00 12.00 ? 140 ARG A CA  1 
ATOM   922  C  C   . ARG A 1 122 ? -5.405  10.101  -3.101  1.00 11.52 ? 140 ARG A C   1 
ATOM   923  O  O   . ARG A 1 122 ? -4.263  10.386  -3.493  1.00 13.04 ? 140 ARG A O   1 
ATOM   924  C  CB  . ARG A 1 122 ? -6.025  11.227  -0.918  1.00 11.68 ? 140 ARG A CB  1 
ATOM   925  C  CG  . ARG A 1 122 ? -6.839  12.235  -0.018  1.00 13.43 ? 140 ARG A CG  1 
ATOM   926  C  CD  . ARG A 1 122 ? -6.488  13.648  -0.317  1.00 16.05 ? 140 ARG A CD  1 
ATOM   927  N  NE  . ARG A 1 122 ? -5.136  13.978  0.132   1.00 13.18 ? 140 ARG A NE  1 
ATOM   928  C  CZ  . ARG A 1 122 ? -4.908  14.374  1.387   1.00 12.38 ? 140 ARG A CZ  1 
ATOM   929  N  NH1 . ARG A 1 122 ? -5.822  14.342  2.321   1.00 12.80 ? 140 ARG A NH1 1 
ATOM   930  N  NH2 . ARG A 1 122 ? -3.688  14.698  1.714   1.00 12.11 ? 140 ARG A NH2 1 
ATOM   931  N  N   . CYS A 1 123 ? -5.916  8.891   -3.336  1.00 11.67 ? 141 CYS A N   1 
ATOM   932  C  CA  . CYS A 1 123 ? -5.126  7.838   -3.992  1.00 12.63 ? 141 CYS A CA  1 
ATOM   933  C  C   . CYS A 1 123 ? -5.300  7.939   -5.523  1.00 17.46 ? 141 CYS A C   1 
ATOM   934  O  O   . CYS A 1 123 ? -4.612  7.302   -6.264  1.00 21.29 ? 141 CYS A O   1 
ATOM   935  C  CB  . CYS A 1 123 ? -5.598  6.436   -3.491  1.00 11.57 ? 141 CYS A CB  1 
ATOM   936  S  SG  . CYS A 1 123 ? -4.880  5.897   -1.945  1.00 10.80 ? 141 CYS A SG  1 
ATOM   937  N  N   . GLU A 1 124 ? -6.266  8.705   -5.977  1.00 19.24 ? 142 GLU A N   1 
ATOM   938  C  CA  . GLU A 1 124 ? -6.494  8.925   -7.414  1.00 22.23 ? 142 GLU A CA  1 
ATOM   939  C  C   . GLU A 1 124 ? -5.591  10.076  -7.916  1.00 24.16 ? 142 GLU A C   1 
ATOM   940  O  O   . GLU A 1 124 ? -5.243  10.996  -7.149  1.00 25.82 ? 142 GLU A O   1 
ATOM   941  C  CB  . GLU A 1 124 ? -7.994  9.222   -7.635  1.00 22.90 ? 142 GLU A CB  1 
ATOM   942  C  CG  . GLU A 1 124 ? -8.849  7.983   -7.290  1.00 24.68 ? 142 GLU A CG  1 
ATOM   943  C  CD  . GLU A 1 124 ? -10.384 8.114   -7.512  1.00 32.46 ? 142 GLU A CD  1 
ATOM   944  O  OE1 . GLU A 1 124 ? -11.015 8.966   -6.879  1.00 34.78 ? 142 GLU A OE1 1 
ATOM   945  O  OE2 . GLU A 1 124 ? -10.964 7.287   -8.270  1.00 33.48 ? 142 GLU A OE2 1 
HETATM 946  C  C   . ACT B 2 .   ? -6.443  3.799   10.629  1.00 19.91 ? 201 ACT A C   1 
HETATM 947  O  O   . ACT B 2 .   ? -6.450  2.596   10.235  1.00 16.92 ? 201 ACT A O   1 
HETATM 948  O  OXT . ACT B 2 .   ? -7.333  4.469   10.067  1.00 20.71 ? 201 ACT A OXT 1 
HETATM 949  C  CH3 . ACT B 2 .   ? -5.364  4.274   11.543  1.00 19.35 ? 201 ACT A CH3 1 
HETATM 950  C  C   . ACT C 2 .   ? -13.839 13.585  -2.532  1.00 25.95 ? 202 ACT A C   1 
HETATM 951  O  O   . ACT C 2 .   ? -13.543 13.848  -1.326  1.00 28.49 ? 202 ACT A O   1 
HETATM 952  O  OXT . ACT C 2 .   ? -14.677 12.757  -2.703  1.00 22.07 ? 202 ACT A OXT 1 
HETATM 953  C  CH3 . ACT C 2 .   ? -13.226 14.319  -3.664  1.00 25.80 ? 202 ACT A CH3 1 
HETATM 954  ZN ZN  . ZN  D 3 .   ? -14.836 11.428  -0.902  0.80 14.07 ? 203 ZN  A ZN  1 
HETATM 955  ZN ZN  . ZN  E 3 .   ? -5.333  1.099   10.688  0.65 12.84 ? 204 ZN  A ZN  1 
HETATM 956  ZN ZN  . ZN  F 3 .   ? 4.766   -5.776  16.680  0.50 20.59 ? 205 ZN  A ZN  1 
HETATM 957  CL CL  . CL  G 4 .   ? -3.070  1.402   10.815  0.65 16.59 ? 206 CL  A CL  1 
HETATM 958  NA NA  . NA  H 5 .   ? 18.653  -3.902  -5.569  1.00 16.27 ? 207 NA  A NA  1 
HETATM 959  O  O   . HOH I 6 .   ? 1.137   14.940  -0.306  1.00 11.29 ? 301 HOH A O   1 
HETATM 960  O  O   . HOH I 6 .   ? 0.118   10.244  7.354   1.00 10.94 ? 302 HOH A O   1 
HETATM 961  O  O   . HOH I 6 .   ? -6.760  -11.403 10.855  1.00 10.22 ? 303 HOH A O   1 
HETATM 962  O  O   . HOH I 6 .   ? -7.074  6.914   10.350  1.00 12.01 ? 304 HOH A O   1 
HETATM 963  O  O   . HOH I 6 .   ? 15.687  1.061   -2.966  1.00 13.56 ? 305 HOH A O   1 
HETATM 964  O  O   . HOH I 6 .   ? 10.849  12.377  4.647   1.00 11.79 ? 306 HOH A O   1 
HETATM 965  O  O   . HOH I 6 .   ? 10.757  -4.597  3.151   1.00 12.42 ? 307 HOH A O   1 
HETATM 966  O  O   . HOH I 6 .   ? -10.146 5.283   2.019   1.00 14.17 ? 308 HOH A O   1 
HETATM 967  O  O   . HOH I 6 .   ? 3.875   15.076  3.506   1.00 11.68 ? 309 HOH A O   1 
HETATM 968  O  O   . HOH I 6 .   ? 3.218   -1.653  12.701  1.00 14.84 ? 310 HOH A O   1 
HETATM 969  O  O   . HOH I 6 .   ? 8.540   8.649   9.967   1.00 15.01 ? 311 HOH A O   1 
HETATM 970  O  O   . HOH I 6 .   ? -12.042 -9.990  -0.471  1.00 14.47 ? 312 HOH A O   1 
HETATM 971  O  O   . HOH I 6 .   ? 5.522   -0.996  -12.177 1.00 16.31 ? 313 HOH A O   1 
HETATM 972  O  O   . HOH I 6 .   ? 2.554   -9.896  -7.954  1.00 12.99 ? 314 HOH A O   1 
HETATM 973  O  O   . HOH I 6 .   ? 17.946  1.567   -1.390  1.00 15.56 ? 315 HOH A O   1 
HETATM 974  O  O   . HOH I 6 .   ? 5.749   -10.423 -10.203 1.00 12.66 ? 316 HOH A O   1 
HETATM 975  O  O   . HOH I 6 .   ? 1.252   -7.635  2.403   1.00 14.97 ? 317 HOH A O   1 
HETATM 976  O  O   . HOH I 6 .   ? 8.166   -7.183  3.037   1.00 18.32 ? 318 HOH A O   1 
HETATM 977  O  O   . HOH I 6 .   ? -1.996  13.761  7.778   1.00 13.11 ? 319 HOH A O   1 
HETATM 978  O  O   . HOH I 6 .   ? -3.002  4.756   -4.934  1.00 16.34 ? 320 HOH A O   1 
HETATM 979  O  O   . HOH I 6 .   ? -10.818 -6.178  8.239   1.00 13.72 ? 321 HOH A O   1 
HETATM 980  O  O   . HOH I 6 .   ? -3.993  -7.836  12.645  1.00 19.79 ? 322 HOH A O   1 
HETATM 981  O  O   . HOH I 6 .   ? -1.730  7.218   -4.811  1.00 18.58 ? 323 HOH A O   1 
HETATM 982  O  O   . HOH I 6 .   ? 11.476  1.696   -7.160  1.00 22.08 ? 324 HOH A O   1 
HETATM 983  O  O   . HOH I 6 .   ? 11.791  11.057  2.287   1.00 16.35 ? 325 HOH A O   1 
HETATM 984  O  O   . HOH I 6 .   ? 5.584   -3.708  7.616   1.00 18.93 ? 326 HOH A O   1 
HETATM 985  O  O   . HOH I 6 .   ? -7.537  -6.511  10.953  1.00 15.26 ? 327 HOH A O   1 
HETATM 986  O  O   . HOH I 6 .   ? 12.012  4.669   10.579  1.00 17.53 ? 328 HOH A O   1 
HETATM 987  O  O   . HOH I 6 .   ? -3.964  2.752   -12.624 1.00 23.35 ? 329 HOH A O   1 
HETATM 988  O  O   . HOH I 6 .   ? -19.513 -11.148 -0.448  1.00 22.14 ? 330 HOH A O   1 
HETATM 989  O  O   . HOH I 6 .   ? -8.665  1.964   8.970   1.00 27.37 ? 331 HOH A O   1 
HETATM 990  O  O   . HOH I 6 .   ? 9.776   16.726  1.675   1.00 20.51 ? 332 HOH A O   1 
HETATM 991  O  O   . HOH I 6 .   ? -2.330  -3.896  -15.995 1.00 25.50 ? 333 HOH A O   1 
HETATM 992  O  O   . HOH I 6 .   ? -4.081  -3.319  11.921  1.00 21.89 ? 334 HOH A O   1 
HETATM 993  O  O   . HOH I 6 .   ? -12.993 7.261   0.925   1.00 18.60 ? 335 HOH A O   1 
HETATM 994  O  O   . HOH I 6 .   ? 0.164   -1.904  12.806  1.00 25.54 ? 336 HOH A O   1 
HETATM 995  O  O   . HOH I 6 .   ? 13.076  -7.337  -3.859  1.00 22.43 ? 337 HOH A O   1 
HETATM 996  O  O   . HOH I 6 .   ? -12.556 0.222   2.065   1.00 22.41 ? 338 HOH A O   1 
HETATM 997  O  O   . HOH I 6 .   ? -10.195 -3.633  -14.709 1.00 29.58 ? 339 HOH A O   1 
HETATM 998  O  O   . HOH I 6 .   ? -14.224 9.281   2.337   1.00 28.11 ? 340 HOH A O   1 
HETATM 999  O  O   . HOH I 6 .   ? 1.208   8.537   -3.518  1.00 18.62 ? 341 HOH A O   1 
HETATM 1000 O  O   . HOH I 6 .   ? -12.043 -12.523 6.980   1.00 20.30 ? 342 HOH A O   1 
HETATM 1001 O  O   . HOH I 6 .   ? 0.537   -11.125 -6.533  1.00 22.24 ? 343 HOH A O   1 
HETATM 1002 O  O   . HOH I 6 .   ? -2.503  -12.502 0.129   1.00 25.50 ? 344 HOH A O   1 
HETATM 1003 O  O   . HOH I 6 .   ? 3.464   -11.174 -14.904 1.00 24.14 ? 345 HOH A O   1 
HETATM 1004 O  O   . HOH I 6 .   ? -8.957  0.907   -13.735 1.00 25.88 ? 346 HOH A O   1 
HETATM 1005 O  O   . HOH I 6 .   ? 2.893   -9.963  5.903   1.00 20.51 ? 347 HOH A O   1 
HETATM 1006 O  O   . HOH I 6 .   ? 8.053   0.077   -13.067 1.00 24.11 ? 348 HOH A O   1 
HETATM 1007 O  O   . HOH I 6 .   ? -12.218 -9.842  6.792   1.00 27.28 ? 349 HOH A O   1 
HETATM 1008 O  O   . HOH I 6 .   ? -1.182  -6.953  13.197  1.00 19.30 ? 350 HOH A O   1 
HETATM 1009 O  O   . HOH I 6 .   ? -7.299  -9.076  12.107  1.00 21.86 ? 351 HOH A O   1 
HETATM 1010 O  O   . HOH I 6 .   ? -6.983  -10.778 -13.818 1.00 28.90 ? 352 HOH A O   1 
HETATM 1011 O  O   . HOH I 6 .   ? -0.674  -10.530 12.427  1.00 21.57 ? 353 HOH A O   1 
HETATM 1012 O  O   . HOH I 6 .   ? 19.609  3.608   -0.883  1.00 21.26 ? 354 HOH A O   1 
HETATM 1013 O  O   . HOH I 6 .   ? 14.824  10.103  2.887   1.00 38.26 ? 355 HOH A O   1 
HETATM 1014 O  O   . HOH I 6 .   ? -0.152  -5.116  -17.166 1.00 25.51 ? 356 HOH A O   1 
HETATM 1015 O  O   . HOH I 6 .   ? 18.711  8.482   -1.895  1.00 24.84 ? 357 HOH A O   1 
HETATM 1016 O  O   . HOH I 6 .   ? -8.898  -13.830 0.420   1.00 20.76 ? 358 HOH A O   1 
HETATM 1017 O  O   . HOH I 6 .   ? -8.713  -15.805 -5.365  1.00 35.64 ? 359 HOH A O   1 
HETATM 1018 O  O   . HOH I 6 .   ? 3.526   -8.710  3.446   1.00 27.90 ? 360 HOH A O   1 
HETATM 1019 O  O   . HOH I 6 .   ? 11.141  14.886  7.786   1.00 27.54 ? 361 HOH A O   1 
HETATM 1020 O  O   . HOH I 6 .   ? 3.291   -8.451  -18.355 1.00 31.19 ? 362 HOH A O   1 
HETATM 1021 O  O   . HOH I 6 .   ? 6.093   10.802  9.945   1.00 22.53 ? 363 HOH A O   1 
HETATM 1022 O  O   . HOH I 6 .   ? -8.769  10.809  8.209   1.00 23.42 ? 364 HOH A O   1 
HETATM 1023 O  O   . HOH I 6 .   ? -5.558  -5.694  12.894  1.00 24.04 ? 365 HOH A O   1 
HETATM 1024 O  O   . HOH I 6 .   ? -17.158 -13.261 3.201   1.00 28.33 ? 366 HOH A O   1 
HETATM 1025 O  O   . HOH I 6 .   ? 19.804  -0.156  6.874   1.00 37.12 ? 367 HOH A O   1 
HETATM 1026 O  O   . HOH I 6 .   ? -6.251  -14.741 -3.310  1.00 34.32 ? 368 HOH A O   1 
HETATM 1027 O  O   . HOH I 6 .   ? 14.035  5.458   9.190   1.00 30.00 ? 369 HOH A O   1 
HETATM 1028 O  O   . HOH I 6 .   ? -1.528  -13.042 -10.831 1.00 20.98 ? 370 HOH A O   1 
HETATM 1029 O  O   . HOH I 6 .   ? -17.201 -7.912  5.269   1.00 28.89 ? 371 HOH A O   1 
HETATM 1030 O  O   . HOH I 6 .   ? 10.844  0.194   11.360  1.00 29.14 ? 372 HOH A O   1 
HETATM 1031 O  O   . HOH I 6 .   ? 16.352  -0.745  8.925   1.00 26.73 ? 373 HOH A O   1 
HETATM 1032 O  O   . HOH I 6 .   ? 11.010  4.061   -8.719  1.00 27.59 ? 374 HOH A O   1 
HETATM 1033 O  O   . HOH I 6 .   ? -1.390  -1.162  10.685  1.00 25.64 ? 375 HOH A O   1 
HETATM 1034 O  O   . HOH I 6 .   ? 16.698  6.824   -9.809  1.00 32.89 ? 376 HOH A O   1 
HETATM 1035 O  O   . HOH I 6 .   ? -19.936 -8.843  3.619   1.00 32.01 ? 377 HOH A O   1 
HETATM 1036 O  O   . HOH I 6 .   ? 11.877  15.411  0.749   1.00 29.87 ? 378 HOH A O   1 
HETATM 1037 O  O   . HOH I 6 .   ? 12.249  -2.220  11.663  1.00 25.53 ? 379 HOH A O   1 
HETATM 1038 O  O   . HOH I 6 .   ? 9.927   -0.122  -11.195 1.00 23.71 ? 380 HOH A O   1 
HETATM 1039 O  O   . HOH I 6 .   ? -15.361 -5.640  -7.878  1.00 31.18 ? 381 HOH A O   1 
HETATM 1040 O  O   . HOH I 6 .   ? 11.540  7.236   -6.155  1.00 27.41 ? 382 HOH A O   1 
HETATM 1041 O  O   . HOH I 6 .   ? -4.702  -14.129 -1.164  1.00 28.63 ? 383 HOH A O   1 
HETATM 1042 O  O   . HOH I 6 .   ? 17.381  11.245  1.797   1.00 32.76 ? 384 HOH A O   1 
HETATM 1043 O  O   . HOH I 6 .   ? -8.653  14.558  -3.269  1.00 32.90 ? 385 HOH A O   1 
HETATM 1044 O  O   . HOH I 6 .   ? 20.725  -2.177  -0.736  1.00 30.37 ? 386 HOH A O   1 
HETATM 1045 O  O   . HOH I 6 .   ? 13.329  19.743  2.505   1.00 35.25 ? 387 HOH A O   1 
HETATM 1046 O  O   . HOH I 6 .   ? -5.502  -13.226 3.082   1.00 27.72 ? 388 HOH A O   1 
HETATM 1047 O  O   . HOH I 6 .   ? 4.783   2.506   -12.159 1.00 36.42 ? 389 HOH A O   1 
HETATM 1048 O  O   . HOH I 6 .   ? 10.220  -1.515  -8.793  1.00 30.67 ? 390 HOH A O   1 
HETATM 1049 O  O   . HOH I 6 .   ? 22.889  0.897   1.548   1.00 31.06 ? 391 HOH A O   1 
HETATM 1050 O  O   . HOH I 6 .   ? 1.852   14.269  -2.861  1.00 25.54 ? 392 HOH A O   1 
HETATM 1051 O  O   . HOH I 6 .   ? 12.111  12.810  0.133   1.00 29.47 ? 393 HOH A O   1 
HETATM 1052 O  O   . HOH I 6 .   ? -11.721 3.477   -10.455 1.00 28.81 ? 394 HOH A O   1 
HETATM 1053 O  O   . HOH I 6 .   ? 21.554  2.625   5.862   1.00 30.85 ? 395 HOH A O   1 
HETATM 1054 O  O   . HOH I 6 .   ? 17.063  -0.293  -5.017  1.00 25.84 ? 396 HOH A O   1 
HETATM 1055 O  O   . HOH I 6 .   ? 3.789   -6.907  7.893   1.00 21.58 ? 397 HOH A O   1 
HETATM 1056 O  O   . HOH I 6 .   ? 11.082  7.538   11.171  1.00 32.28 ? 398 HOH A O   1 
HETATM 1057 O  O   . HOH I 6 .   ? -0.934  0.969   -14.753 1.00 34.47 ? 399 HOH A O   1 
HETATM 1058 O  O   . HOH I 6 .   ? 1.812   -12.410 -10.989 1.00 31.87 ? 400 HOH A O   1 
HETATM 1059 O  O   . HOH I 6 .   ? 10.319  16.542  10.015  1.00 30.01 ? 401 HOH A O   1 
HETATM 1060 O  O   . HOH I 6 .   ? -6.237  0.461   12.561  0.50 9.89  ? 402 HOH A O   1 
HETATM 1061 O  O   . HOH I 6 .   ? 13.840  -0.698  -9.764  1.00 17.25 ? 403 HOH A O   1 
HETATM 1062 O  O   . HOH I 6 .   ? 12.160  -0.220  -8.389  1.00 30.27 ? 404 HOH A O   1 
HETATM 1063 O  O   . HOH I 6 .   ? -2.483  15.326  -1.011  1.00 23.62 ? 405 HOH A O   1 
HETATM 1064 O  O   . HOH I 6 .   ? -3.652  13.820  -2.149  1.00 29.60 ? 406 HOH A O   1 
HETATM 1065 O  O   . HOH I 6 .   ? -0.610  -13.485 -0.505  1.00 18.66 ? 407 HOH A O   1 
HETATM 1066 O  O   . HOH I 6 .   ? 14.752  -4.890  -3.788  1.00 28.09 ? 408 HOH A O   1 
HETATM 1067 O  O   . HOH I 6 .   ? 9.521   5.241   -7.171  1.00 26.89 ? 409 HOH A O   1 
HETATM 1068 O  O   . HOH I 6 .   ? -8.429  -13.678 -2.228  1.00 26.20 ? 410 HOH A O   1 
HETATM 1069 O  O   . HOH I 6 .   ? 4.090   12.385  11.168  1.00 33.83 ? 411 HOH A O   1 
HETATM 1070 O  O   . HOH I 6 .   ? 7.245   11.444  -6.244  1.00 27.71 ? 412 HOH A O   1 
HETATM 1071 O  O   . HOH I 6 .   ? -8.896  12.754  -6.873  1.00 28.18 ? 413 HOH A O   1 
HETATM 1072 O  O   . HOH I 6 .   ? -16.214 -0.846  3.028   1.00 28.08 ? 414 HOH A O   1 
HETATM 1073 O  O   . HOH I 6 .   ? -12.312 2.852   -1.009  1.00 31.20 ? 415 HOH A O   1 
HETATM 1074 O  O   . HOH I 6 .   ? 3.107   -9.325  13.548  1.00 32.27 ? 416 HOH A O   1 
HETATM 1075 O  O   . HOH I 6 .   ? 0.533   -11.127 -1.712  1.00 30.83 ? 417 HOH A O   1 
HETATM 1076 O  O   . HOH I 6 .   ? -7.487  -12.997 -13.184 1.00 33.27 ? 418 HOH A O   1 
HETATM 1077 O  O   . HOH I 6 .   ? 17.661  3.418   -5.076  1.00 29.27 ? 419 HOH A O   1 
HETATM 1078 O  O   . HOH I 6 .   ? -13.025 3.101   5.217   1.00 40.03 ? 420 HOH A O   1 
HETATM 1079 O  O   . HOH I 6 .   ? -1.662  4.218   -12.381 1.00 34.03 ? 421 HOH A O   1 
HETATM 1080 O  O   . HOH I 6 .   ? 22.613  2.873   -0.328  1.00 45.56 ? 422 HOH A O   1 
HETATM 1081 O  O   . HOH I 6 .   ? 1.572   0.294   -15.235 1.00 33.59 ? 423 HOH A O   1 
HETATM 1082 O  O   . HOH I 6 .   ? 1.473   -11.151 -3.718  1.00 36.80 ? 424 HOH A O   1 
HETATM 1083 O  O   . HOH I 6 .   ? -14.535 -13.985 -9.076  1.00 31.34 ? 425 HOH A O   1 
HETATM 1084 O  O   . HOH I 6 .   ? 12.014  9.740   -5.100  1.00 35.82 ? 426 HOH A O   1 
HETATM 1085 O  O   . HOH I 6 .   ? 20.330  -2.995  -5.559  1.00 38.89 ? 427 HOH A O   1 
HETATM 1086 O  O   . HOH I 6 .   ? 17.953  -2.912  -7.217  1.00 33.63 ? 428 HOH A O   1 
HETATM 1087 O  O   . HOH I 6 .   ? 19.665  -5.780  -4.668  1.00 25.77 ? 429 HOH A O   1 
HETATM 1088 O  O   . HOH I 6 .   ? 2.743   -11.274 -0.158  1.00 31.79 ? 430 HOH A O   1 
HETATM 1089 O  O   . HOH I 6 .   ? 20.000  -0.326  -2.477  1.00 32.51 ? 431 HOH A O   1 
HETATM 1090 O  O   . HOH I 6 .   ? 21.239  6.293   0.780   1.00 29.60 ? 432 HOH A O   1 
HETATM 1091 O  O   . HOH I 6 .   ? 4.038   0.417   -14.247 1.00 31.75 ? 433 HOH A O   1 
HETATM 1092 O  O   . HOH I 6 .   ? 14.616  2.089   8.912   1.00 32.98 ? 434 HOH A O   1 
HETATM 1093 O  O   . HOH I 6 .   ? 1.358   -14.334 -1.294  1.00 36.25 ? 435 HOH A O   1 
HETATM 1094 O  O   . HOH I 6 .   ? -2.903  12.543  -6.923  1.00 38.44 ? 436 HOH A O   1 
HETATM 1095 O  O   . HOH I 6 .   ? 3.330   11.706  -2.862  1.00 35.18 ? 437 HOH A O   1 
HETATM 1096 O  O   . HOH I 6 .   ? -0.655  -12.911 -2.768  1.00 34.56 ? 438 HOH A O   1 
HETATM 1097 O  O   . HOH I 6 .   ? -2.466  -10.003 -16.581 1.00 33.56 ? 439 HOH A O   1 
HETATM 1098 O  O   . HOH I 6 .   ? -12.876 -15.764 -9.939  1.00 44.27 ? 440 HOH A O   1 
HETATM 1099 O  O   . HOH I 6 .   ? 17.226  11.075  -5.110  1.00 39.28 ? 441 HOH A O   1 
HETATM 1100 O  O   . HOH I 6 .   ? -13.935 -2.701  -1.609  1.00 28.66 ? 442 HOH A O   1 
HETATM 1101 O  O   . HOH I 6 .   ? 0.061   6.941   12.778  1.00 20.79 ? 443 HOH A O   1 
HETATM 1102 O  O   . HOH I 6 .   ? 7.757   2.554   -14.234 1.00 36.42 ? 444 HOH A O   1 
HETATM 1103 O  O   . HOH I 6 .   ? 16.280  16.448  9.294   1.00 39.86 ? 445 HOH A O   1 
HETATM 1104 O  O   . HOH I 6 .   ? 7.202   -4.770  16.595  1.00 32.08 ? 446 HOH A O   1 
HETATM 1105 O  O   . HOH I 6 .   ? 1.569   6.688   17.246  1.00 39.79 ? 447 HOH A O   1 
HETATM 1106 O  O   . HOH I 6 .   ? 14.651  -2.171  -8.285  1.00 39.46 ? 448 HOH A O   1 
HETATM 1107 O  O   . HOH I 6 .   ? 0.212   12.858  -4.547  1.00 30.32 ? 449 HOH A O   1 
HETATM 1108 O  O   . HOH I 6 .   ? -1.950  13.182  -3.842  1.00 31.20 ? 450 HOH A O   1 
HETATM 1109 O  O   . HOH I 6 .   ? -14.297 -2.644  0.665   1.00 30.05 ? 451 HOH A O   1 
HETATM 1110 O  O   . HOH I 6 .   ? 5.994   -7.385  4.354   1.00 34.79 ? 452 HOH A O   1 
HETATM 1111 O  O   . HOH I 6 .   ? -5.308  6.780   -10.938 1.00 32.57 ? 453 HOH A O   1 
HETATM 1112 O  O   . HOH I 6 .   ? -12.712 4.675   1.814   1.00 27.96 ? 454 HOH A O   1 
HETATM 1113 O  O   . HOH I 6 .   ? -9.294  15.428  -5.529  1.00 36.40 ? 455 HOH A O   1 
HETATM 1114 O  O   . HOH I 6 .   ? -8.382  12.826  6.196   1.00 30.49 ? 456 HOH A O   1 
HETATM 1115 O  O   . HOH I 6 .   ? -5.502  13.627  -6.363  1.00 37.07 ? 457 HOH A O   1 
# 
